data_5KQG
# 
_entry.id   5KQG 
# 
_audit_conform.dict_name       mmcif_pdbx.dic 
_audit_conform.dict_version    5.379 
_audit_conform.dict_location   http://mmcif.pdb.org/dictionaries/ascii/mmcif_pdbx.dic 
# 
loop_
_database_2.database_id 
_database_2.database_code 
_database_2.pdbx_database_accession 
_database_2.pdbx_DOI 
PDB   5KQG         pdb_00005kqg 10.2210/pdb5kqg/pdb 
WWPDB D_1000222595 ?            ?                   
# 
loop_
_pdbx_database_related.content_type 
_pdbx_database_related.db_id 
_pdbx_database_related.db_name 
_pdbx_database_related.details 
unspecified 5KQL PDB . 
unspecified 5KQM PDB . 
unspecified 5KQP PDB . 
# 
_pdbx_database_status.status_code                     REL 
_pdbx_database_status.status_code_sf                  REL 
_pdbx_database_status.status_code_mr                  ? 
_pdbx_database_status.entry_id                        5KQG 
_pdbx_database_status.recvd_initial_deposition_date   2016-07-06 
_pdbx_database_status.SG_entry                        N 
_pdbx_database_status.deposit_site                    RCSB 
_pdbx_database_status.process_site                    RCSB 
_pdbx_database_status.status_code_cs                  ? 
_pdbx_database_status.methods_development_category    ? 
_pdbx_database_status.pdb_format_compatible           Y 
_pdbx_database_status.status_code_nmr_data            ? 
# 
loop_
_audit_author.name 
_audit_author.pdbx_ordinal 
'Wang, J.'     1 
'Zhang, Z.-Y.' 2 
'Yu, Z.-H.'    3 
# 
_citation.abstract                  ? 
_citation.abstract_id_CAS           ? 
_citation.book_id_ISBN              ? 
_citation.book_publisher            ? 
_citation.book_publisher_city       ? 
_citation.book_title                ? 
_citation.coordinate_linkage        ? 
_citation.country                   US 
_citation.database_id_Medline       ? 
_citation.details                   ? 
_citation.id                        primary 
_citation.journal_abbrev            J.Med.Chem. 
_citation.journal_id_ASTM           JMCMAR 
_citation.journal_id_CSD            0151 
_citation.journal_id_ISSN           0022-2623 
_citation.journal_full              ? 
_citation.journal_issue             ? 
_citation.journal_volume            ? 
_citation.language                  ? 
_citation.page_first                ? 
_citation.page_last                 ? 
_citation.title                     'Inhibition of low molecular weight protein tyrosine phosphatase by an induced-fit mechanism.' 
_citation.year                      2016 
_citation.database_id_CSD           ? 
_citation.pdbx_database_id_DOI      10.1021/acs.jmedchem.6b00993 
_citation.pdbx_database_id_PubMed   27676368 
_citation.unpublished_flag          ? 
# 
loop_
_citation_author.citation_id 
_citation_author.name 
_citation_author.ordinal 
_citation_author.identifier_ORCID 
primary 'He, R.'      1 ? 
primary 'Wang, J.'    2 ? 
primary 'Yu, Z.H.'    3 ? 
primary 'Zhang, R.Y.' 4 ? 
primary 'Liu, S.'     5 ? 
primary 'Wu, L.'      6 ? 
primary 'Zhang, Z.Y.' 7 ? 
# 
_cell.angle_alpha                  90.00 
_cell.angle_alpha_esd              ? 
_cell.angle_beta                   90.00 
_cell.angle_beta_esd               ? 
_cell.angle_gamma                  90.00 
_cell.angle_gamma_esd              ? 
_cell.entry_id                     5KQG 
_cell.details                      ? 
_cell.formula_units_Z              ? 
_cell.length_a                     34.801 
_cell.length_a_esd                 ? 
_cell.length_b                     53.963 
_cell.length_b_esd                 ? 
_cell.length_c                     97.330 
_cell.length_c_esd                 ? 
_cell.volume                       ? 
_cell.volume_esd                   ? 
_cell.Z_PDB                        4 
_cell.reciprocal_angle_alpha       ? 
_cell.reciprocal_angle_beta        ? 
_cell.reciprocal_angle_gamma       ? 
_cell.reciprocal_angle_alpha_esd   ? 
_cell.reciprocal_angle_beta_esd    ? 
_cell.reciprocal_angle_gamma_esd   ? 
_cell.reciprocal_length_a          ? 
_cell.reciprocal_length_b          ? 
_cell.reciprocal_length_c          ? 
_cell.reciprocal_length_a_esd      ? 
_cell.reciprocal_length_b_esd      ? 
_cell.reciprocal_length_c_esd      ? 
_cell.pdbx_unique_axis             ? 
# 
_symmetry.entry_id                         5KQG 
_symmetry.cell_setting                     ? 
_symmetry.Int_Tables_number                19 
_symmetry.space_group_name_Hall            ? 
_symmetry.space_group_name_H-M             'P 21 21 21' 
_symmetry.pdbx_full_space_group_name_H-M   ? 
# 
loop_
_entity.id 
_entity.type 
_entity.src_method 
_entity.pdbx_description 
_entity.formula_weight 
_entity.pdbx_number_of_molecules 
_entity.pdbx_ec 
_entity.pdbx_mutation 
_entity.pdbx_fragment 
_entity.details 
1 polymer     man 'Low molecular weight phosphotyrosine protein phosphatase'                            20236.879 1   
3.1.3.48,3.1.3.2 ? ? ? 
2 non-polymer syn '(1~{S})-2-(1,3-benzothiazol-2-ylamino)-2-oxidanylidene-1-phenyl-ethanesulfonic acid' 348.397   1   ? ? ? ? 
3 water       nat water                                                                                 18.015    228 ? ? ? ? 
# 
_entity_name_com.entity_id   1 
_entity_name_com.name        
'LMW-PTPase,Adipocyte acid phosphatase,Low molecular weight cytosolic acid phosphatase,Red cell acid phosphatase 1' 
# 
_entity_poly.entity_id                      1 
_entity_poly.type                           'polypeptide(L)' 
_entity_poly.nstd_linkage                   no 
_entity_poly.nstd_monomer                   no 
_entity_poly.pdbx_seq_one_letter_code       
;MGSSHHHHHHSSGLVPRGSHMAEQATKSVLFVCLGNICRSPIAEAVFRKLVTDQNISENWRVDSAATSGYEIGNPPDYRG
QSCMKRHGIPMSHVARQITKEDFATFDYILCMDESNLRDLNRKSNQVKTCKAKIELLGSYDPQKQLIIEDPYYGNDSDFE
TVYQQCVRCCRAFLEKAH
;
_entity_poly.pdbx_seq_one_letter_code_can   
;MGSSHHHHHHSSGLVPRGSHMAEQATKSVLFVCLGNICRSPIAEAVFRKLVTDQNISENWRVDSAATSGYEIGNPPDYRG
QSCMKRHGIPMSHVARQITKEDFATFDYILCMDESNLRDLNRKSNQVKTCKAKIELLGSYDPQKQLIIEDPYYGNDSDFE
TVYQQCVRCCRAFLEKAH
;
_entity_poly.pdbx_strand_id                 A 
_entity_poly.pdbx_target_identifier         ? 
# 
loop_
_entity_poly_seq.entity_id 
_entity_poly_seq.num 
_entity_poly_seq.mon_id 
_entity_poly_seq.hetero 
1 1   MET n 
1 2   GLY n 
1 3   SER n 
1 4   SER n 
1 5   HIS n 
1 6   HIS n 
1 7   HIS n 
1 8   HIS n 
1 9   HIS n 
1 10  HIS n 
1 11  SER n 
1 12  SER n 
1 13  GLY n 
1 14  LEU n 
1 15  VAL n 
1 16  PRO n 
1 17  ARG n 
1 18  GLY n 
1 19  SER n 
1 20  HIS n 
1 21  MET n 
1 22  ALA n 
1 23  GLU n 
1 24  GLN n 
1 25  ALA n 
1 26  THR n 
1 27  LYS n 
1 28  SER n 
1 29  VAL n 
1 30  LEU n 
1 31  PHE n 
1 32  VAL n 
1 33  CYS n 
1 34  LEU n 
1 35  GLY n 
1 36  ASN n 
1 37  ILE n 
1 38  CYS n 
1 39  ARG n 
1 40  SER n 
1 41  PRO n 
1 42  ILE n 
1 43  ALA n 
1 44  GLU n 
1 45  ALA n 
1 46  VAL n 
1 47  PHE n 
1 48  ARG n 
1 49  LYS n 
1 50  LEU n 
1 51  VAL n 
1 52  THR n 
1 53  ASP n 
1 54  GLN n 
1 55  ASN n 
1 56  ILE n 
1 57  SER n 
1 58  GLU n 
1 59  ASN n 
1 60  TRP n 
1 61  ARG n 
1 62  VAL n 
1 63  ASP n 
1 64  SER n 
1 65  ALA n 
1 66  ALA n 
1 67  THR n 
1 68  SER n 
1 69  GLY n 
1 70  TYR n 
1 71  GLU n 
1 72  ILE n 
1 73  GLY n 
1 74  ASN n 
1 75  PRO n 
1 76  PRO n 
1 77  ASP n 
1 78  TYR n 
1 79  ARG n 
1 80  GLY n 
1 81  GLN n 
1 82  SER n 
1 83  CYS n 
1 84  MET n 
1 85  LYS n 
1 86  ARG n 
1 87  HIS n 
1 88  GLY n 
1 89  ILE n 
1 90  PRO n 
1 91  MET n 
1 92  SER n 
1 93  HIS n 
1 94  VAL n 
1 95  ALA n 
1 96  ARG n 
1 97  GLN n 
1 98  ILE n 
1 99  THR n 
1 100 LYS n 
1 101 GLU n 
1 102 ASP n 
1 103 PHE n 
1 104 ALA n 
1 105 THR n 
1 106 PHE n 
1 107 ASP n 
1 108 TYR n 
1 109 ILE n 
1 110 LEU n 
1 111 CYS n 
1 112 MET n 
1 113 ASP n 
1 114 GLU n 
1 115 SER n 
1 116 ASN n 
1 117 LEU n 
1 118 ARG n 
1 119 ASP n 
1 120 LEU n 
1 121 ASN n 
1 122 ARG n 
1 123 LYS n 
1 124 SER n 
1 125 ASN n 
1 126 GLN n 
1 127 VAL n 
1 128 LYS n 
1 129 THR n 
1 130 CYS n 
1 131 LYS n 
1 132 ALA n 
1 133 LYS n 
1 134 ILE n 
1 135 GLU n 
1 136 LEU n 
1 137 LEU n 
1 138 GLY n 
1 139 SER n 
1 140 TYR n 
1 141 ASP n 
1 142 PRO n 
1 143 GLN n 
1 144 LYS n 
1 145 GLN n 
1 146 LEU n 
1 147 ILE n 
1 148 ILE n 
1 149 GLU n 
1 150 ASP n 
1 151 PRO n 
1 152 TYR n 
1 153 TYR n 
1 154 GLY n 
1 155 ASN n 
1 156 ASP n 
1 157 SER n 
1 158 ASP n 
1 159 PHE n 
1 160 GLU n 
1 161 THR n 
1 162 VAL n 
1 163 TYR n 
1 164 GLN n 
1 165 GLN n 
1 166 CYS n 
1 167 VAL n 
1 168 ARG n 
1 169 CYS n 
1 170 CYS n 
1 171 ARG n 
1 172 ALA n 
1 173 PHE n 
1 174 LEU n 
1 175 GLU n 
1 176 LYS n 
1 177 ALA n 
1 178 HIS n 
# 
_entity_src_gen.entity_id                          1 
_entity_src_gen.pdbx_src_id                        1 
_entity_src_gen.pdbx_alt_source_flag               sample 
_entity_src_gen.pdbx_seq_type                      'Biological sequence' 
_entity_src_gen.pdbx_beg_seq_num                   1 
_entity_src_gen.pdbx_end_seq_num                   178 
_entity_src_gen.gene_src_common_name               Human 
_entity_src_gen.gene_src_genus                     ? 
_entity_src_gen.pdbx_gene_src_gene                 ACP1 
_entity_src_gen.gene_src_species                   ? 
_entity_src_gen.gene_src_strain                    ? 
_entity_src_gen.gene_src_tissue                    ? 
_entity_src_gen.gene_src_tissue_fraction           ? 
_entity_src_gen.gene_src_details                   ? 
_entity_src_gen.pdbx_gene_src_fragment             ? 
_entity_src_gen.pdbx_gene_src_scientific_name      'Homo sapiens' 
_entity_src_gen.pdbx_gene_src_ncbi_taxonomy_id     9606 
_entity_src_gen.pdbx_gene_src_variant              ? 
_entity_src_gen.pdbx_gene_src_cell_line            ? 
_entity_src_gen.pdbx_gene_src_atcc                 ? 
_entity_src_gen.pdbx_gene_src_organ                ? 
_entity_src_gen.pdbx_gene_src_organelle            ? 
_entity_src_gen.pdbx_gene_src_cell                 ? 
_entity_src_gen.pdbx_gene_src_cellular_location    ? 
_entity_src_gen.host_org_common_name               ? 
_entity_src_gen.pdbx_host_org_scientific_name      'Escherichia coli BL21(DE3)' 
_entity_src_gen.pdbx_host_org_ncbi_taxonomy_id     469008 
_entity_src_gen.host_org_genus                     ? 
_entity_src_gen.pdbx_host_org_gene                 ? 
_entity_src_gen.pdbx_host_org_organ                ? 
_entity_src_gen.host_org_species                   ? 
_entity_src_gen.pdbx_host_org_tissue               ? 
_entity_src_gen.pdbx_host_org_tissue_fraction      ? 
_entity_src_gen.pdbx_host_org_strain               ? 
_entity_src_gen.pdbx_host_org_variant              ? 
_entity_src_gen.pdbx_host_org_cell_line            ? 
_entity_src_gen.pdbx_host_org_atcc                 ? 
_entity_src_gen.pdbx_host_org_culture_collection   ? 
_entity_src_gen.pdbx_host_org_cell                 ? 
_entity_src_gen.pdbx_host_org_organelle            ? 
_entity_src_gen.pdbx_host_org_cellular_location    ? 
_entity_src_gen.pdbx_host_org_vector_type          ? 
_entity_src_gen.pdbx_host_org_vector               ? 
_entity_src_gen.host_org_details                   ? 
_entity_src_gen.expression_system_id               ? 
_entity_src_gen.plasmid_name                       ? 
_entity_src_gen.plasmid_details                    ? 
_entity_src_gen.pdbx_description                   ? 
# 
_struct_ref.id                         1 
_struct_ref.db_name                    UNP 
_struct_ref.db_code                    PPAC_HUMAN 
_struct_ref.pdbx_db_accession          P24666 
_struct_ref.pdbx_db_isoform            ? 
_struct_ref.entity_id                  1 
_struct_ref.pdbx_seq_one_letter_code   
;MAEQATKSVLFVCLGNICRSPIAEAVFRKLVTDQNISENWRVDSAATSGYEIGNPPDYRGQSCMKRHGIPMSHVARQITK
EDFATFDYILCMDESNLRDLNRKSNQVKTCKAKIELLGSYDPQKQLIIEDPYYGNDSDFETVYQQCVRCCRAFLEKAH
;
_struct_ref.pdbx_align_begin           1 
# 
_struct_ref_seq.align_id                      1 
_struct_ref_seq.ref_id                        1 
_struct_ref_seq.pdbx_PDB_id_code              5KQG 
_struct_ref_seq.pdbx_strand_id                A 
_struct_ref_seq.seq_align_beg                 21 
_struct_ref_seq.pdbx_seq_align_beg_ins_code   ? 
_struct_ref_seq.seq_align_end                 178 
_struct_ref_seq.pdbx_seq_align_end_ins_code   ? 
_struct_ref_seq.pdbx_db_accession             P24666 
_struct_ref_seq.db_align_beg                  1 
_struct_ref_seq.pdbx_db_align_beg_ins_code    ? 
_struct_ref_seq.db_align_end                  158 
_struct_ref_seq.pdbx_db_align_end_ins_code    ? 
_struct_ref_seq.pdbx_auth_seq_align_beg       0 
_struct_ref_seq.pdbx_auth_seq_align_end       157 
# 
loop_
_struct_ref_seq_dif.align_id 
_struct_ref_seq_dif.pdbx_pdb_id_code 
_struct_ref_seq_dif.mon_id 
_struct_ref_seq_dif.pdbx_pdb_strand_id 
_struct_ref_seq_dif.seq_num 
_struct_ref_seq_dif.pdbx_pdb_ins_code 
_struct_ref_seq_dif.pdbx_seq_db_name 
_struct_ref_seq_dif.pdbx_seq_db_accession_code 
_struct_ref_seq_dif.db_mon_id 
_struct_ref_seq_dif.pdbx_seq_db_seq_num 
_struct_ref_seq_dif.details 
_struct_ref_seq_dif.pdbx_auth_seq_num 
_struct_ref_seq_dif.pdbx_ordinal 
1 5KQG MET A 1  ? UNP P24666 ? ? 'initiating methionine' -20 1  
1 5KQG GLY A 2  ? UNP P24666 ? ? 'expression tag'        -19 2  
1 5KQG SER A 3  ? UNP P24666 ? ? 'expression tag'        -18 3  
1 5KQG SER A 4  ? UNP P24666 ? ? 'expression tag'        -17 4  
1 5KQG HIS A 5  ? UNP P24666 ? ? 'expression tag'        -16 5  
1 5KQG HIS A 6  ? UNP P24666 ? ? 'expression tag'        -15 6  
1 5KQG HIS A 7  ? UNP P24666 ? ? 'expression tag'        -14 7  
1 5KQG HIS A 8  ? UNP P24666 ? ? 'expression tag'        -13 8  
1 5KQG HIS A 9  ? UNP P24666 ? ? 'expression tag'        -12 9  
1 5KQG HIS A 10 ? UNP P24666 ? ? 'expression tag'        -11 10 
1 5KQG SER A 11 ? UNP P24666 ? ? 'expression tag'        -10 11 
1 5KQG SER A 12 ? UNP P24666 ? ? 'expression tag'        -9  12 
1 5KQG GLY A 13 ? UNP P24666 ? ? 'expression tag'        -8  13 
1 5KQG LEU A 14 ? UNP P24666 ? ? 'expression tag'        -7  14 
1 5KQG VAL A 15 ? UNP P24666 ? ? 'expression tag'        -6  15 
1 5KQG PRO A 16 ? UNP P24666 ? ? 'expression tag'        -5  16 
1 5KQG ARG A 17 ? UNP P24666 ? ? 'expression tag'        -4  17 
1 5KQG GLY A 18 ? UNP P24666 ? ? 'expression tag'        -3  18 
1 5KQG SER A 19 ? UNP P24666 ? ? 'expression tag'        -2  19 
1 5KQG HIS A 20 ? UNP P24666 ? ? 'expression tag'        -1  20 
# 
loop_
_chem_comp.id 
_chem_comp.type 
_chem_comp.mon_nstd_flag 
_chem_comp.name 
_chem_comp.pdbx_synonyms 
_chem_comp.formula 
_chem_comp.formula_weight 
6VX non-polymer         . '(1~{S})-2-(1,3-benzothiazol-2-ylamino)-2-oxidanylidene-1-phenyl-ethanesulfonic acid' ? 
'C15 H12 N2 O4 S2' 348.397 
ALA 'L-peptide linking' y ALANINE                                                                               ? 'C3 H7 N O2' 
89.093  
ARG 'L-peptide linking' y ARGININE                                                                              ? 'C6 H15 N4 O2 1' 
175.209 
ASN 'L-peptide linking' y ASPARAGINE                                                                            ? 'C4 H8 N2 O3' 
132.118 
ASP 'L-peptide linking' y 'ASPARTIC ACID'                                                                       ? 'C4 H7 N O4' 
133.103 
CYS 'L-peptide linking' y CYSTEINE                                                                              ? 'C3 H7 N O2 S' 
121.158 
GLN 'L-peptide linking' y GLUTAMINE                                                                             ? 'C5 H10 N2 O3' 
146.144 
GLU 'L-peptide linking' y 'GLUTAMIC ACID'                                                                       ? 'C5 H9 N O4' 
147.129 
GLY 'peptide linking'   y GLYCINE                                                                               ? 'C2 H5 N O2' 
75.067  
HIS 'L-peptide linking' y HISTIDINE                                                                             ? 'C6 H10 N3 O2 1' 
156.162 
HOH non-polymer         . WATER                                                                                 ? 'H2 O' 18.015  
ILE 'L-peptide linking' y ISOLEUCINE                                                                            ? 'C6 H13 N O2' 
131.173 
LEU 'L-peptide linking' y LEUCINE                                                                               ? 'C6 H13 N O2' 
131.173 
LYS 'L-peptide linking' y LYSINE                                                                                ? 'C6 H15 N2 O2 1' 
147.195 
MET 'L-peptide linking' y METHIONINE                                                                            ? 'C5 H11 N O2 S' 
149.211 
PHE 'L-peptide linking' y PHENYLALANINE                                                                         ? 'C9 H11 N O2' 
165.189 
PRO 'L-peptide linking' y PROLINE                                                                               ? 'C5 H9 N O2' 
115.130 
SER 'L-peptide linking' y SERINE                                                                                ? 'C3 H7 N O3' 
105.093 
THR 'L-peptide linking' y THREONINE                                                                             ? 'C4 H9 N O3' 
119.119 
TRP 'L-peptide linking' y TRYPTOPHAN                                                                            ? 'C11 H12 N2 O2' 
204.225 
TYR 'L-peptide linking' y TYROSINE                                                                              ? 'C9 H11 N O3' 
181.189 
VAL 'L-peptide linking' y VALINE                                                                                ? 'C5 H11 N O2' 
117.146 
# 
_exptl.absorpt_coefficient_mu     ? 
_exptl.absorpt_correction_T_max   ? 
_exptl.absorpt_correction_T_min   ? 
_exptl.absorpt_correction_type    ? 
_exptl.absorpt_process_details    ? 
_exptl.entry_id                   5KQG 
_exptl.crystals_number            1 
_exptl.details                    ? 
_exptl.method                     'X-RAY DIFFRACTION' 
_exptl.method_details             ? 
# 
_exptl_crystal.colour                      ? 
_exptl_crystal.density_diffrn              ? 
_exptl_crystal.density_Matthews            2.26 
_exptl_crystal.density_method              ? 
_exptl_crystal.density_percent_sol         45.53 
_exptl_crystal.description                 ? 
_exptl_crystal.F_000                       ? 
_exptl_crystal.id                          1 
_exptl_crystal.preparation                 ? 
_exptl_crystal.size_max                    ? 
_exptl_crystal.size_mid                    ? 
_exptl_crystal.size_min                    ? 
_exptl_crystal.size_rad                    ? 
_exptl_crystal.colour_lustre               ? 
_exptl_crystal.colour_modifier             ? 
_exptl_crystal.colour_primary              ? 
_exptl_crystal.density_meas                ? 
_exptl_crystal.density_meas_esd            ? 
_exptl_crystal.density_meas_gt             ? 
_exptl_crystal.density_meas_lt             ? 
_exptl_crystal.density_meas_temp           ? 
_exptl_crystal.density_meas_temp_esd       ? 
_exptl_crystal.density_meas_temp_gt        ? 
_exptl_crystal.density_meas_temp_lt        ? 
_exptl_crystal.pdbx_crystal_image_url      ? 
_exptl_crystal.pdbx_crystal_image_format   ? 
_exptl_crystal.pdbx_mosaicity              ? 
_exptl_crystal.pdbx_mosaicity_esd          ? 
# 
_exptl_crystal_grow.apparatus       ? 
_exptl_crystal_grow.atmosphere      ? 
_exptl_crystal_grow.crystal_id      1 
_exptl_crystal_grow.details         ? 
_exptl_crystal_grow.method          'VAPOR DIFFUSION, HANGING DROP' 
_exptl_crystal_grow.method_ref      ? 
_exptl_crystal_grow.pH              ? 
_exptl_crystal_grow.pressure        ? 
_exptl_crystal_grow.pressure_esd    ? 
_exptl_crystal_grow.seeding         ? 
_exptl_crystal_grow.seeding_ref     ? 
_exptl_crystal_grow.temp            293 
_exptl_crystal_grow.temp_details    ? 
_exptl_crystal_grow.temp_esd        ? 
_exptl_crystal_grow.time            ? 
_exptl_crystal_grow.pdbx_details    '25-30% PEGME 5000, 100 mM Bis-Tris, pH 6.0-6.5' 
_exptl_crystal_grow.pdbx_pH_range   6.0-6.5 
# 
_diffrn.ambient_environment    ? 
_diffrn.ambient_temp           100 
_diffrn.ambient_temp_details   ? 
_diffrn.ambient_temp_esd       ? 
_diffrn.crystal_id             1 
_diffrn.crystal_support        ? 
_diffrn.crystal_treatment      ? 
_diffrn.details                ? 
_diffrn.id                     1 
_diffrn.ambient_pressure       ? 
_diffrn.ambient_pressure_esd   ? 
_diffrn.ambient_pressure_gt    ? 
_diffrn.ambient_pressure_lt    ? 
_diffrn.ambient_temp_gt        ? 
_diffrn.ambient_temp_lt        ? 
# 
_diffrn_detector.details                      ? 
_diffrn_detector.detector                     CCD 
_diffrn_detector.diffrn_id                    1 
_diffrn_detector.type                         'ADSC QUANTUM 210' 
_diffrn_detector.area_resol_mean              ? 
_diffrn_detector.dtime                        ? 
_diffrn_detector.pdbx_frames_total            ? 
_diffrn_detector.pdbx_collection_time_total   ? 
_diffrn_detector.pdbx_collection_date         2011-07-14 
# 
_diffrn_radiation.collimation                      ? 
_diffrn_radiation.diffrn_id                        1 
_diffrn_radiation.filter_edge                      ? 
_diffrn_radiation.inhomogeneity                    ? 
_diffrn_radiation.monochromator                    ? 
_diffrn_radiation.polarisn_norm                    ? 
_diffrn_radiation.polarisn_ratio                   ? 
_diffrn_radiation.probe                            ? 
_diffrn_radiation.type                             ? 
_diffrn_radiation.xray_symbol                      ? 
_diffrn_radiation.wavelength_id                    1 
_diffrn_radiation.pdbx_monochromatic_or_laue_m_l   M 
_diffrn_radiation.pdbx_wavelength_list             ? 
_diffrn_radiation.pdbx_wavelength                  ? 
_diffrn_radiation.pdbx_diffrn_protocol             'SINGLE WAVELENGTH' 
_diffrn_radiation.pdbx_analyzer                    ? 
_diffrn_radiation.pdbx_scattering_type             x-ray 
# 
_diffrn_radiation_wavelength.id           1 
_diffrn_radiation_wavelength.wavelength   0.97903 
_diffrn_radiation_wavelength.wt           1.0 
# 
_diffrn_source.current                     ? 
_diffrn_source.details                     ? 
_diffrn_source.diffrn_id                   1 
_diffrn_source.power                       ? 
_diffrn_source.size                        ? 
_diffrn_source.source                      SYNCHROTRON 
_diffrn_source.target                      ? 
_diffrn_source.type                        'APS BEAMLINE 19-BM' 
_diffrn_source.voltage                     ? 
_diffrn_source.take-off_angle              ? 
_diffrn_source.pdbx_wavelength_list        0.97903 
_diffrn_source.pdbx_wavelength             ? 
_diffrn_source.pdbx_synchrotron_beamline   19-BM 
_diffrn_source.pdbx_synchrotron_site       APS 
# 
_reflns.B_iso_Wilson_estimate            ? 
_reflns.entry_id                         5KQG 
_reflns.data_reduction_details           ? 
_reflns.data_reduction_method            ? 
_reflns.d_resolution_high                1.50 
_reflns.d_resolution_low                 50.00 
_reflns.details                          ? 
_reflns.limit_h_max                      ? 
_reflns.limit_h_min                      ? 
_reflns.limit_k_max                      ? 
_reflns.limit_k_min                      ? 
_reflns.limit_l_max                      ? 
_reflns.limit_l_min                      ? 
_reflns.number_all                       ? 
_reflns.number_obs                       28910 
_reflns.observed_criterion               ? 
_reflns.observed_criterion_F_max         ? 
_reflns.observed_criterion_F_min         ? 
_reflns.observed_criterion_I_max         ? 
_reflns.observed_criterion_I_min         ? 
_reflns.observed_criterion_sigma_F       ? 
_reflns.observed_criterion_sigma_I       ? 
_reflns.percent_possible_obs             95.5 
_reflns.R_free_details                   ? 
_reflns.Rmerge_F_all                     ? 
_reflns.Rmerge_F_obs                     ? 
_reflns.Friedel_coverage                 ? 
_reflns.number_gt                        ? 
_reflns.threshold_expression             ? 
_reflns.pdbx_redundancy                  6.3 
_reflns.pdbx_Rmerge_I_obs                ? 
_reflns.pdbx_Rmerge_I_all                ? 
_reflns.pdbx_Rsym_value                  ? 
_reflns.pdbx_netI_over_av_sigmaI         ? 
_reflns.pdbx_netI_over_sigmaI            27.9 
_reflns.pdbx_res_netI_over_av_sigmaI_2   ? 
_reflns.pdbx_res_netI_over_sigmaI_2      ? 
_reflns.pdbx_chi_squared                 ? 
_reflns.pdbx_scaling_rejects             ? 
_reflns.pdbx_d_res_high_opt              ? 
_reflns.pdbx_d_res_low_opt               ? 
_reflns.pdbx_d_res_opt_method            ? 
_reflns.phase_calculation_details        ? 
_reflns.pdbx_Rrim_I_all                  ? 
_reflns.pdbx_Rpim_I_all                  ? 
_reflns.pdbx_d_opt                       ? 
_reflns.pdbx_number_measured_all         ? 
_reflns.pdbx_diffrn_id                   1 
_reflns.pdbx_ordinal                     1 
_reflns.pdbx_CC_half                     ? 
_reflns.pdbx_R_split                     ? 
# 
_reflns_shell.d_res_high                  . 
_reflns_shell.d_res_low                   ? 
_reflns_shell.meanI_over_sigI_all         ? 
_reflns_shell.meanI_over_sigI_obs         ? 
_reflns_shell.number_measured_all         ? 
_reflns_shell.number_measured_obs         ? 
_reflns_shell.number_possible             ? 
_reflns_shell.number_unique_all           ? 
_reflns_shell.number_unique_obs           ? 
_reflns_shell.percent_possible_all        ? 
_reflns_shell.percent_possible_obs        ? 
_reflns_shell.Rmerge_F_all                ? 
_reflns_shell.Rmerge_F_obs                ? 
_reflns_shell.Rmerge_I_all                ? 
_reflns_shell.Rmerge_I_obs                ? 
_reflns_shell.meanI_over_sigI_gt          ? 
_reflns_shell.meanI_over_uI_all           ? 
_reflns_shell.meanI_over_uI_gt            ? 
_reflns_shell.number_measured_gt          ? 
_reflns_shell.number_unique_gt            ? 
_reflns_shell.percent_possible_gt         ? 
_reflns_shell.Rmerge_F_gt                 ? 
_reflns_shell.Rmerge_I_gt                 ? 
_reflns_shell.pdbx_redundancy             ? 
_reflns_shell.pdbx_Rsym_value             ? 
_reflns_shell.pdbx_chi_squared            ? 
_reflns_shell.pdbx_netI_over_sigmaI_all   ? 
_reflns_shell.pdbx_netI_over_sigmaI_obs   ? 
_reflns_shell.pdbx_Rrim_I_all             ? 
_reflns_shell.pdbx_Rpim_I_all             ? 
_reflns_shell.pdbx_rejects                ? 
_reflns_shell.pdbx_ordinal                1 
_reflns_shell.pdbx_diffrn_id              1 
_reflns_shell.pdbx_CC_half                ? 
_reflns_shell.pdbx_R_split                ? 
# 
_refine.aniso_B[1][1]                            0.7586 
_refine.aniso_B[1][2]                            0.0000 
_refine.aniso_B[1][3]                            -0.0000 
_refine.aniso_B[2][2]                            2.9823 
_refine.aniso_B[2][3]                            0.0000 
_refine.aniso_B[3][3]                            -3.7409 
_refine.B_iso_max                                ? 
_refine.B_iso_mean                               ? 
_refine.B_iso_min                                ? 
_refine.correlation_coeff_Fo_to_Fc               ? 
_refine.correlation_coeff_Fo_to_Fc_free          ? 
_refine.details                                  ? 
_refine.diff_density_max                         ? 
_refine.diff_density_max_esd                     ? 
_refine.diff_density_min                         ? 
_refine.diff_density_min_esd                     ? 
_refine.diff_density_rms                         ? 
_refine.diff_density_rms_esd                     ? 
_refine.entry_id                                 5KQG 
_refine.pdbx_refine_id                           'X-RAY DIFFRACTION' 
_refine.ls_abs_structure_details                 ? 
_refine.ls_abs_structure_Flack                   ? 
_refine.ls_abs_structure_Flack_esd               ? 
_refine.ls_abs_structure_Rogers                  ? 
_refine.ls_abs_structure_Rogers_esd              ? 
_refine.ls_d_res_high                            1.500 
_refine.ls_d_res_low                             27.805 
_refine.ls_extinction_coef                       ? 
_refine.ls_extinction_coef_esd                   ? 
_refine.ls_extinction_expression                 ? 
_refine.ls_extinction_method                     ? 
_refine.ls_goodness_of_fit_all                   ? 
_refine.ls_goodness_of_fit_all_esd               ? 
_refine.ls_goodness_of_fit_obs                   ? 
_refine.ls_goodness_of_fit_obs_esd               ? 
_refine.ls_hydrogen_treatment                    ? 
_refine.ls_matrix_type                           ? 
_refine.ls_number_constraints                    ? 
_refine.ls_number_parameters                     ? 
_refine.ls_number_reflns_all                     ? 
_refine.ls_number_reflns_obs                     28731 
_refine.ls_number_reflns_R_free                  1465 
_refine.ls_number_reflns_R_work                  ? 
_refine.ls_number_restraints                     ? 
_refine.ls_percent_reflns_obs                    95.08 
_refine.ls_percent_reflns_R_free                 5.10 
_refine.ls_R_factor_all                          ? 
_refine.ls_R_factor_obs                          0.1686 
_refine.ls_R_factor_R_free                       0.1941 
_refine.ls_R_factor_R_free_error                 ? 
_refine.ls_R_factor_R_free_error_details         ? 
_refine.ls_R_factor_R_work                       0.1672 
_refine.ls_R_Fsqd_factor_obs                     ? 
_refine.ls_R_I_factor_obs                        ? 
_refine.ls_redundancy_reflns_all                 ? 
_refine.ls_redundancy_reflns_obs                 ? 
_refine.ls_restrained_S_all                      ? 
_refine.ls_restrained_S_obs                      ? 
_refine.ls_shift_over_esd_max                    ? 
_refine.ls_shift_over_esd_mean                   ? 
_refine.ls_structure_factor_coef                 ? 
_refine.ls_weighting_details                     ? 
_refine.ls_weighting_scheme                      ? 
_refine.ls_wR_factor_all                         ? 
_refine.ls_wR_factor_obs                         ? 
_refine.ls_wR_factor_R_free                      ? 
_refine.ls_wR_factor_R_work                      ? 
_refine.occupancy_max                            ? 
_refine.occupancy_min                            ? 
_refine.solvent_model_details                    ? 
_refine.solvent_model_param_bsol                 42.072 
_refine.solvent_model_param_ksol                 0.373 
_refine.ls_R_factor_gt                           ? 
_refine.ls_goodness_of_fit_gt                    ? 
_refine.ls_goodness_of_fit_ref                   ? 
_refine.ls_shift_over_su_max                     ? 
_refine.ls_shift_over_su_max_lt                  ? 
_refine.ls_shift_over_su_mean                    ? 
_refine.ls_shift_over_su_mean_lt                 ? 
_refine.pdbx_ls_sigma_I                          ? 
_refine.pdbx_ls_sigma_F                          1.34 
_refine.pdbx_ls_sigma_Fsqd                       ? 
_refine.pdbx_data_cutoff_high_absF               ? 
_refine.pdbx_data_cutoff_high_rms_absF           ? 
_refine.pdbx_data_cutoff_low_absF                ? 
_refine.pdbx_isotropic_thermal_model             ? 
_refine.pdbx_ls_cross_valid_method               'FREE R-VALUE' 
_refine.pdbx_method_to_determine_struct          'MOLECULAR REPLACEMENT' 
_refine.pdbx_starting_model                      5PNT 
_refine.pdbx_stereochemistry_target_values       ? 
_refine.pdbx_R_Free_selection_details            ? 
_refine.pdbx_stereochem_target_val_spec_case     ? 
_refine.pdbx_overall_ESU_R                       ? 
_refine.pdbx_overall_ESU_R_Free                  ? 
_refine.pdbx_solvent_vdw_probe_radii             1.00 
_refine.pdbx_solvent_ion_probe_radii             ? 
_refine.pdbx_solvent_shrinkage_radii             0.72 
_refine.pdbx_real_space_R                        ? 
_refine.pdbx_density_correlation                 ? 
_refine.pdbx_pd_number_of_powder_patterns        ? 
_refine.pdbx_pd_number_of_points                 ? 
_refine.pdbx_pd_meas_number_of_points            ? 
_refine.pdbx_pd_proc_ls_prof_R_factor            ? 
_refine.pdbx_pd_proc_ls_prof_wR_factor           ? 
_refine.pdbx_pd_Marquardt_correlation_coeff      ? 
_refine.pdbx_pd_Fsqrd_R_factor                   ? 
_refine.pdbx_pd_ls_matrix_band_width             ? 
_refine.pdbx_overall_phase_error                 17.59 
_refine.pdbx_overall_SU_R_free_Cruickshank_DPI   ? 
_refine.pdbx_overall_SU_R_free_Blow_DPI          ? 
_refine.pdbx_overall_SU_R_Blow_DPI               ? 
_refine.pdbx_TLS_residual_ADP_flag               ? 
_refine.pdbx_diffrn_id                           1 
_refine.overall_SU_B                             ? 
_refine.overall_SU_ML                            0.32 
_refine.overall_SU_R_Cruickshank_DPI             ? 
_refine.overall_SU_R_free                        ? 
_refine.overall_FOM_free_R_set                   ? 
_refine.overall_FOM_work_R_set                   ? 
_refine.pdbx_average_fsc_overall                 ? 
_refine.pdbx_average_fsc_work                    ? 
_refine.pdbx_average_fsc_free                    ? 
# 
_refine_hist.pdbx_refine_id                   'X-RAY DIFFRACTION' 
_refine_hist.cycle_id                         LAST 
_refine_hist.pdbx_number_atoms_protein        1230 
_refine_hist.pdbx_number_atoms_nucleic_acid   0 
_refine_hist.pdbx_number_atoms_ligand         23 
_refine_hist.number_atoms_solvent             228 
_refine_hist.number_atoms_total               1481 
_refine_hist.d_res_high                       1.500 
_refine_hist.d_res_low                        27.805 
# 
loop_
_refine_ls_restr.pdbx_refine_id 
_refine_ls_restr.criterion 
_refine_ls_restr.dev_ideal 
_refine_ls_restr.dev_ideal_target 
_refine_ls_restr.number 
_refine_ls_restr.rejects 
_refine_ls_restr.type 
_refine_ls_restr.weight 
_refine_ls_restr.pdbx_restraint_function 
'X-RAY DIFFRACTION' ? 0.006  ? 1337 ? f_bond_d           ? ? 
'X-RAY DIFFRACTION' ? 1.175  ? 1819 ? f_angle_d          ? ? 
'X-RAY DIFFRACTION' ? 13.293 ? 520  ? f_dihedral_angle_d ? ? 
'X-RAY DIFFRACTION' ? 0.076  ? 195  ? f_chiral_restr     ? ? 
'X-RAY DIFFRACTION' ? 0.006  ? 239  ? f_plane_restr      ? ? 
# 
loop_
_refine_ls_shell.pdbx_refine_id 
_refine_ls_shell.d_res_high 
_refine_ls_shell.d_res_low 
_refine_ls_shell.number_reflns_all 
_refine_ls_shell.number_reflns_obs 
_refine_ls_shell.number_reflns_R_free 
_refine_ls_shell.number_reflns_R_work 
_refine_ls_shell.percent_reflns_obs 
_refine_ls_shell.percent_reflns_R_free 
_refine_ls_shell.R_factor_all 
_refine_ls_shell.R_factor_obs 
_refine_ls_shell.R_factor_R_free 
_refine_ls_shell.R_factor_R_free_error 
_refine_ls_shell.R_factor_R_work 
_refine_ls_shell.redundancy_reflns_all 
_refine_ls_shell.redundancy_reflns_obs 
_refine_ls_shell.wR_factor_all 
_refine_ls_shell.wR_factor_obs 
_refine_ls_shell.wR_factor_R_free 
_refine_ls_shell.wR_factor_R_work 
_refine_ls_shell.pdbx_total_number_of_bins_used 
_refine_ls_shell.pdbx_phase_error 
_refine_ls_shell.pdbx_fsc_work 
_refine_ls_shell.pdbx_fsc_free 
'X-RAY DIFFRACTION' 1.5000 1.5523  . . 113 2019 72.00  . . . 0.3331 . 0.2942 . . . . . . . . . . 
'X-RAY DIFFRACTION' 1.5523 1.6144  . . 123 2525 89.00  . . . 0.2472 . 0.2386 . . . . . . . . . . 
'X-RAY DIFFRACTION' 1.6144 1.6879  . . 141 2689 95.00  . . . 0.2051 . 0.2163 . . . . . . . . . . 
'X-RAY DIFFRACTION' 1.6879 1.7769  . . 152 2762 98.00  . . . 0.2245 . 0.1834 . . . . . . . . . . 
'X-RAY DIFFRACTION' 1.7769 1.8882  . . 149 2823 99.00  . . . 0.1900 . 0.1703 . . . . . . . . . . 
'X-RAY DIFFRACTION' 1.8882 2.0339  . . 134 2836 99.00  . . . 0.1746 . 0.1559 . . . . . . . . . . 
'X-RAY DIFFRACTION' 2.0339 2.2385  . . 146 2820 99.00  . . . 0.1892 . 0.1554 . . . . . . . . . . 
'X-RAY DIFFRACTION' 2.2385 2.5622  . . 140 2884 99.00  . . . 0.1705 . 0.1602 . . . . . . . . . . 
'X-RAY DIFFRACTION' 2.5622 3.2274  . . 178 2891 100.00 . . . 0.1874 . 0.1630 . . . . . . . . . . 
'X-RAY DIFFRACTION' 3.2274 27.8098 . . 189 3017 99.00  . . . 0.1935 . 0.1553 . . . . . . . . . . 
# 
_struct.entry_id                     5KQG 
_struct.title                        
'Co-crystal structure of LMW-PTP in complex with 2-(benzothiazol-2-ylamino)-2-oxo-1-phenylethanesulfonic acid' 
_struct.pdbx_model_details           ? 
_struct.pdbx_formula_weight          ? 
_struct.pdbx_formula_weight_method   ? 
_struct.pdbx_model_type_details      ? 
_struct.pdbx_CASP_flag               N 
# 
_struct_keywords.entry_id        5KQG 
_struct_keywords.text            'LMW-PTP, Inhibitor, Complex, hydrolase-hydrolase inhibitor complex' 
_struct_keywords.pdbx_keywords   'hydrolase/hydrolase inhibitor' 
# 
loop_
_struct_asym.id 
_struct_asym.pdbx_blank_PDB_chainid_flag 
_struct_asym.pdbx_modified 
_struct_asym.entity_id 
_struct_asym.details 
A N N 1 ? 
B N N 2 ? 
C N N 3 ? 
# 
loop_
_struct_conf.conf_type_id 
_struct_conf.id 
_struct_conf.pdbx_PDB_helix_id 
_struct_conf.beg_label_comp_id 
_struct_conf.beg_label_asym_id 
_struct_conf.beg_label_seq_id 
_struct_conf.pdbx_beg_PDB_ins_code 
_struct_conf.end_label_comp_id 
_struct_conf.end_label_asym_id 
_struct_conf.end_label_seq_id 
_struct_conf.pdbx_end_PDB_ins_code 
_struct_conf.beg_auth_comp_id 
_struct_conf.beg_auth_asym_id 
_struct_conf.beg_auth_seq_id 
_struct_conf.end_auth_comp_id 
_struct_conf.end_auth_asym_id 
_struct_conf.end_auth_seq_id 
_struct_conf.pdbx_PDB_helix_class 
_struct_conf.details 
_struct_conf.pdbx_PDB_helix_length 
HELX_P HELX_P1 AA1 CYS A 38  ? GLN A 54  ? CYS A 17  GLN A 33  1 ? 17 
HELX_P HELX_P2 AA2 ILE A 56  ? GLU A 58  ? ILE A 35  GLU A 37  5 ? 3  
HELX_P HELX_P3 AA3 ASP A 77  ? HIS A 87  ? ASP A 56  HIS A 66  1 ? 11 
HELX_P HELX_P4 AA4 THR A 99  ? PHE A 106 ? THR A 78  PHE A 85  1 ? 8  
HELX_P HELX_P5 AA5 ASP A 113 ? ASN A 125 ? ASP A 92  ASN A 104 1 ? 13 
HELX_P HELX_P6 AA6 GLY A 138 ? ASP A 141 ? GLY A 117 ASP A 120 5 ? 4  
HELX_P HELX_P7 AA7 ASN A 155 ? LYS A 176 ? ASN A 134 LYS A 155 1 ? 22 
# 
_struct_conf_type.id          HELX_P 
_struct_conf_type.criteria    ? 
_struct_conf_type.reference   ? 
# 
_struct_sheet.id               AA1 
_struct_sheet.type             ? 
_struct_sheet.number_strands   4 
_struct_sheet.details          ? 
# 
loop_
_struct_sheet_order.sheet_id 
_struct_sheet_order.range_id_1 
_struct_sheet_order.range_id_2 
_struct_sheet_order.offset 
_struct_sheet_order.sense 
AA1 1 2 ? parallel 
AA1 2 3 ? parallel 
AA1 3 4 ? parallel 
# 
loop_
_struct_sheet_range.sheet_id 
_struct_sheet_range.id 
_struct_sheet_range.beg_label_comp_id 
_struct_sheet_range.beg_label_asym_id 
_struct_sheet_range.beg_label_seq_id 
_struct_sheet_range.pdbx_beg_PDB_ins_code 
_struct_sheet_range.end_label_comp_id 
_struct_sheet_range.end_label_asym_id 
_struct_sheet_range.end_label_seq_id 
_struct_sheet_range.pdbx_end_PDB_ins_code 
_struct_sheet_range.beg_auth_comp_id 
_struct_sheet_range.beg_auth_asym_id 
_struct_sheet_range.beg_auth_seq_id 
_struct_sheet_range.end_auth_comp_id 
_struct_sheet_range.end_auth_asym_id 
_struct_sheet_range.end_auth_seq_id 
AA1 1 TRP A 60  ? ALA A 66  ? TRP A 39  ALA A 45  
AA1 2 LYS A 27  ? CYS A 33  ? LYS A 6   CYS A 12  
AA1 3 TYR A 108 ? CYS A 111 ? TYR A 87  CYS A 90  
AA1 4 LYS A 133 ? LEU A 136 ? LYS A 112 LEU A 115 
# 
loop_
_pdbx_struct_sheet_hbond.sheet_id 
_pdbx_struct_sheet_hbond.range_id_1 
_pdbx_struct_sheet_hbond.range_id_2 
_pdbx_struct_sheet_hbond.range_1_label_atom_id 
_pdbx_struct_sheet_hbond.range_1_label_comp_id 
_pdbx_struct_sheet_hbond.range_1_label_asym_id 
_pdbx_struct_sheet_hbond.range_1_label_seq_id 
_pdbx_struct_sheet_hbond.range_1_PDB_ins_code 
_pdbx_struct_sheet_hbond.range_1_auth_atom_id 
_pdbx_struct_sheet_hbond.range_1_auth_comp_id 
_pdbx_struct_sheet_hbond.range_1_auth_asym_id 
_pdbx_struct_sheet_hbond.range_1_auth_seq_id 
_pdbx_struct_sheet_hbond.range_2_label_atom_id 
_pdbx_struct_sheet_hbond.range_2_label_comp_id 
_pdbx_struct_sheet_hbond.range_2_label_asym_id 
_pdbx_struct_sheet_hbond.range_2_label_seq_id 
_pdbx_struct_sheet_hbond.range_2_PDB_ins_code 
_pdbx_struct_sheet_hbond.range_2_auth_atom_id 
_pdbx_struct_sheet_hbond.range_2_auth_comp_id 
_pdbx_struct_sheet_hbond.range_2_auth_asym_id 
_pdbx_struct_sheet_hbond.range_2_auth_seq_id 
AA1 1 2 O ASP A 63  ? O ASP A 42 N PHE A 31  ? N PHE A 10  
AA1 2 3 N LEU A 30  ? N LEU A 9  O TYR A 108 ? O TYR A 87  
AA1 3 4 N ILE A 109 ? N ILE A 88 O LYS A 133 ? O LYS A 112 
# 
_struct_site.id                   AC1 
_struct_site.pdbx_evidence_code   Software 
_struct_site.pdbx_auth_asym_id    A 
_struct_site.pdbx_auth_comp_id    6VX 
_struct_site.pdbx_auth_seq_id     200 
_struct_site.pdbx_auth_ins_code   ? 
_struct_site.pdbx_num_residues    15 
_struct_site.details              'binding site for residue 6VX A 200' 
# 
loop_
_struct_site_gen.id 
_struct_site_gen.site_id 
_struct_site_gen.pdbx_num_res 
_struct_site_gen.label_comp_id 
_struct_site_gen.label_asym_id 
_struct_site_gen.label_seq_id 
_struct_site_gen.pdbx_auth_ins_code 
_struct_site_gen.auth_comp_id 
_struct_site_gen.auth_asym_id 
_struct_site_gen.auth_seq_id 
_struct_site_gen.label_atom_id 
_struct_site_gen.label_alt_id 
_struct_site_gen.symmetry 
_struct_site_gen.details 
1  AC1 15 CYS A 33  ? CYS A 12  . ? 1_555 ? 
2  AC1 15 LEU A 34  ? LEU A 13  . ? 1_555 ? 
3  AC1 15 GLY A 35  ? GLY A 14  . ? 1_555 ? 
4  AC1 15 ASN A 36  ? ASN A 15  . ? 1_555 ? 
5  AC1 15 ILE A 37  ? ILE A 16  . ? 1_555 ? 
6  AC1 15 CYS A 38  ? CYS A 17  . ? 1_555 ? 
7  AC1 15 ARG A 39  ? ARG A 18  . ? 1_555 ? 
8  AC1 15 TYR A 70  ? TYR A 49  . ? 1_555 ? 
9  AC1 15 PRO A 75  ? PRO A 54  . ? 4_455 ? 
10 AC1 15 ASP A 77  ? ASP A 56  . ? 1_555 ? 
11 AC1 15 ARG A 79  ? ARG A 58  . ? 1_555 ? 
12 AC1 15 ARG A 118 ? ARG A 97  . ? 4_555 ? 
13 AC1 15 ASP A 150 ? ASP A 129 . ? 1_555 ? 
14 AC1 15 TYR A 152 ? TYR A 131 . ? 1_555 ? 
15 AC1 15 HOH C .   ? HOH A 363 . ? 1_555 ? 
# 
_atom_sites.entry_id                    5KQG 
_atom_sites.fract_transf_matrix[1][1]   -0.01498400 
_atom_sites.fract_transf_matrix[1][2]   0.02386372 
_atom_sites.fract_transf_matrix[1][3]   0.00563055 
_atom_sites.fract_transf_matrix[2][1]   0.01505354 
_atom_sites.fract_transf_matrix[2][2]   0.00765140 
_atom_sites.fract_transf_matrix[2][3]   0.00763183 
_atom_sites.fract_transf_matrix[3][1]   0.00268272 
_atom_sites.fract_transf_matrix[3][2]   0.00384179 
_atom_sites.fract_transf_matrix[3][3]   -0.00914323 
_atom_sites.fract_transf_vector[1]      -0.076587 
_atom_sites.fract_transf_vector[2]      0.090273 
_atom_sites.fract_transf_vector[3]      -0.113891 
# 
loop_
_atom_type.symbol 
C 
N 
O 
S 
# 
loop_
_atom_site.group_PDB 
_atom_site.id 
_atom_site.type_symbol 
_atom_site.label_atom_id 
_atom_site.label_alt_id 
_atom_site.label_comp_id 
_atom_site.label_asym_id 
_atom_site.label_entity_id 
_atom_site.label_seq_id 
_atom_site.pdbx_PDB_ins_code 
_atom_site.Cartn_x 
_atom_site.Cartn_y 
_atom_site.Cartn_z 
_atom_site.occupancy 
_atom_site.B_iso_or_equiv 
_atom_site.pdbx_formal_charge 
_atom_site.auth_seq_id 
_atom_site.auth_comp_id 
_atom_site.auth_asym_id 
_atom_site.auth_atom_id 
_atom_site.pdbx_PDB_model_num 
ATOM   1    N N   . ALA A 1 25  ? -6.203  -0.479  15.649  1.00 46.23 ? 4   ALA A N   1 
ATOM   2    C CA  . ALA A 1 25  ? -6.104  -0.928  17.033  1.00 54.00 ? 4   ALA A CA  1 
ATOM   3    C C   . ALA A 1 25  ? -5.689  -2.396  17.141  1.00 46.98 ? 4   ALA A C   1 
ATOM   4    O O   . ALA A 1 25  ? -4.607  -2.706  17.638  1.00 63.16 ? 4   ALA A O   1 
ATOM   5    C CB  . ALA A 1 25  ? -7.417  -0.691  17.768  1.00 49.15 ? 4   ALA A CB  1 
ATOM   6    N N   . THR A 1 26  ? -6.564  -3.302  16.740  1.00 40.70 ? 5   THR A N   1 
ATOM   7    C CA  . THR A 1 26  ? -6.200  -4.694  16.824  1.00 40.30 ? 5   THR A CA  1 
ATOM   8    C C   . THR A 1 26  ? -5.314  -5.039  15.632  1.00 30.19 ? 5   THR A C   1 
ATOM   9    O O   . THR A 1 26  ? -4.155  -5.406  15.809  1.00 32.33 ? 5   THR A O   1 
ATOM   10   C CB  . THR A 1 26  ? -7.429  -5.624  16.906  1.00 38.93 ? 5   THR A CB  1 
ATOM   11   O OG1 . THR A 1 26  ? -8.093  -5.425  18.162  1.00 58.91 ? 5   THR A OG1 1 
ATOM   12   C CG2 . THR A 1 26  ? -7.003  -7.079  16.796  1.00 42.18 ? 5   THR A CG2 1 
ATOM   13   N N   . LYS A 1 27  ? -5.853  -4.891  14.424  1.00 18.89 ? 6   LYS A N   1 
ATOM   14   C CA  . LYS A 1 27  ? -5.182  -5.412  13.233  1.00 17.41 ? 6   LYS A CA  1 
ATOM   15   C C   . LYS A 1 27  ? -4.510  -4.250  12.523  1.00 14.43 ? 6   LYS A C   1 
ATOM   16   O O   . LYS A 1 27  ? -4.986  -3.128  12.592  1.00 17.10 ? 6   LYS A O   1 
ATOM   17   C CB  . LYS A 1 27  ? -6.178  -6.094  12.296  1.00 21.20 ? 6   LYS A CB  1 
ATOM   18   C CG  . LYS A 1 27  ? -6.823  -7.358  12.885  1.00 26.56 ? 6   LYS A CG  1 
ATOM   19   C CD  . LYS A 1 27  ? -7.789  -7.991  11.889  1.00 34.61 ? 6   LYS A CD  1 
ATOM   20   C CE  . LYS A 1 27  ? -8.388  -9.282  12.430  1.00 50.98 ? 6   LYS A CE  1 
ATOM   21   N NZ  . LYS A 1 27  ? -9.177  -9.054  13.674  1.00 60.75 ? 6   LYS A NZ  1 
ATOM   22   N N   . SER A 1 28  ? -3.394  -4.518  11.857  1.00 16.13 ? 7   SER A N   1 
ATOM   23   C CA  . SER A 1 28  ? -2.660  -3.446  11.188  1.00 12.89 ? 7   SER A CA  1 
ATOM   24   C C   . SER A 1 28  ? -2.112  -3.877  9.839   1.00 15.59 ? 7   SER A C   1 
ATOM   25   O O   . SER A 1 28  ? -1.682  -5.019  9.660   1.00 14.09 ? 7   SER A O   1 
ATOM   26   C CB  . SER A 1 28  ? -1.511  -2.976  12.070  1.00 12.00 ? 7   SER A CB  1 
ATOM   27   O OG  . SER A 1 28  ? -0.693  -4.069  12.446  1.00 18.30 ? 7   SER A OG  1 
ATOM   28   N N   . VAL A 1 29  ? -2.131  -2.944  8.891   1.00 11.51 ? 8   VAL A N   1 
ATOM   29   C CA  . VAL A 1 29  ? -1.563  -3.204  7.576   1.00 10.96 ? 8   VAL A CA  1 
ATOM   30   C C   . VAL A 1 29  ? -0.807  -1.975  7.093   1.00 12.43 ? 8   VAL A C   1 
ATOM   31   O O   . VAL A 1 29  ? -1.268  -0.849  7.257   1.00 11.44 ? 8   VAL A O   1 
ATOM   32   C CB  . VAL A 1 29  ? -2.654  -3.614  6.552   1.00 12.27 ? 8   VAL A CB  1 
ATOM   33   C CG1 . VAL A 1 29  ? -3.754  -2.563  6.460   1.00 12.93 ? 8   VAL A CG1 1 
ATOM   34   C CG2 . VAL A 1 29  ? -2.028  -3.878  5.171   1.00 12.70 ? 8   VAL A CG2 1 
ATOM   35   N N   . LEU A 1 30  ? 0.363   -2.217  6.514   1.00 10.67 ? 9   LEU A N   1 
ATOM   36   C CA  . LEU A 1 30  ? 1.185   -1.166  5.937   1.00 10.35 ? 9   LEU A CA  1 
ATOM   37   C C   . LEU A 1 30  ? 1.324   -1.461  4.456   1.00 9.92  ? 9   LEU A C   1 
ATOM   38   O O   . LEU A 1 30  ? 1.800   -2.530  4.089   1.00 12.04 ? 9   LEU A O   1 
ATOM   39   C CB  . LEU A 1 30  ? 2.571   -1.175  6.585   1.00 10.64 ? 9   LEU A CB  1 
ATOM   40   C CG  . LEU A 1 30  ? 3.567   -0.166  6.006   1.00 12.10 ? 9   LEU A CG  1 
ATOM   41   C CD1 . LEU A 1 30  ? 3.116   1.247   6.397   1.00 12.48 ? 9   LEU A CD1 1 
ATOM   42   C CD2 . LEU A 1 30  ? 4.971   -0.480  6.514   1.00 12.08 ? 9   LEU A CD2 1 
ATOM   43   N N   . PHE A 1 31  ? 0.902   -0.531  3.604   1.00 9.88  ? 10  PHE A N   1 
ATOM   44   C CA  . PHE A 1 31  ? 1.102   -0.695  2.165   1.00 11.14 ? 10  PHE A CA  1 
ATOM   45   C C   . PHE A 1 31  ? 2.413   -0.040  1.765   1.00 11.60 ? 10  PHE A C   1 
ATOM   46   O O   . PHE A 1 31  ? 2.756   1.013   2.286   1.00 12.15 ? 10  PHE A O   1 
ATOM   47   C CB  . PHE A 1 31  ? -0.068  -0.077  1.403   1.00 10.66 ? 10  PHE A CB  1 
ATOM   48   C CG  . PHE A 1 31  ? -1.390  -0.728  1.715   1.00 10.77 ? 10  PHE A CG  1 
ATOM   49   C CD1 . PHE A 1 31  ? -1.768  -1.897  1.065   1.00 12.59 ? 10  PHE A CD1 1 
ATOM   50   C CD2 . PHE A 1 31  ? -2.244  -0.187  2.672   1.00 10.52 ? 10  PHE A CD2 1 
ATOM   51   C CE1 . PHE A 1 31  ? -2.986  -2.527  1.369   1.00 11.38 ? 10  PHE A CE1 1 
ATOM   52   C CE2 . PHE A 1 31  ? -3.465  -0.808  2.970   1.00 12.46 ? 10  PHE A CE2 1 
ATOM   53   C CZ  . PHE A 1 31  ? -3.835  -1.975  2.315   1.00 12.67 ? 10  PHE A CZ  1 
ATOM   54   N N   . VAL A 1 32  ? 3.149   -0.672  0.854   1.00 9.22  ? 11  VAL A N   1 
ATOM   55   C CA  . VAL A 1 32  ? 4.493   -0.194  0.516   1.00 9.88  ? 11  VAL A CA  1 
ATOM   56   C C   . VAL A 1 32  ? 4.724   -0.159  -0.986  1.00 12.13 ? 11  VAL A C   1 
ATOM   57   O O   . VAL A 1 32  ? 4.407   -1.103  -1.707  1.00 11.65 ? 11  VAL A O   1 
ATOM   58   C CB  . VAL A 1 32  ? 5.582   -1.074  1.154   1.00 11.11 ? 11  VAL A CB  1 
ATOM   59   C CG1 . VAL A 1 32  ? 6.962   -0.694  0.616   1.00 10.24 ? 11  VAL A CG1 1 
ATOM   60   C CG2 . VAL A 1 32  ? 5.550   -0.950  2.685   1.00 11.87 ? 11  VAL A CG2 1 
ATOM   61   N N   . CYS A 1 33  ? 5.281   0.950   -1.452  1.00 10.76 ? 12  CYS A N   1 
ATOM   62   C CA  . CYS A 1 33  ? 5.708   1.060   -2.851  1.00 10.55 ? 12  CYS A CA  1 
ATOM   63   C C   . CYS A 1 33  ? 7.087   1.716   -2.875  1.00 11.23 ? 12  CYS A C   1 
ATOM   64   O O   . CYS A 1 33  ? 7.755   1.783   -1.840  1.00 11.71 ? 12  CYS A O   1 
ATOM   65   C CB  . CYS A 1 33  ? 4.668   1.814   -3.705  1.00 11.64 ? 12  CYS A CB  1 
ATOM   66   S SG  . CYS A 1 33  ? 4.389   3.554   -3.229  1.00 11.68 ? 12  CYS A SG  1 
ATOM   67   N N   . LEU A 1 34  ? 7.557   2.129   -4.051  1.00 11.06 ? 13  LEU A N   1 
ATOM   68   C CA  . LEU A 1 34  ? 8.902   2.680   -4.161  1.00 11.11 ? 13  LEU A CA  1 
ATOM   69   C C   . LEU A 1 34  ? 9.024   4.069   -3.546  1.00 12.23 ? 13  LEU A C   1 
ATOM   70   O O   . LEU A 1 34  ? 9.938   4.333   -2.770  1.00 10.36 ? 13  LEU A O   1 
ATOM   71   C CB  . LEU A 1 34  ? 9.319   2.736   -5.644  1.00 10.04 ? 13  LEU A CB  1 
ATOM   72   C CG  . LEU A 1 34  ? 10.665  3.418   -5.930  1.00 10.47 ? 13  LEU A CG  1 
ATOM   73   C CD1 . LEU A 1 34  ? 11.807  2.626   -5.317  1.00 12.55 ? 13  LEU A CD1 1 
ATOM   74   C CD2 . LEU A 1 34  ? 10.879  3.567   -7.427  1.00 11.76 ? 13  LEU A CD2 1 
ATOM   75   N N   . GLY A 1 35  ? 8.114   4.959   -3.925  1.00 11.49 ? 14  GLY A N   1 
ATOM   76   C CA  . GLY A 1 35  ? 8.176   6.334   -3.446  1.00 10.98 ? 14  GLY A CA  1 
ATOM   77   C C   . GLY A 1 35  ? 7.215   6.728   -2.339  1.00 11.16 ? 14  GLY A C   1 
ATOM   78   O O   . GLY A 1 35  ? 7.465   7.723   -1.659  1.00 12.06 ? 14  GLY A O   1 
ATOM   79   N N   . ASN A 1 36  ? 6.143   5.956   -2.156  1.00 10.38 ? 15  ASN A N   1 
ATOM   80   C CA  . ASN A 1 36  ? 5.086   6.264   -1.177  1.00 8.90  ? 15  ASN A CA  1 
ATOM   81   C C   . ASN A 1 36  ? 4.398   7.584   -1.529  1.00 11.05 ? 15  ASN A C   1 
ATOM   82   O O   . ASN A 1 36  ? 3.937   8.312   -0.643  1.00 11.81 ? 15  ASN A O   1 
ATOM   83   C CB  . ASN A 1 36  ? 5.641   6.249   0.264   1.00 10.21 ? 15  ASN A CB  1 
ATOM   84   C CG  . ASN A 1 36  ? 4.552   6.381   1.342   1.00 11.23 ? 15  ASN A CG  1 
ATOM   85   O OD1 . ASN A 1 36  ? 4.762   7.050   2.358   1.00 11.28 ? 15  ASN A OD1 1 
ATOM   86   N ND2 . ASN A 1 36  ? 3.412   5.715   1.147   1.00 10.65 ? 15  ASN A ND2 1 
ATOM   87   N N   . ILE A 1 37  ? 4.336   7.886   -2.829  1.00 10.00 ? 16  ILE A N   1 
ATOM   88   C CA  . ILE A 1 37  ? 3.508   9.000   -3.290  1.00 11.37 ? 16  ILE A CA  1 
ATOM   89   C C   . ILE A 1 37  ? 2.430   8.622   -4.301  1.00 11.13 ? 16  ILE A C   1 
ATOM   90   O O   . ILE A 1 37  ? 1.671   9.494   -4.741  1.00 14.30 ? 16  ILE A O   1 
ATOM   91   C CB  . ILE A 1 37  ? 4.324   10.227  -3.799  1.00 9.48  ? 16  ILE A CB  1 
ATOM   92   C CG1 . ILE A 1 37  ? 5.177   9.862   -5.013  1.00 10.00 ? 16  ILE A CG1 1 
ATOM   93   C CG2 . ILE A 1 37  ? 5.178   10.784  -2.686  1.00 10.35 ? 16  ILE A CG2 1 
ATOM   94   C CD1 . ILE A 1 37  ? 5.695   11.106  -5.800  1.00 14.70 ? 16  ILE A CD1 1 
ATOM   95   N N   . CYS A 1 38  ? 2.323   7.342   -4.658  1.00 11.02 ? 17  CYS A N   1 
ATOM   96   C CA  . CYS A 1 38  ? 1.232   6.942   -5.534  1.00 10.36 ? 17  CYS A CA  1 
ATOM   97   C C   . CYS A 1 38  ? 0.603   5.599   -5.176  1.00 12.42 ? 17  CYS A C   1 
ATOM   98   O O   . CYS A 1 38  ? -0.483  5.573   -4.592  1.00 11.07 ? 17  CYS A O   1 
ATOM   99   C CB  . CYS A 1 38  ? 1.659   6.978   -7.006  1.00 12.48 ? 17  CYS A CB  1 
ATOM   100  S SG  . CYS A 1 38  ? 0.311   6.525   -8.112  1.00 14.66 ? 17  CYS A SG  1 
ATOM   101  N N   . ARG A 1 39  ? 1.268   4.497   -5.501  1.00 12.35 ? 18  ARG A N   1 
ATOM   102  C CA  . ARG A 1 39  ? 0.622   3.195   -5.341  1.00 11.62 ? 18  ARG A CA  1 
ATOM   103  C C   . ARG A 1 39  ? 0.215   2.915   -3.897  1.00 10.33 ? 18  ARG A C   1 
ATOM   104  O O   . ARG A 1 39  ? -0.938  2.541   -3.630  1.00 11.65 ? 18  ARG A O   1 
ATOM   105  C CB  . ARG A 1 39  ? 1.495   2.065   -5.897  1.00 10.66 ? 18  ARG A CB  1 
ATOM   106  C CG  . ARG A 1 39  ? 1.584   2.067   -7.425  1.00 10.24 ? 18  ARG A CG  1 
ATOM   107  C CD  . ARG A 1 39  ? 2.673   1.126   -7.906  1.00 11.74 ? 18  ARG A CD  1 
ATOM   108  N NE  . ARG A 1 39  ? 4.007   1.622   -7.554  1.00 12.24 ? 18  ARG A NE  1 
ATOM   109  C CZ  . ARG A 1 39  ? 5.126   0.919   -7.671  1.00 14.63 ? 18  ARG A CZ  1 
ATOM   110  N NH1 . ARG A 1 39  ? 5.088   -0.325  -8.140  1.00 12.33 ? 18  ARG A NH1 1 
ATOM   111  N NH2 . ARG A 1 39  ? 6.286   1.468   -7.321  1.00 12.06 ? 18  ARG A NH2 1 
ATOM   112  N N   . SER A 1 40  ? 1.145   3.092   -2.956  1.00 11.29 ? 19  SER A N   1 
ATOM   113  C CA  . SER A 1 40  ? 0.795   2.763   -1.567  1.00 10.60 ? 19  SER A CA  1 
ATOM   114  C C   . SER A 1 40  ? -0.156  3.766   -0.883  1.00 12.81 ? 19  SER A C   1 
ATOM   115  O O   . SER A 1 40  ? -1.041  3.347   -0.155  1.00 12.57 ? 19  SER A O   1 
ATOM   116  C CB  . SER A 1 40  ? 2.026   2.424   -0.709  1.00 12.57 ? 19  SER A CB  1 
ATOM   117  O OG  . SER A 1 40  ? 2.938   3.493   -0.626  1.00 12.60 ? 19  SER A OG  1 
ATOM   118  N N   . PRO A 1 41  ? -0.012  5.082   -1.134  1.00 9.89  ? 20  PRO A N   1 
ATOM   119  C CA  . PRO A 1 41  ? -1.057  5.923   -0.528  1.00 10.78 ? 20  PRO A CA  1 
ATOM   120  C C   . PRO A 1 41  ? -2.452  5.700   -1.133  1.00 10.46 ? 20  PRO A C   1 
ATOM   121  O O   . PRO A 1 41  ? -3.455  5.882   -0.431  1.00 12.36 ? 20  PRO A O   1 
ATOM   122  C CB  . PRO A 1 41  ? -0.566  7.363   -0.770  1.00 11.99 ? 20  PRO A CB  1 
ATOM   123  C CG  . PRO A 1 41  ? 0.493   7.240   -1.804  1.00 13.62 ? 20  PRO A CG  1 
ATOM   124  C CD  . PRO A 1 41  ? 1.101   5.880   -1.674  1.00 11.06 ? 20  PRO A CD  1 
ATOM   125  N N   . ILE A 1 42  ? -2.527  5.323   -2.405  1.00 11.59 ? 21  ILE A N   1 
ATOM   126  C CA  . ILE A 1 42  ? -3.800  4.923   -2.988  1.00 11.38 ? 21  ILE A CA  1 
ATOM   127  C C   . ILE A 1 42  ? -4.341  3.675   -2.273  1.00 11.70 ? 21  ILE A C   1 
ATOM   128  O O   . ILE A 1 42  ? -5.482  3.680   -1.811  1.00 11.94 ? 21  ILE A O   1 
ATOM   129  C CB  . ILE A 1 42  ? -3.682  4.695   -4.502  1.00 11.31 ? 21  ILE A CB  1 
ATOM   130  C CG1 . ILE A 1 42  ? -3.596  6.050   -5.208  1.00 13.78 ? 21  ILE A CG1 1 
ATOM   131  C CG2 . ILE A 1 42  ? -4.883  3.922   -5.018  1.00 16.10 ? 21  ILE A CG2 1 
ATOM   132  C CD1 . ILE A 1 42  ? -3.259  5.932   -6.693  1.00 14.04 ? 21  ILE A CD1 1 
ATOM   133  N N   . ALA A 1 43  ? -3.526  2.632   -2.142  1.00 11.94 ? 22  ALA A N   1 
ATOM   134  C CA  . ALA A 1 43  ? -3.965  1.404   -1.456  1.00 11.67 ? 22  ALA A CA  1 
ATOM   135  C C   . ALA A 1 43  ? -4.423  1.723   -0.035  1.00 12.12 ? 22  ALA A C   1 
ATOM   136  O O   . ALA A 1 43  ? -5.459  1.246   0.419   1.00 11.62 ? 22  ALA A O   1 
ATOM   137  C CB  . ALA A 1 43  ? -2.849  0.380   -1.432  1.00 11.35 ? 22  ALA A CB  1 
ATOM   138  N N   . GLU A 1 44  ? -3.637  2.535   0.666   1.00 11.44 ? 23  GLU A N   1 
ATOM   139  C CA  . GLU A 1 44  ? -3.958  2.920   2.043   1.00 11.50 ? 23  GLU A CA  1 
ATOM   140  C C   . GLU A 1 44  ? -5.334  3.597   2.114   1.00 14.60 ? 23  GLU A C   1 
ATOM   141  O O   . GLU A 1 44  ? -6.174  3.253   2.955   1.00 13.52 ? 23  GLU A O   1 
ATOM   142  C CB  . GLU A 1 44  ? -2.886  3.867   2.579   1.00 11.75 ? 23  GLU A CB  1 
ATOM   143  C CG  . GLU A 1 44  ? -3.155  4.337   4.003   1.00 13.08 ? 23  GLU A CG  1 
ATOM   144  C CD  . GLU A 1 44  ? -2.414  5.618   4.364   1.00 13.74 ? 23  GLU A CD  1 
ATOM   145  O OE1 . GLU A 1 44  ? -1.500  6.044   3.629   1.00 12.87 ? 23  GLU A OE1 1 
ATOM   146  O OE2 . GLU A 1 44  ? -2.756  6.198   5.412   1.00 15.81 ? 23  GLU A OE2 1 
ATOM   147  N N   . ALA A 1 45  ? -5.563  4.571   1.234   1.00 12.07 ? 24  ALA A N   1 
ATOM   148  C CA  . ALA A 1 45  ? -6.817  5.318   1.240   1.00 14.20 ? 24  ALA A CA  1 
ATOM   149  C C   . ALA A 1 45  ? -8.008  4.452   0.838   1.00 13.28 ? 24  ALA A C   1 
ATOM   150  O O   . ALA A 1 45  ? -9.085  4.569   1.422   1.00 15.01 ? 24  ALA A O   1 
ATOM   151  C CB  . ALA A 1 45  ? -6.710  6.557   0.352   1.00 13.87 ? 24  ALA A CB  1 
ATOM   152  N N   . VAL A 1 46  ? -7.820  3.595   -0.161  1.00 12.30 ? 25  VAL A N   1 
ATOM   153  C CA  . VAL A 1 46  ? -8.857  2.640   -0.560  1.00 11.89 ? 25  VAL A CA  1 
ATOM   154  C C   . VAL A 1 46  ? -9.195  1.721   0.608   1.00 14.47 ? 25  VAL A C   1 
ATOM   155  O O   . VAL A 1 46  ? -10.371 1.528   0.928   1.00 14.12 ? 25  VAL A O   1 
ATOM   156  C CB  . VAL A 1 46  ? -8.400  1.781   -1.755  1.00 12.63 ? 25  VAL A CB  1 
ATOM   157  C CG1 . VAL A 1 46  ? -9.335  0.592   -1.965  1.00 15.26 ? 25  VAL A CG1 1 
ATOM   158  C CG2 . VAL A 1 46  ? -8.340  2.619   -3.006  1.00 13.40 ? 25  VAL A CG2 1 
ATOM   159  N N   . PHE A 1 47  ? -8.170  1.171   1.251   1.00 13.07 ? 26  PHE A N   1 
ATOM   160  C CA  . PHE A 1 47  ? -8.401  0.268   2.385   1.00 12.65 ? 26  PHE A CA  1 
ATOM   161  C C   . PHE A 1 47  ? -9.079  0.965   3.553   1.00 13.54 ? 26  PHE A C   1 
ATOM   162  O O   . PHE A 1 47  ? -10.004 0.413   4.149   1.00 14.03 ? 26  PHE A O   1 
ATOM   163  C CB  . PHE A 1 47  ? -7.108  -0.409  2.838   1.00 11.89 ? 26  PHE A CB  1 
ATOM   164  C CG  . PHE A 1 47  ? -7.324  -1.469  3.900   1.00 12.29 ? 26  PHE A CG  1 
ATOM   165  C CD1 . PHE A 1 47  ? -7.640  -2.776  3.548   1.00 14.36 ? 26  PHE A CD1 1 
ATOM   166  C CD2 . PHE A 1 47  ? -7.236  -1.146  5.239   1.00 13.61 ? 26  PHE A CD2 1 
ATOM   167  C CE1 . PHE A 1 47  ? -7.837  -3.747  4.523   1.00 13.77 ? 26  PHE A CE1 1 
ATOM   168  C CE2 . PHE A 1 47  ? -7.437  -2.111  6.215   1.00 14.61 ? 26  PHE A CE2 1 
ATOM   169  C CZ  . PHE A 1 47  ? -7.740  -3.408  5.850   1.00 13.77 ? 26  PHE A CZ  1 
ATOM   170  N N   . ARG A 1 48  ? -8.631  2.173   3.885   1.00 13.13 ? 27  ARG A N   1 
ATOM   171  C CA  . ARG A 1 48  ? -9.242  2.890   4.996   1.00 11.32 ? 27  ARG A CA  1 
ATOM   172  C C   . ARG A 1 48  ? -10.716 3.161   4.712   1.00 15.78 ? 27  ARG A C   1 
ATOM   173  O O   . ARG A 1 48  ? -11.548 3.078   5.622   1.00 14.67 ? 27  ARG A O   1 
ATOM   174  C CB  . ARG A 1 48  ? -8.494  4.190   5.320   1.00 14.61 ? 27  ARG A CB  1 
ATOM   175  C CG  . ARG A 1 48  ? -9.084  4.914   6.531   1.00 17.53 ? 27  ARG A CG  1 
ATOM   176  C CD  . ARG A 1 48  ? -8.258  6.105   6.968   1.00 19.04 ? 27  ARG A CD  1 
ATOM   177  N NE  . ARG A 1 48  ? -6.954  5.717   7.499   1.00 19.06 ? 27  ARG A NE  1 
ATOM   178  C CZ  . ARG A 1 48  ? -5.800  5.930   6.869   1.00 18.32 ? 27  ARG A CZ  1 
ATOM   179  N NH1 . ARG A 1 48  ? -5.780  6.527   5.684   1.00 18.16 ? 27  ARG A NH1 1 
ATOM   180  N NH2 . ARG A 1 48  ? -4.665  5.557   7.428   1.00 17.49 ? 27  ARG A NH2 1 
ATOM   181  N N   . LYS A 1 49  ? -11.053 3.482   3.466   1.00 14.79 ? 28  LYS A N   1 
ATOM   182  C CA  A LYS A 1 49  ? -12.448 3.696   3.105   0.52 14.70 ? 28  LYS A CA  1 
ATOM   183  C CA  B LYS A 1 49  ? -12.448 3.700   3.117   0.48 14.72 ? 28  LYS A CA  1 
ATOM   184  C C   . LYS A 1 49  ? -13.257 2.419   3.288   1.00 17.00 ? 28  LYS A C   1 
ATOM   185  O O   . LYS A 1 49  ? -14.364 2.450   3.823   1.00 16.15 ? 28  LYS A O   1 
ATOM   186  C CB  A LYS A 1 49  ? -12.590 4.203   1.670   0.52 18.16 ? 28  LYS A CB  1 
ATOM   187  C CB  B LYS A 1 49  ? -12.596 4.240   1.695   0.48 18.17 ? 28  LYS A CB  1 
ATOM   188  C CG  A LYS A 1 49  ? -14.049 4.358   1.250   0.52 22.05 ? 28  LYS A CG  1 
ATOM   189  C CG  B LYS A 1 49  ? -14.031 4.623   1.369   0.48 21.82 ? 28  LYS A CG  1 
ATOM   190  C CD  A LYS A 1 49  ? -14.196 4.999   -0.112  0.52 25.79 ? 28  LYS A CD  1 
ATOM   191  C CD  B LYS A 1 49  ? -14.176 5.156   -0.038  0.48 25.69 ? 28  LYS A CD  1 
ATOM   192  C CE  A LYS A 1 49  ? -15.667 5.178   -0.470  0.52 31.18 ? 28  LYS A CE  1 
ATOM   193  C CE  B LYS A 1 49  ? -15.618 5.542   -0.312  0.48 30.59 ? 28  LYS A CE  1 
ATOM   194  N NZ  A LYS A 1 49  ? -16.394 3.876   -0.517  0.52 27.78 ? 28  LYS A NZ  1 
ATOM   195  N NZ  B LYS A 1 49  ? -16.132 6.441   0.753   0.48 28.99 ? 28  LYS A NZ  1 
ATOM   196  N N   . LEU A 1 50  ? -12.699 1.299   2.848   1.00 15.22 ? 29  LEU A N   1 
ATOM   197  C CA  A LEU A 1 50  ? -13.381 0.012   2.954   0.63 16.73 ? 29  LEU A CA  1 
ATOM   198  C CA  B LEU A 1 50  ? -13.375 0.016   2.952   0.37 16.75 ? 29  LEU A CA  1 
ATOM   199  C C   . LEU A 1 50  ? -13.718 -0.298  4.405   1.00 17.78 ? 29  LEU A C   1 
ATOM   200  O O   . LEU A 1 50  ? -14.856 -0.660  4.729   1.00 16.75 ? 29  LEU A O   1 
ATOM   201  C CB  A LEU A 1 50  ? -12.512 -1.115  2.393   0.63 17.03 ? 29  LEU A CB  1 
ATOM   202  C CB  B LEU A 1 50  ? -12.490 -1.085  2.376   0.37 17.05 ? 29  LEU A CB  1 
ATOM   203  C CG  A LEU A 1 50  ? -12.280 -1.166  0.882   0.63 17.29 ? 29  LEU A CG  1 
ATOM   204  C CG  B LEU A 1 50  ? -13.091 -2.485  2.316   0.37 17.68 ? 29  LEU A CG  1 
ATOM   205  C CD1 A LEU A 1 50  ? -11.392 -2.357  0.551   0.63 22.38 ? 29  LEU A CD1 1 
ATOM   206  C CD1 B LEU A 1 50  ? -14.457 -2.449  1.648   0.37 19.16 ? 29  LEU A CD1 1 
ATOM   207  C CD2 A LEU A 1 50  ? -13.601 -1.238  0.129   0.63 22.73 ? 29  LEU A CD2 1 
ATOM   208  C CD2 B LEU A 1 50  ? -12.140 -3.406  1.572   0.37 18.77 ? 29  LEU A CD2 1 
ATOM   209  N N   . VAL A 1 51  ? -12.733 -0.173  5.287   1.00 14.46 ? 30  VAL A N   1 
ATOM   210  C CA  . VAL A 1 51  ? -13.001 -0.493  6.691   1.00 13.81 ? 30  VAL A CA  1 
ATOM   211  C C   . VAL A 1 51  ? -13.947 0.511   7.333   1.00 16.61 ? 30  VAL A C   1 
ATOM   212  O O   . VAL A 1 51  ? -14.759 0.143   8.181   1.00 17.26 ? 30  VAL A O   1 
ATOM   213  C CB  . VAL A 1 51  ? -11.723 -0.714  7.548   1.00 15.35 ? 30  VAL A CB  1 
ATOM   214  C CG1 . VAL A 1 51  ? -10.992 -1.953  7.078   1.00 14.65 ? 30  VAL A CG1 1 
ATOM   215  C CG2 . VAL A 1 51  ? -10.805 0.506   7.551   1.00 16.56 ? 30  VAL A CG2 1 
ATOM   216  N N   . THR A 1 52  ? -13.869 1.771   6.913   1.00 13.57 ? 31  THR A N   1 
ATOM   217  C CA  . THR A 1 52  ? -14.774 2.789   7.424   1.00 15.74 ? 31  THR A CA  1 
ATOM   218  C C   . THR A 1 52  ? -16.214 2.499   7.006   1.00 15.23 ? 31  THR A C   1 
ATOM   219  O O   . THR A 1 52  ? -17.148 2.593   7.828   1.00 17.71 ? 31  THR A O   1 
ATOM   220  C CB  . THR A 1 52  ? -14.343 4.181   6.939   1.00 15.56 ? 31  THR A CB  1 
ATOM   221  O OG1 . THR A 1 52  ? -13.011 4.435   7.400   1.00 17.11 ? 31  THR A OG1 1 
ATOM   222  C CG2 . THR A 1 52  ? -15.285 5.252   7.495   1.00 20.77 ? 31  THR A CG2 1 
ATOM   223  N N   . ASP A 1 53  ? -16.398 2.137   5.741   1.00 18.43 ? 32  ASP A N   1 
ATOM   224  C CA  . ASP A 1 53  ? -17.727 1.811   5.225   1.00 18.29 ? 32  ASP A CA  1 
ATOM   225  C C   . ASP A 1 53  ? -18.311 0.572   5.889   1.00 17.63 ? 32  ASP A C   1 
ATOM   226  O O   . ASP A 1 53  ? -19.525 0.381   5.864   1.00 20.46 ? 32  ASP A O   1 
ATOM   227  C CB  . ASP A 1 53  ? -17.706 1.598   3.715   1.00 20.56 ? 32  ASP A CB  1 
ATOM   228  C CG  . ASP A 1 53  ? -17.508 2.893   2.945   1.00 23.84 ? 32  ASP A CG  1 
ATOM   229  O OD1 . ASP A 1 53  ? -17.677 3.975   3.548   1.00 28.41 ? 32  ASP A OD1 1 
ATOM   230  O OD2 . ASP A 1 53  ? -17.197 2.814   1.742   1.00 30.61 ? 32  ASP A OD2 1 
ATOM   231  N N   . GLN A 1 54  ? -17.453 -0.271  6.462   1.00 15.38 ? 33  GLN A N   1 
ATOM   232  C CA  . GLN A 1 54  ? -17.932 -1.484  7.124   1.00 15.26 ? 33  GLN A CA  1 
ATOM   233  C C   . GLN A 1 54  ? -17.933 -1.350  8.639   1.00 14.62 ? 33  GLN A C   1 
ATOM   234  O O   . GLN A 1 54  ? -18.053 -2.347  9.347   1.00 16.29 ? 33  GLN A O   1 
ATOM   235  C CB  . GLN A 1 54  ? -17.133 -2.715  6.685   1.00 22.57 ? 33  GLN A CB  1 
ATOM   236  C CG  . GLN A 1 54  ? -17.504 -3.193  5.286   1.00 30.63 ? 33  GLN A CG  1 
ATOM   237  C CD  . GLN A 1 54  ? -16.734 -4.427  4.836   1.00 28.44 ? 33  GLN A CD  1 
ATOM   238  O OE1 . GLN A 1 54  ? -16.317 -5.256  5.648   1.00 34.22 ? 33  GLN A OE1 1 
ATOM   239  N NE2 . GLN A 1 54  ? -16.545 -4.548  3.531   1.00 35.68 ? 33  GLN A NE2 1 
ATOM   240  N N   . ASN A 1 55  ? -17.819 -0.118  9.127   1.00 14.17 ? 34  ASN A N   1 
ATOM   241  C CA  . ASN A 1 55  ? -17.909 0.189   10.560  1.00 15.63 ? 34  ASN A CA  1 
ATOM   242  C C   . ASN A 1 55  ? -16.784 -0.375  11.425  1.00 20.19 ? 34  ASN A C   1 
ATOM   243  O O   . ASN A 1 55  ? -16.949 -0.525  12.645  1.00 22.78 ? 34  ASN A O   1 
ATOM   244  C CB  . ASN A 1 55  ? -19.249 -0.292  11.143  1.00 17.27 ? 34  ASN A CB  1 
ATOM   245  C CG  . ASN A 1 55  ? -20.447 0.215   10.370  1.00 18.69 ? 34  ASN A CG  1 
ATOM   246  O OD1 . ASN A 1 55  ? -20.451 1.343   9.869   1.00 18.89 ? 34  ASN A OD1 1 
ATOM   247  N ND2 . ASN A 1 55  ? -21.482 -0.615  10.273  1.00 15.62 ? 34  ASN A ND2 1 
ATOM   248  N N   . ILE A 1 56  ? -15.646 -0.690  10.818  1.00 16.47 ? 35  ILE A N   1 
ATOM   249  C CA  . ILE A 1 56  ? -14.563 -1.319  11.559  1.00 17.11 ? 35  ILE A CA  1 
ATOM   250  C C   . ILE A 1 56  ? -13.228 -0.570  11.442  1.00 16.70 ? 35  ILE A C   1 
ATOM   251  O O   . ILE A 1 56  ? -12.170 -1.137  11.701  1.00 18.23 ? 35  ILE A O   1 
ATOM   252  C CB  . ILE A 1 56  ? -14.382 -2.789  11.143  1.00 20.24 ? 35  ILE A CB  1 
ATOM   253  C CG1 . ILE A 1 56  ? -14.171 -2.897  9.631   1.00 19.62 ? 35  ILE A CG1 1 
ATOM   254  C CG2 . ILE A 1 56  ? -15.605 -3.611  11.565  1.00 22.12 ? 35  ILE A CG2 1 
ATOM   255  C CD1 . ILE A 1 56  ? -13.744 -4.284  9.157   1.00 21.06 ? 35  ILE A CD1 1 
ATOM   256  N N   . SER A 1 57  ? -13.284 0.710   11.092  1.00 16.31 ? 36  SER A N   1 
ATOM   257  C CA  . SER A 1 57  ? -12.042 1.490   11.020  1.00 16.11 ? 36  SER A CA  1 
ATOM   258  C C   . SER A 1 57  ? -11.350 1.549   12.379  1.00 19.94 ? 36  SER A C   1 
ATOM   259  O O   . SER A 1 57  ? -10.125 1.598   12.461  1.00 20.80 ? 36  SER A O   1 
ATOM   260  C CB  . SER A 1 57  ? -12.274 2.894   10.442  1.00 19.96 ? 36  SER A CB  1 
ATOM   261  O OG  . SER A 1 57  ? -13.079 3.694   11.291  1.00 25.80 ? 36  SER A OG  1 
ATOM   262  N N   . GLU A 1 58  ? -12.134 1.512   13.452  1.00 19.80 ? 37  GLU A N   1 
ATOM   263  C CA  . GLU A 1 58  ? -11.570 1.540   14.799  1.00 21.18 ? 37  GLU A CA  1 
ATOM   264  C C   . GLU A 1 58  ? -10.703 0.321   15.108  1.00 18.08 ? 37  GLU A C   1 
ATOM   265  O O   . GLU A 1 58  ? -9.861  0.359   16.008  1.00 25.85 ? 37  GLU A O   1 
ATOM   266  C CB  . GLU A 1 58  ? -12.695 1.656   15.840  1.00 24.68 ? 37  GLU A CB  1 
ATOM   267  C CG  . GLU A 1 58  ? -13.547 2.920   15.709  1.00 38.28 ? 37  GLU A CG  1 
ATOM   268  C CD  . GLU A 1 58  ? -14.669 2.815   14.670  1.00 43.82 ? 37  GLU A CD  1 
ATOM   269  O OE1 . GLU A 1 58  ? -14.815 1.761   14.007  1.00 29.65 ? 37  GLU A OE1 1 
ATOM   270  O OE2 . GLU A 1 58  ? -15.420 3.805   14.523  1.00 55.31 ? 37  GLU A OE2 1 
ATOM   271  N N   . ASN A 1 59  ? -10.913 -0.762  14.365  1.00 19.26 ? 38  ASN A N   1 
ATOM   272  C CA  . ASN A 1 59  ? -10.217 -2.015  14.627  1.00 20.40 ? 38  ASN A CA  1 
ATOM   273  C C   . ASN A 1 59  ? -8.936  -2.140  13.820  1.00 20.14 ? 38  ASN A C   1 
ATOM   274  O O   . ASN A 1 59  ? -8.215  -3.129  13.937  1.00 19.64 ? 38  ASN A O   1 
ATOM   275  C CB  . ASN A 1 59  ? -11.120 -3.206  14.306  1.00 22.67 ? 38  ASN A CB  1 
ATOM   276  C CG  . ASN A 1 59  ? -12.399 -3.199  15.118  1.00 29.51 ? 38  ASN A CG  1 
ATOM   277  O OD1 . ASN A 1 59  ? -13.491 -3.346  14.575  1.00 37.57 ? 38  ASN A OD1 1 
ATOM   278  N ND2 . ASN A 1 59  ? -12.266 -3.018  16.426  1.00 32.26 ? 38  ASN A ND2 1 
ATOM   279  N N   . TRP A 1 60  ? -8.675  -1.141  12.984  1.00 15.76 ? 39  TRP A N   1 
ATOM   280  C CA  . TRP A 1 60  ? -7.555  -1.210  12.059  1.00 16.32 ? 39  TRP A CA  1 
ATOM   281  C C   . TRP A 1 60  ? -6.614  -0.020  12.166  1.00 15.65 ? 39  TRP A C   1 
ATOM   282  O O   . TRP A 1 60  ? -7.045  1.130   12.208  1.00 19.23 ? 39  TRP A O   1 
ATOM   283  C CB  . TRP A 1 60  ? -8.076  -1.296  10.622  1.00 14.18 ? 39  TRP A CB  1 
ATOM   284  C CG  . TRP A 1 60  ? -8.499  -2.672  10.212  1.00 15.23 ? 39  TRP A CG  1 
ATOM   285  C CD1 . TRP A 1 60  ? -9.755  -3.214  10.298  1.00 17.81 ? 39  TRP A CD1 1 
ATOM   286  C CD2 . TRP A 1 60  ? -7.665  -3.683  9.644   1.00 14.78 ? 39  TRP A CD2 1 
ATOM   287  N NE1 . TRP A 1 60  ? -9.747  -4.502  9.815   1.00 15.20 ? 39  TRP A NE1 1 
ATOM   288  C CE2 . TRP A 1 60  ? -8.474  -4.814  9.408   1.00 15.47 ? 39  TRP A CE2 1 
ATOM   289  C CE3 . TRP A 1 60  ? -6.307  -3.742  9.310   1.00 15.24 ? 39  TRP A CE3 1 
ATOM   290  C CZ2 . TRP A 1 60  ? -7.970  -5.991  8.857   1.00 17.45 ? 39  TRP A CZ2 1 
ATOM   291  C CZ3 . TRP A 1 60  ? -5.811  -4.906  8.767   1.00 17.01 ? 39  TRP A CZ3 1 
ATOM   292  C CH2 . TRP A 1 60  ? -6.636  -6.016  8.543   1.00 18.76 ? 39  TRP A CH2 1 
ATOM   293  N N   . ARG A 1 61  ? -5.322  -0.314  12.171  1.00 14.13 ? 40  ARG A N   1 
ATOM   294  C CA  . ARG A 1 61  ? -4.299  0.691   11.944  1.00 14.53 ? 40  ARG A CA  1 
ATOM   295  C C   . ARG A 1 61  ? -3.822  0.526   10.498  1.00 11.67 ? 40  ARG A C   1 
ATOM   296  O O   . ARG A 1 61  ? -3.333  -0.537  10.129  1.00 14.88 ? 40  ARG A O   1 
ATOM   297  C CB  . ARG A 1 61  ? -3.137  0.462   12.901  1.00 15.72 ? 40  ARG A CB  1 
ATOM   298  C CG  . ARG A 1 61  ? -1.922  1.341   12.635  1.00 15.84 ? 40  ARG A CG  1 
ATOM   299  C CD  . ARG A 1 61  ? -0.747  0.841   13.462  1.00 24.92 ? 40  ARG A CD  1 
ATOM   300  N NE  . ARG A 1 61  ? 0.446   1.657   13.279  1.00 27.14 ? 40  ARG A NE  1 
ATOM   301  C CZ  . ARG A 1 61  ? 1.689   1.196   13.391  1.00 26.43 ? 40  ARG A CZ  1 
ATOM   302  N NH1 . ARG A 1 61  ? 1.905   -0.087  13.662  1.00 24.79 ? 40  ARG A NH1 1 
ATOM   303  N NH2 . ARG A 1 61  ? 2.715   2.019   13.207  1.00 26.83 ? 40  ARG A NH2 1 
ATOM   304  N N   . VAL A 1 62  ? -3.976  1.577   9.699   1.00 11.03 ? 41  VAL A N   1 
ATOM   305  C CA  . VAL A 1 62  ? -3.663  1.521   8.271   1.00 13.31 ? 41  VAL A CA  1 
ATOM   306  C C   . VAL A 1 62  ? -2.619  2.603   7.969   1.00 12.65 ? 41  VAL A C   1 
ATOM   307  O O   . VAL A 1 62  ? -2.742  3.729   8.449   1.00 14.33 ? 41  VAL A O   1 
ATOM   308  C CB  . VAL A 1 62  ? -4.933  1.786   7.413   1.00 12.45 ? 41  VAL A CB  1 
ATOM   309  C CG1 . VAL A 1 62  ? -4.645  1.531   5.953   1.00 14.26 ? 41  VAL A CG1 1 
ATOM   310  C CG2 . VAL A 1 62  ? -6.113  0.912   7.892   1.00 14.42 ? 41  VAL A CG2 1 
ATOM   311  N N   . ASP A 1 63  ? -1.596  2.281   7.173   1.00 12.42 ? 42  ASP A N   1 
ATOM   312  C CA  . ASP A 1 63  ? -0.545  3.260   6.873   1.00 10.81 ? 42  ASP A CA  1 
ATOM   313  C C   . ASP A 1 63  ? 0.121   2.878   5.555   1.00 11.98 ? 42  ASP A C   1 
ATOM   314  O O   . ASP A 1 63  ? -0.199  1.840   4.959   1.00 11.85 ? 42  ASP A O   1 
ATOM   315  C CB  . ASP A 1 63  ? 0.475   3.277   8.024   1.00 12.56 ? 42  ASP A CB  1 
ATOM   316  C CG  . ASP A 1 63  ? 1.421   4.476   7.998   1.00 12.75 ? 42  ASP A CG  1 
ATOM   317  O OD1 . ASP A 1 63  ? 1.164   5.477   7.293   1.00 13.31 ? 42  ASP A OD1 1 
ATOM   318  O OD2 . ASP A 1 63  ? 2.417   4.411   8.753   1.00 16.96 ? 42  ASP A OD2 1 
ATOM   319  N N   . SER A 1 64  ? 1.025   3.729   5.081   1.00 10.82 ? 43  SER A N   1 
ATOM   320  C CA  . SER A 1 64  ? 1.804   3.395   3.906   1.00 10.71 ? 43  SER A CA  1 
ATOM   321  C C   . SER A 1 64  ? 3.211   3.979   4.036   1.00 11.50 ? 43  SER A C   1 
ATOM   322  O O   . SER A 1 64  ? 3.424   4.965   4.735   1.00 10.96 ? 43  SER A O   1 
ATOM   323  C CB  . SER A 1 64  ? 1.107   3.865   2.617   1.00 11.56 ? 43  SER A CB  1 
ATOM   324  O OG  . SER A 1 64  ? 0.940   5.281   2.584   1.00 11.97 ? 43  SER A OG  1 
ATOM   325  N N   . ALA A 1 65  ? 4.165   3.350   3.356   1.00 9.79  ? 44  ALA A N   1 
ATOM   326  C CA  . ALA A 1 65  ? 5.558   3.762   3.419   1.00 10.54 ? 44  ALA A CA  1 
ATOM   327  C C   . ALA A 1 65  ? 6.298   3.359   2.150   1.00 11.16 ? 44  ALA A C   1 
ATOM   328  O O   . ALA A 1 65  ? 5.792   2.586   1.335   1.00 10.53 ? 44  ALA A O   1 
ATOM   329  C CB  . ALA A 1 65  ? 6.244   3.152   4.646   1.00 12.10 ? 44  ALA A CB  1 
ATOM   330  N N   . ALA A 1 66  ? 7.507   3.894   1.995   1.00 9.21  ? 45  ALA A N   1 
ATOM   331  C CA  . ALA A 1 66  ? 8.310   3.714   0.787   1.00 9.44  ? 45  ALA A CA  1 
ATOM   332  C C   . ALA A 1 66  ? 9.494   2.808   1.053   1.00 12.51 ? 45  ALA A C   1 
ATOM   333  O O   . ALA A 1 66  ? 10.024  2.800   2.155   1.00 12.87 ? 45  ALA A O   1 
ATOM   334  C CB  . ALA A 1 66  ? 8.838   5.074   0.340   1.00 11.16 ? 45  ALA A CB  1 
ATOM   335  N N   . THR A 1 67  ? 9.964   2.094   0.038   1.00 10.80 ? 46  THR A N   1 
ATOM   336  C CA  . THR A 1 67  ? 11.242  1.406   0.192   1.00 10.23 ? 46  THR A CA  1 
ATOM   337  C C   . THR A 1 67  ? 12.408  2.392   0.036   1.00 12.10 ? 46  THR A C   1 
ATOM   338  O O   . THR A 1 67  ? 13.482  2.187   0.607   1.00 17.09 ? 46  THR A O   1 
ATOM   339  C CB  . THR A 1 67  ? 11.423  0.283   -0.837  1.00 11.19 ? 46  THR A CB  1 
ATOM   340  O OG1 . THR A 1 67  ? 11.397  0.848   -2.151  1.00 12.79 ? 46  THR A OG1 1 
ATOM   341  C CG2 . THR A 1 67  ? 10.295  -0.732  -0.715  1.00 12.98 ? 46  THR A CG2 1 
ATOM   342  N N   . SER A 1 68  ? 12.185  3.473   -0.716  1.00 11.39 ? 47  SER A N   1 
ATOM   343  C CA  . SER A 1 68  ? 13.249  4.432   -1.023  1.00 12.28 ? 47  SER A CA  1 
ATOM   344  C C   . SER A 1 68  ? 13.102  5.757   -0.282  1.00 10.89 ? 47  SER A C   1 
ATOM   345  O O   . SER A 1 68  ? 12.050  6.059   0.286   1.00 12.43 ? 47  SER A O   1 
ATOM   346  C CB  . SER A 1 68  ? 13.284  4.725   -2.530  1.00 13.07 ? 47  SER A CB  1 
ATOM   347  O OG  . SER A 1 68  ? 12.338  5.722   -2.879  1.00 12.56 ? 47  SER A OG  1 
ATOM   348  N N   . GLY A 1 69  ? 14.157  6.566   -0.345  1.00 12.58 ? 48  GLY A N   1 
ATOM   349  C CA  . GLY A 1 69  ? 14.113  7.915   0.195   1.00 13.88 ? 48  GLY A CA  1 
ATOM   350  C C   . GLY A 1 69  ? 13.859  9.009   -0.835  1.00 14.31 ? 48  GLY A C   1 
ATOM   351  O O   . GLY A 1 69  ? 14.063  10.185  -0.544  1.00 15.72 ? 48  GLY A O   1 
ATOM   352  N N   . TYR A 1 70  ? 13.393  8.644   -2.027  1.00 11.31 ? 49  TYR A N   1 
ATOM   353  C CA  . TYR A 1 70  ? 13.244  9.626   -3.105  1.00 12.54 ? 49  TYR A CA  1 
ATOM   354  C C   . TYR A 1 70  ? 12.252  10.744  -2.803  1.00 14.47 ? 49  TYR A C   1 
ATOM   355  O O   . TYR A 1 70  ? 12.425  11.871  -3.286  1.00 15.77 ? 49  TYR A O   1 
ATOM   356  C CB  . TYR A 1 70  ? 12.819  8.960   -4.415  1.00 11.81 ? 49  TYR A CB  1 
ATOM   357  C CG  . TYR A 1 70  ? 13.945  8.420   -5.277  1.00 11.55 ? 49  TYR A CG  1 
ATOM   358  C CD1 . TYR A 1 70  ? 14.818  9.280   -5.928  1.00 12.47 ? 49  TYR A CD1 1 
ATOM   359  C CD2 . TYR A 1 70  ? 14.106  7.052   -5.468  1.00 11.28 ? 49  TYR A CD2 1 
ATOM   360  C CE1 . TYR A 1 70  ? 15.825  8.795   -6.740  1.00 14.27 ? 49  TYR A CE1 1 
ATOM   361  C CE2 . TYR A 1 70  ? 15.117  6.550   -6.278  1.00 13.79 ? 49  TYR A CE2 1 
ATOM   362  C CZ  . TYR A 1 70  ? 15.976  7.433   -6.899  1.00 14.38 ? 49  TYR A CZ  1 
ATOM   363  O OH  . TYR A 1 70  ? 16.984  6.970   -7.719  1.00 15.16 ? 49  TYR A OH  1 
ATOM   364  N N   . GLU A 1 71  ? 11.197  10.438  -2.052  1.00 12.16 ? 50  GLU A N   1 
ATOM   365  C CA  . GLU A 1 71  ? 10.086  11.375  -1.899  1.00 12.00 ? 50  GLU A CA  1 
ATOM   366  C C   . GLU A 1 71  ? 9.733   11.730  -0.462  1.00 13.08 ? 50  GLU A C   1 
ATOM   367  O O   . GLU A 1 71  ? 8.668   12.310  -0.216  1.00 12.71 ? 50  GLU A O   1 
ATOM   368  C CB  . GLU A 1 71  ? 8.822   10.804  -2.554  1.00 13.40 ? 50  GLU A CB  1 
ATOM   369  C CG  . GLU A 1 71  ? 8.817   10.841  -4.055  1.00 15.35 ? 50  GLU A CG  1 
ATOM   370  C CD  . GLU A 1 71  ? 8.743   12.261  -4.592  1.00 17.84 ? 50  GLU A CD  1 
ATOM   371  O OE1 . GLU A 1 71  ? 8.070   13.121  -3.976  1.00 18.01 ? 50  GLU A OE1 1 
ATOM   372  O OE2 . GLU A 1 71  ? 9.367   12.515  -5.617  1.00 21.61 ? 50  GLU A OE2 1 
ATOM   373  N N   . ILE A 1 72  ? 10.596  11.391  0.488   1.00 13.45 ? 51  ILE A N   1 
ATOM   374  C CA  A ILE A 1 72  ? 10.289  11.615  1.897   0.57 13.56 ? 51  ILE A CA  1 
ATOM   375  C CA  B ILE A 1 72  ? 10.316  11.625  1.903   0.43 13.58 ? 51  ILE A CA  1 
ATOM   376  C C   . ILE A 1 72  ? 9.777   13.031  2.139   1.00 15.43 ? 51  ILE A C   1 
ATOM   377  O O   . ILE A 1 72  ? 10.410  14.021  1.736   1.00 14.54 ? 51  ILE A O   1 
ATOM   378  C CB  A ILE A 1 72  ? 11.509  11.344  2.789   0.57 15.96 ? 51  ILE A CB  1 
ATOM   379  C CB  B ILE A 1 72  ? 11.582  11.439  2.760   0.43 15.91 ? 51  ILE A CB  1 
ATOM   380  C CG1 A ILE A 1 72  ? 11.895  9.868   2.708   0.57 15.91 ? 51  ILE A CG1 1 
ATOM   381  C CG1 B ILE A 1 72  ? 12.225  10.083  2.469   0.43 16.73 ? 51  ILE A CG1 1 
ATOM   382  C CG2 A ILE A 1 72  ? 11.214  11.730  4.233   0.57 15.61 ? 51  ILE A CG2 1 
ATOM   383  C CG2 B ILE A 1 72  ? 11.255  11.581  4.243   0.43 15.62 ? 51  ILE A CG2 1 
ATOM   384  C CD1 A ILE A 1 72  ? 13.197  9.556   3.389   0.57 13.24 ? 51  ILE A CD1 1 
ATOM   385  C CD1 B ILE A 1 72  ? 11.305  8.914   2.712   0.43 15.14 ? 51  ILE A CD1 1 
ATOM   386  N N   . GLY A 1 73  ? 8.619   13.116  2.787   1.00 14.33 ? 52  GLY A N   1 
ATOM   387  C CA  . GLY A 1 73  ? 8.031   14.394  3.148   1.00 17.35 ? 52  GLY A CA  1 
ATOM   388  C C   . GLY A 1 73  ? 6.988   14.934  2.187   1.00 16.45 ? 52  GLY A C   1 
ATOM   389  O O   . GLY A 1 73  ? 6.273   15.881  2.521   1.00 16.78 ? 52  GLY A O   1 
ATOM   390  N N   . ASN A 1 74  ? 6.884   14.333  1.010   1.00 13.96 ? 53  ASN A N   1 
ATOM   391  C CA  . ASN A 1 74  ? 5.997   14.851  -0.022  1.00 14.26 ? 53  ASN A CA  1 
ATOM   392  C C   . ASN A 1 74  ? 4.595   14.250  -0.005  1.00 14.59 ? 53  ASN A C   1 
ATOM   393  O O   . ASN A 1 74  ? 4.380   13.129  0.491   1.00 13.26 ? 53  ASN A O   1 
ATOM   394  C CB  . ASN A 1 74  ? 6.631   14.651  -1.383  1.00 15.51 ? 53  ASN A CB  1 
ATOM   395  C CG  . ASN A 1 74  ? 7.844   15.536  -1.575  1.00 18.35 ? 53  ASN A CG  1 
ATOM   396  O OD1 . ASN A 1 74  ? 8.009   16.540  -0.866  1.00 20.89 ? 53  ASN A OD1 1 
ATOM   397  N ND2 . ASN A 1 74  ? 8.694   15.177  -2.524  1.00 17.83 ? 53  ASN A ND2 1 
ATOM   398  N N   . PRO A 1 75  ? 3.623   14.991  -0.538  1.00 10.88 ? 54  PRO A N   1 
ATOM   399  C CA  . PRO A 1 75  ? 2.250   14.492  -0.636  1.00 12.21 ? 54  PRO A CA  1 
ATOM   400  C C   . PRO A 1 75  ? 2.070   13.577  -1.845  1.00 10.89 ? 54  PRO A C   1 
ATOM   401  O O   . PRO A 1 75  ? 2.964   13.473  -2.695  1.00 13.01 ? 54  PRO A O   1 
ATOM   402  C CB  . PRO A 1 75  ? 1.438   15.771  -0.844  1.00 12.91 ? 54  PRO A CB  1 
ATOM   403  C CG  . PRO A 1 75  ? 2.374   16.615  -1.675  1.00 13.19 ? 54  PRO A CG  1 
ATOM   404  C CD  . PRO A 1 75  ? 3.749   16.356  -1.096  1.00 12.37 ? 54  PRO A CD  1 
ATOM   405  N N   . PRO A 1 76  ? 0.916   12.904  -1.933  1.00 11.26 ? 55  PRO A N   1 
ATOM   406  C CA  . PRO A 1 76  ? 0.711   12.010  -3.066  1.00 13.42 ? 55  PRO A CA  1 
ATOM   407  C C   . PRO A 1 76  ? 0.792   12.766  -4.383  1.00 13.18 ? 55  PRO A C   1 
ATOM   408  O O   . PRO A 1 76  ? 0.373   13.931  -4.493  1.00 13.45 ? 55  PRO A O   1 
ATOM   409  C CB  . PRO A 1 76  ? -0.706  11.474  -2.827  1.00 13.41 ? 55  PRO A CB  1 
ATOM   410  C CG  . PRO A 1 76  ? -0.861  11.518  -1.324  1.00 14.56 ? 55  PRO A CG  1 
ATOM   411  C CD  . PRO A 1 76  ? -0.171  12.807  -0.943  1.00 15.52 ? 55  PRO A CD  1 
ATOM   412  N N   . ASP A 1 77  ? 1.340   12.109  -5.397  1.00 11.91 ? 56  ASP A N   1 
ATOM   413  C CA  . ASP A 1 77  ? 1.431   12.750  -6.700  1.00 13.03 ? 56  ASP A CA  1 
ATOM   414  C C   . ASP A 1 77  ? 0.045   13.193  -7.157  1.00 11.43 ? 56  ASP A C   1 
ATOM   415  O O   . ASP A 1 77  ? -0.918  12.427  -7.056  1.00 13.73 ? 56  ASP A O   1 
ATOM   416  C CB  . ASP A 1 77  ? 2.030   11.807  -7.723  1.00 12.78 ? 56  ASP A CB  1 
ATOM   417  C CG  . ASP A 1 77  ? 2.465   12.535  -8.964  1.00 16.06 ? 56  ASP A CG  1 
ATOM   418  O OD1 . ASP A 1 77  ? 1.604   12.762  -9.846  1.00 16.94 ? 56  ASP A OD1 1 
ATOM   419  O OD2 . ASP A 1 77  ? 3.658   12.891  -9.030  1.00 20.32 ? 56  ASP A OD2 1 
ATOM   420  N N   . TYR A 1 78  ? -0.062  14.413  -7.675  1.00 12.35 ? 57  TYR A N   1 
ATOM   421  C CA  . TYR A 1 78  ? -1.382  14.899  -8.055  1.00 13.09 ? 57  TYR A CA  1 
ATOM   422  C C   . TYR A 1 78  ? -2.049  14.079  -9.168  1.00 12.93 ? 57  TYR A C   1 
ATOM   423  O O   . TYR A 1 78  ? -3.274  14.061  -9.262  1.00 13.58 ? 57  TYR A O   1 
ATOM   424  C CB  . TYR A 1 78  ? -1.391  16.406  -8.369  1.00 15.24 ? 57  TYR A CB  1 
ATOM   425  C CG  . TYR A 1 78  ? -2.804  16.942  -8.337  1.00 14.47 ? 57  TYR A CG  1 
ATOM   426  C CD1 . TYR A 1 78  ? -3.411  17.269  -7.135  1.00 14.76 ? 57  TYR A CD1 1 
ATOM   427  C CD2 . TYR A 1 78  ? -3.549  17.063  -9.506  1.00 20.28 ? 57  TYR A CD2 1 
ATOM   428  C CE1 . TYR A 1 78  ? -4.725  17.715  -7.092  1.00 16.77 ? 57  TYR A CE1 1 
ATOM   429  C CE2 . TYR A 1 78  ? -4.853  17.515  -9.472  1.00 18.17 ? 57  TYR A CE2 1 
ATOM   430  C CZ  . TYR A 1 78  ? -5.435  17.842  -8.273  1.00 19.81 ? 57  TYR A CZ  1 
ATOM   431  O OH  . TYR A 1 78  ? -6.740  18.285  -8.257  1.00 23.85 ? 57  TYR A OH  1 
ATOM   432  N N   . ARG A 1 79  ? -1.267  13.386  -9.993  1.00 13.70 ? 58  ARG A N   1 
ATOM   433  C CA  . ARG A 1 79  ? -1.869  12.499  -10.996 1.00 13.52 ? 58  ARG A CA  1 
ATOM   434  C C   . ARG A 1 79  ? -2.681  11.397  -10.326 1.00 15.34 ? 58  ARG A C   1 
ATOM   435  O O   . ARG A 1 79  ? -3.744  11.004  -10.818 1.00 16.16 ? 58  ARG A O   1 
ATOM   436  C CB  . ARG A 1 79  ? -0.811  11.897  -11.916 1.00 14.54 ? 58  ARG A CB  1 
ATOM   437  C CG  . ARG A 1 79  ? -0.202  12.947  -12.842 1.00 13.52 ? 58  ARG A CG  1 
ATOM   438  C CD  . ARG A 1 79  ? 0.813   12.330  -13.765 1.00 14.68 ? 58  ARG A CD  1 
ATOM   439  N NE  . ARG A 1 79  ? 2.041   11.982  -13.061 1.00 15.92 ? 58  ARG A NE  1 
ATOM   440  C CZ  . ARG A 1 79  ? 2.929   11.095  -13.503 1.00 13.47 ? 58  ARG A CZ  1 
ATOM   441  N NH1 . ARG A 1 79  ? 2.716   10.440  -14.639 1.00 15.72 ? 58  ARG A NH1 1 
ATOM   442  N NH2 . ARG A 1 79  ? 4.021   10.856  -12.797 1.00 15.40 ? 58  ARG A NH2 1 
ATOM   443  N N   . GLY A 1 80  ? -2.183  10.910  -9.193  1.00 13.30 ? 59  GLY A N   1 
ATOM   444  C CA  . GLY A 1 80  ? -2.934  9.947   -8.402  1.00 15.00 ? 59  GLY A CA  1 
ATOM   445  C C   . GLY A 1 80  ? -4.129  10.590  -7.718  1.00 15.61 ? 59  GLY A C   1 
ATOM   446  O O   . GLY A 1 80  ? -5.198  9.982   -7.623  1.00 16.22 ? 59  GLY A O   1 
ATOM   447  N N   . GLN A 1 81  ? -3.959  11.821  -7.241  1.00 14.72 ? 60  GLN A N   1 
ATOM   448  C CA  . GLN A 1 81  ? -5.081  12.551  -6.653  1.00 16.32 ? 60  GLN A CA  1 
ATOM   449  C C   . GLN A 1 81  ? -6.231  12.762  -7.634  1.00 14.99 ? 60  GLN A C   1 
ATOM   450  O O   . GLN A 1 81  ? -7.401  12.668  -7.252  1.00 19.46 ? 60  GLN A O   1 
ATOM   451  C CB  . GLN A 1 81  ? -4.637  13.917  -6.128  1.00 19.03 ? 60  GLN A CB  1 
ATOM   452  C CG  . GLN A 1 81  ? -3.762  13.869  -4.898  1.00 17.38 ? 60  GLN A CG  1 
ATOM   453  C CD  . GLN A 1 81  ? -4.526  13.506  -3.618  1.00 18.81 ? 60  GLN A CD  1 
ATOM   454  O OE1 . GLN A 1 81  ? -5.674  13.055  -3.654  1.00 19.13 ? 60  GLN A OE1 1 
ATOM   455  N NE2 . GLN A 1 81  ? -3.885  13.719  -2.489  1.00 17.58 ? 60  GLN A NE2 1 
ATOM   456  N N   . SER A 1 82  ? -5.910  13.093  -8.881  1.00 16.41 ? 61  SER A N   1 
ATOM   457  C CA  A SER A 1 82  ? -6.940  13.305  -9.893  0.42 19.30 ? 61  SER A CA  1 
ATOM   458  C CA  B SER A 1 82  ? -6.936  13.302  -9.900  0.58 19.30 ? 61  SER A CA  1 
ATOM   459  C C   . SER A 1 82  ? -7.791  12.050  -10.032 1.00 19.15 ? 61  SER A C   1 
ATOM   460  O O   . SER A 1 82  ? -9.018  12.126  -10.090 1.00 20.02 ? 61  SER A O   1 
ATOM   461  C CB  A SER A 1 82  ? -6.317  13.667  -11.240 0.42 20.27 ? 61  SER A CB  1 
ATOM   462  C CB  B SER A 1 82  ? -6.296  13.652  -11.244 0.58 20.26 ? 61  SER A CB  1 
ATOM   463  O OG  A SER A 1 82  ? -7.324  13.952  -12.196 0.42 21.99 ? 61  SER A OG  1 
ATOM   464  O OG  B SER A 1 82  ? -5.680  14.927  -11.191 0.58 23.63 ? 61  SER A OG  1 
ATOM   465  N N   . CYS A 1 83  ? -7.124  10.901  -10.066 1.00 16.60 ? 62  CYS A N   1 
ATOM   466  C CA  . CYS A 1 83  ? -7.797  9.617   -10.156 1.00 16.31 ? 62  CYS A CA  1 
ATOM   467  C C   . CYS A 1 83  ? -8.655  9.394   -8.916  1.00 19.02 ? 62  CYS A C   1 
ATOM   468  O O   . CYS A 1 83  ? -9.835  9.047   -9.009  1.00 19.52 ? 62  CYS A O   1 
ATOM   469  C CB  . CYS A 1 83  ? -6.753  8.509   -10.293 1.00 15.84 ? 62  CYS A CB  1 
ATOM   470  S SG  . CYS A 1 83  ? -7.427  6.839   -10.257 1.00 20.07 ? 62  CYS A SG  1 
ATOM   471  N N   . MET A 1 84  ? -8.075  9.610   -7.743  1.00 13.50 ? 63  MET A N   1 
ATOM   472  C CA  . MET A 1 84  ? -8.828  9.390   -6.501  1.00 17.32 ? 63  MET A CA  1 
ATOM   473  C C   . MET A 1 84  ? -10.036 10.328  -6.365  1.00 17.06 ? 63  MET A C   1 
ATOM   474  O O   . MET A 1 84  ? -11.080 9.930   -5.850  1.00 21.13 ? 63  MET A O   1 
ATOM   475  C CB  . MET A 1 84  ? -7.900  9.467   -5.279  1.00 16.75 ? 63  MET A CB  1 
ATOM   476  C CG  . MET A 1 84  ? -6.891  8.332   -5.228  1.00 15.31 ? 63  MET A CG  1 
ATOM   477  S SD  . MET A 1 84  ? -7.684  6.747   -4.806  1.00 17.08 ? 63  MET A SD  1 
ATOM   478  C CE  . MET A 1 84  ? -7.560  6.815   -3.015  1.00 15.66 ? 63  MET A CE  1 
ATOM   479  N N   . LYS A 1 85  ? -9.897  11.567  -6.826  1.00 19.08 ? 64  LYS A N   1 
ATOM   480  C CA  . LYS A 1 85  ? -11.005 12.522  -6.769  1.00 20.61 ? 64  LYS A CA  1 
ATOM   481  C C   . LYS A 1 85  ? -12.166 12.088  -7.665  1.00 20.75 ? 64  LYS A C   1 
ATOM   482  O O   . LYS A 1 85  ? -13.332 12.259  -7.300  1.00 22.18 ? 64  LYS A O   1 
ATOM   483  C CB  . LYS A 1 85  ? -10.540 13.933  -7.130  1.00 21.46 ? 64  LYS A CB  1 
ATOM   484  C CG  . LYS A 1 85  ? -9.670  14.587  -6.063  1.00 23.65 ? 64  LYS A CG  1 
ATOM   485  C CD  . LYS A 1 85  ? -9.302  16.016  -6.462  1.00 26.53 ? 64  LYS A CD  1 
ATOM   486  C CE  . LYS A 1 85  ? -8.524  16.709  -5.353  1.00 29.29 ? 64  LYS A CE  1 
ATOM   487  N NZ  . LYS A 1 85  ? -8.311  18.154  -5.650  1.00 32.49 ? 64  LYS A NZ  1 
ATOM   488  N N   . ARG A 1 86  ? -11.841 11.528  -8.827  1.00 19.38 ? 65  ARG A N   1 
ATOM   489  C CA  . ARG A 1 86  ? -12.842 10.958  -9.730  1.00 22.72 ? 65  ARG A CA  1 
ATOM   490  C C   . ARG A 1 86  ? -13.680 9.902   -9.021  1.00 25.03 ? 65  ARG A C   1 
ATOM   491  O O   . ARG A 1 86  ? -14.888 9.790   -9.247  1.00 24.26 ? 65  ARG A O   1 
ATOM   492  C CB  . ARG A 1 86  ? -12.166 10.286  -10.922 1.00 22.03 ? 65  ARG A CB  1 
ATOM   493  C CG  . ARG A 1 86  ? -12.244 11.027  -12.231 1.00 43.48 ? 65  ARG A CG  1 
ATOM   494  C CD  . ARG A 1 86  ? -12.331 10.045  -13.405 1.00 37.24 ? 65  ARG A CD  1 
ATOM   495  N NE  . ARG A 1 86  ? -11.396 8.921   -13.311 1.00 34.42 ? 65  ARG A NE  1 
ATOM   496  C CZ  . ARG A 1 86  ? -10.075 9.038   -13.413 1.00 30.11 ? 65  ARG A CZ  1 
ATOM   497  N NH1 . ARG A 1 86  ? -9.527  10.234  -13.585 1.00 32.37 ? 65  ARG A NH1 1 
ATOM   498  N NH2 . ARG A 1 86  ? -9.299  7.960   -13.334 1.00 26.81 ? 65  ARG A NH2 1 
ATOM   499  N N   . HIS A 1 87  ? -13.024 9.113   -8.174  1.00 19.27 ? 66  HIS A N   1 
ATOM   500  C CA  . HIS A 1 87  ? -13.672 7.988   -7.512  1.00 19.51 ? 66  HIS A CA  1 
ATOM   501  C C   . HIS A 1 87  ? -14.225 8.371   -6.144  1.00 21.10 ? 66  HIS A C   1 
ATOM   502  O O   . HIS A 1 87  ? -14.810 7.546   -5.446  1.00 24.38 ? 66  HIS A O   1 
ATOM   503  C CB  . HIS A 1 87  ? -12.695 6.811   -7.393  1.00 18.41 ? 66  HIS A CB  1 
ATOM   504  C CG  . HIS A 1 87  ? -12.348 6.186   -8.709  1.00 19.85 ? 66  HIS A CG  1 
ATOM   505  N ND1 . HIS A 1 87  ? -13.234 5.399   -9.413  1.00 20.58 ? 66  HIS A ND1 1 
ATOM   506  C CD2 . HIS A 1 87  ? -11.221 6.248   -9.456  1.00 18.72 ? 66  HIS A CD2 1 
ATOM   507  C CE1 . HIS A 1 87  ? -12.663 4.995   -10.536 1.00 21.08 ? 66  HIS A CE1 1 
ATOM   508  N NE2 . HIS A 1 87  ? -11.442 5.497   -10.585 1.00 21.78 ? 66  HIS A NE2 1 
ATOM   509  N N   . GLY A 1 88  ? -14.032 9.629   -5.763  1.00 21.95 ? 67  GLY A N   1 
ATOM   510  C CA  . GLY A 1 88  ? -14.598 10.146  -4.533  1.00 21.82 ? 67  GLY A CA  1 
ATOM   511  C C   . GLY A 1 88  ? -13.955 9.617   -3.267  1.00 21.91 ? 67  GLY A C   1 
ATOM   512  O O   . GLY A 1 88  ? -14.613 9.488   -2.234  1.00 27.79 ? 67  GLY A O   1 
ATOM   513  N N   . ILE A 1 89  ? -12.661 9.315   -3.336  1.00 19.25 ? 68  ILE A N   1 
ATOM   514  C CA  . ILE A 1 89  ? -11.930 8.867   -2.153  1.00 19.26 ? 68  ILE A CA  1 
ATOM   515  C C   . ILE A 1 89  ? -10.843 9.877   -1.789  1.00 23.50 ? 68  ILE A C   1 
ATOM   516  O O   . ILE A 1 89  ? -9.804  9.918   -2.432  1.00 19.64 ? 68  ILE A O   1 
ATOM   517  C CB  . ILE A 1 89  ? -11.291 7.482   -2.371  1.00 18.50 ? 68  ILE A CB  1 
ATOM   518  C CG1 . ILE A 1 89  ? -12.333 6.489   -2.899  1.00 21.30 ? 68  ILE A CG1 1 
ATOM   519  C CG2 . ILE A 1 89  ? -10.646 6.975   -1.070  1.00 19.06 ? 68  ILE A CG2 1 
ATOM   520  C CD1 . ILE A 1 89  ? -11.842 5.057   -2.933  1.00 24.75 ? 68  ILE A CD1 1 
ATOM   521  N N   . PRO A 1 90  ? -11.090 10.714  -0.766  1.00 27.00 ? 69  PRO A N   1 
ATOM   522  C CA  . PRO A 1 90  ? -10.025 11.627  -0.333  1.00 24.09 ? 69  PRO A CA  1 
ATOM   523  C C   . PRO A 1 90  ? -8.744  10.884  0.071   1.00 19.91 ? 69  PRO A C   1 
ATOM   524  O O   . PRO A 1 90  ? -8.794  9.786   0.626   1.00 25.31 ? 69  PRO A O   1 
ATOM   525  C CB  . PRO A 1 90  ? -10.651 12.353  0.859   1.00 29.68 ? 69  PRO A CB  1 
ATOM   526  C CG  . PRO A 1 90  ? -12.118 12.370  0.528   1.00 29.87 ? 69  PRO A CG  1 
ATOM   527  C CD  . PRO A 1 90  ? -12.381 11.029  -0.124  1.00 27.10 ? 69  PRO A CD  1 
ATOM   528  N N   . MET A 1 91  ? -7.606  11.490  -0.254  1.00 20.48 ? 70  MET A N   1 
ATOM   529  C CA  . MET A 1 91  ? -6.308  10.892  0.022   1.00 18.96 ? 70  MET A CA  1 
ATOM   530  C C   . MET A 1 91  ? -5.361  11.951  0.574   1.00 13.34 ? 70  MET A C   1 
ATOM   531  O O   . MET A 1 91  ? -5.190  13.023  -0.019  1.00 15.85 ? 70  MET A O   1 
ATOM   532  C CB  . MET A 1 91  ? -5.738  10.261  -1.253  1.00 17.99 ? 70  MET A CB  1 
ATOM   533  C CG  . MET A 1 91  ? -4.341  9.681   -1.095  1.00 17.71 ? 70  MET A CG  1 
ATOM   534  S SD  . MET A 1 91  ? -3.835  8.715   -2.542  1.00 14.55 ? 70  MET A SD  1 
ATOM   535  C CE  . MET A 1 91  ? -3.864  9.994   -3.812  1.00 13.45 ? 70  MET A CE  1 
ATOM   536  N N   . SER A 1 92  ? -4.776  11.652  1.731   1.00 14.10 ? 71  SER A N   1 
ATOM   537  C CA  . SER A 1 92  ? -3.831  12.551  2.387   1.00 12.45 ? 71  SER A CA  1 
ATOM   538  C C   . SER A 1 92  ? -2.730  11.707  3.020   1.00 14.63 ? 71  SER A C   1 
ATOM   539  O O   . SER A 1 92  ? -3.014  10.736  3.718   1.00 15.51 ? 71  SER A O   1 
ATOM   540  C CB  . SER A 1 92  ? -4.541  13.393  3.455   1.00 20.46 ? 71  SER A CB  1 
ATOM   541  O OG  . SER A 1 92  ? -3.615  14.195  4.165   1.00 34.31 ? 71  SER A OG  1 
ATOM   542  N N   . HIS A 1 93  ? -1.476  12.067  2.764   1.00 13.73 ? 72  HIS A N   1 
ATOM   543  C CA  . HIS A 1 93  ? -0.335  11.319  3.285   1.00 12.61 ? 72  HIS A CA  1 
ATOM   544  C C   . HIS A 1 93  ? 0.934   12.148  3.161   1.00 13.02 ? 72  HIS A C   1 
ATOM   545  O O   . HIS A 1 93  ? 1.063   12.954  2.233   1.00 12.72 ? 72  HIS A O   1 
ATOM   546  C CB  . HIS A 1 93  ? -0.148  10.005  2.507   1.00 11.90 ? 72  HIS A CB  1 
ATOM   547  C CG  . HIS A 1 93  ? 0.838   9.060   3.141   1.00 11.13 ? 72  HIS A CG  1 
ATOM   548  N ND1 . HIS A 1 93  ? 0.577   8.404   4.326   1.00 13.71 ? 72  HIS A ND1 1 
ATOM   549  C CD2 . HIS A 1 93  ? 2.054   8.638   2.729   1.00 10.36 ? 72  HIS A CD2 1 
ATOM   550  C CE1 . HIS A 1 93  ? 1.612   7.640   4.633   1.00 12.90 ? 72  HIS A CE1 1 
ATOM   551  N NE2 . HIS A 1 93  ? 2.522   7.763   3.684   1.00 10.94 ? 72  HIS A NE2 1 
ATOM   552  N N   . VAL A 1 94  ? 1.848   11.956  4.105   1.00 12.70 ? 73  VAL A N   1 
ATOM   553  C CA  . VAL A 1 94  ? 3.199   12.489  4.014   1.00 13.85 ? 73  VAL A CA  1 
ATOM   554  C C   . VAL A 1 94  ? 4.130   11.308  3.740   1.00 12.65 ? 73  VAL A C   1 
ATOM   555  O O   . VAL A 1 94  ? 4.189   10.365  4.545   1.00 12.92 ? 73  VAL A O   1 
ATOM   556  C CB  . VAL A 1 94  ? 3.618   13.157  5.335   1.00 13.92 ? 73  VAL A CB  1 
ATOM   557  C CG1 . VAL A 1 94  ? 5.046   13.633  5.249   1.00 14.99 ? 73  VAL A CG1 1 
ATOM   558  C CG2 . VAL A 1 94  ? 2.689   14.333  5.655   1.00 14.71 ? 73  VAL A CG2 1 
ATOM   559  N N   . ALA A 1 95  ? 4.824   11.314  2.603   1.00 11.39 ? 74  ALA A N   1 
ATOM   560  C CA  . ALA A 1 95  ? 5.648   10.149  2.275   1.00 10.60 ? 74  ALA A CA  1 
ATOM   561  C C   . ALA A 1 95  ? 6.697   9.898   3.341   1.00 11.08 ? 74  ALA A C   1 
ATOM   562  O O   . ALA A 1 95  ? 7.322   10.824  3.860   1.00 12.44 ? 74  ALA A O   1 
ATOM   563  C CB  . ALA A 1 95  ? 6.311   10.308  0.920   1.00 12.88 ? 74  ALA A CB  1 
ATOM   564  N N   . ARG A 1 96  ? 6.898   8.623   3.669   1.00 10.78 ? 75  ARG A N   1 
ATOM   565  C CA  . ARG A 1 96  ? 7.906   8.259   4.657   1.00 12.65 ? 75  ARG A CA  1 
ATOM   566  C C   . ARG A 1 96  ? 8.511   6.932   4.249   1.00 11.75 ? 75  ARG A C   1 
ATOM   567  O O   . ARG A 1 96  ? 7.880   6.139   3.557   1.00 13.38 ? 75  ARG A O   1 
ATOM   568  C CB  . ARG A 1 96  ? 7.310   8.149   6.060   1.00 14.13 ? 75  ARG A CB  1 
ATOM   569  C CG  . ARG A 1 96  ? 6.423   6.933   6.284   1.00 15.47 ? 75  ARG A CG  1 
ATOM   570  C CD  . ARG A 1 96  ? 6.096   6.785   7.762   1.00 18.50 ? 75  ARG A CD  1 
ATOM   571  N NE  . ARG A 1 96  ? 5.345   5.576   8.078   1.00 17.60 ? 75  ARG A NE  1 
ATOM   572  C CZ  . ARG A 1 96  ? 5.883   4.389   8.346   1.00 14.90 ? 75  ARG A CZ  1 
ATOM   573  N NH1 . ARG A 1 96  ? 7.200   4.218   8.306   1.00 16.74 ? 75  ARG A NH1 1 
ATOM   574  N NH2 . ARG A 1 96  ? 5.086   3.369   8.647   1.00 15.46 ? 75  ARG A NH2 1 
ATOM   575  N N   . GLN A 1 97  ? 9.738   6.690   4.680   1.00 11.50 ? 76  GLN A N   1 
ATOM   576  C CA  . GLN A 1 97  ? 10.407  5.453   4.317   1.00 11.41 ? 76  GLN A CA  1 
ATOM   577  C C   . GLN A 1 97  ? 10.132  4.391   5.370   1.00 14.50 ? 76  GLN A C   1 
ATOM   578  O O   . GLN A 1 97  ? 9.985   4.710   6.548   1.00 15.16 ? 76  GLN A O   1 
ATOM   579  C CB  . GLN A 1 97  ? 11.907  5.689   4.173   1.00 15.26 ? 76  GLN A CB  1 
ATOM   580  C CG  . GLN A 1 97  ? 12.689  4.507   3.629   1.00 15.10 ? 76  GLN A CG  1 
ATOM   581  C CD  . GLN A 1 97  ? 14.100  4.895   3.225   1.00 18.01 ? 76  GLN A CD  1 
ATOM   582  O OE1 . GLN A 1 97  ? 14.623  5.930   3.651   1.00 23.39 ? 76  GLN A OE1 1 
ATOM   583  N NE2 . GLN A 1 97  ? 14.716  4.082   2.372   1.00 20.31 ? 76  GLN A NE2 1 
ATOM   584  N N   . ILE A 1 98  ? 10.045  3.137   4.936   1.00 12.73 ? 77  ILE A N   1 
ATOM   585  C CA  . ILE A 1 98  ? 9.892   2.013   5.853   1.00 14.02 ? 77  ILE A CA  1 
ATOM   586  C C   . ILE A 1 98  ? 11.013  2.047   6.886   1.00 13.56 ? 77  ILE A C   1 
ATOM   587  O O   . ILE A 1 98  ? 12.158  2.421   6.568   1.00 14.84 ? 77  ILE A O   1 
ATOM   588  C CB  . ILE A 1 98  ? 9.933   0.681   5.085   1.00 15.46 ? 77  ILE A CB  1 
ATOM   589  C CG1 . ILE A 1 98  ? 9.698   -0.492  6.040   1.00 26.29 ? 77  ILE A CG1 1 
ATOM   590  C CG2 . ILE A 1 98  ? 11.240  0.518   4.374   1.00 20.40 ? 77  ILE A CG2 1 
ATOM   591  C CD1 . ILE A 1 98  ? 8.408   -1.204  5.785   1.00 16.33 ? 77  ILE A CD1 1 
ATOM   592  N N   . THR A 1 99  ? 10.683  1.665   8.122   1.00 15.68 ? 78  THR A N   1 
ATOM   593  C CA  . THR A 1 99  ? 11.662  1.636   9.209   1.00 16.39 ? 78  THR A CA  1 
ATOM   594  C C   . THR A 1 99  ? 11.722  0.258   9.836   1.00 14.16 ? 78  THR A C   1 
ATOM   595  O O   . THR A 1 99  ? 10.835  -0.563  9.639   1.00 16.04 ? 78  THR A O   1 
ATOM   596  C CB  . THR A 1 99  ? 11.283  2.592   10.343  1.00 20.22 ? 78  THR A CB  1 
ATOM   597  O OG1 . THR A 1 99  ? 10.065  2.140   10.953  1.00 24.07 ? 78  THR A OG1 1 
ATOM   598  C CG2 . THR A 1 99  ? 11.094  4.008   9.816   1.00 22.80 ? 78  THR A CG2 1 
ATOM   599  N N   . LYS A 1 100 ? 12.770  0.031   10.622  1.00 17.06 ? 79  LYS A N   1 
ATOM   600  C CA  . LYS A 1 100 ? 12.921  -1.233  11.330  1.00 15.01 ? 79  LYS A CA  1 
ATOM   601  C C   . LYS A 1 100 ? 11.721  -1.520  12.222  1.00 14.84 ? 79  LYS A C   1 
ATOM   602  O O   . LYS A 1 100 ? 11.300  -2.655  12.354  1.00 14.80 ? 79  LYS A O   1 
ATOM   603  C CB  . LYS A 1 100 ? 14.198  -1.207  12.172  1.00 19.20 ? 79  LYS A CB  1 
ATOM   604  C CG  . LYS A 1 100 ? 15.470  -1.272  11.358  1.00 24.39 ? 79  LYS A CG  1 
ATOM   605  C CD  . LYS A 1 100 ? 16.685  -1.364  12.267  1.00 27.75 ? 79  LYS A CD  1 
ATOM   606  C CE  . LYS A 1 100 ? 17.938  -1.651  11.462  1.00 40.60 ? 79  LYS A CE  1 
ATOM   607  N NZ  . LYS A 1 100 ? 19.099  -1.960  12.343  1.00 48.07 ? 79  LYS A NZ  1 
ATOM   608  N N   . GLU A 1 101 ? 11.170  -0.481  12.833  1.00 14.41 ? 80  GLU A N   1 
ATOM   609  C CA  . GLU A 1 101 ? 10.042  -0.649  13.731  1.00 14.68 ? 80  GLU A CA  1 
ATOM   610  C C   . GLU A 1 101 ? 8.818   -1.229  13.032  1.00 13.14 ? 80  GLU A C   1 
ATOM   611  O O   . GLU A 1 101 ? 8.041   -1.982  13.619  1.00 14.01 ? 80  GLU A O   1 
ATOM   612  C CB  . GLU A 1 101 ? 9.694   0.693   14.375  1.00 18.92 ? 80  GLU A CB  1 
ATOM   613  C CG  . GLU A 1 101 ? 8.673   0.594   15.470  1.00 20.04 ? 80  GLU A CG  1 
ATOM   614  C CD  . GLU A 1 101 ? 8.465   1.918   16.195  1.00 25.06 ? 80  GLU A CD  1 
ATOM   615  O OE1 . GLU A 1 101 ? 8.877   2.969   15.661  1.00 28.35 ? 80  GLU A OE1 1 
ATOM   616  O OE2 . GLU A 1 101 ? 7.888   1.899   17.302  1.00 31.58 ? 80  GLU A OE2 1 
ATOM   617  N N   . ASP A 1 102 ? 8.649   -0.883  11.756  1.00 13.67 ? 81  ASP A N   1 
ATOM   618  C CA  . ASP A 1 102 ? 7.468   -1.319  11.027  1.00 11.74 ? 81  ASP A CA  1 
ATOM   619  C C   . ASP A 1 102 ? 7.334   -2.835  10.981  1.00 12.69 ? 81  ASP A C   1 
ATOM   620  O O   . ASP A 1 102 ? 6.224   -3.369  10.974  1.00 12.06 ? 81  ASP A O   1 
ATOM   621  C CB  . ASP A 1 102 ? 7.505   -0.747  9.608   1.00 11.45 ? 81  ASP A CB  1 
ATOM   622  C CG  . ASP A 1 102 ? 7.244   0.744   9.581   1.00 15.44 ? 81  ASP A CG  1 
ATOM   623  O OD1 . ASP A 1 102 ? 6.410   1.234   10.379  1.00 16.97 ? 81  ASP A OD1 1 
ATOM   624  O OD2 . ASP A 1 102 ? 7.885   1.434   8.764   1.00 18.91 ? 81  ASP A OD2 1 
ATOM   625  N N   . PHE A 1 103 ? 8.461   -3.534  10.930  1.00 13.71 ? 82  PHE A N   1 
ATOM   626  C CA  . PHE A 1 103 ? 8.423   -4.992  10.888  1.00 13.71 ? 82  PHE A CA  1 
ATOM   627  C C   . PHE A 1 103 ? 7.903   -5.600  12.181  1.00 12.94 ? 82  PHE A C   1 
ATOM   628  O O   . PHE A 1 103 ? 7.362   -6.712  12.184  1.00 13.57 ? 82  PHE A O   1 
ATOM   629  C CB  . PHE A 1 103 ? 9.797   -5.544  10.515  1.00 12.66 ? 82  PHE A CB  1 
ATOM   630  C CG  . PHE A 1 103 ? 10.248  -5.109  9.147   1.00 13.22 ? 82  PHE A CG  1 
ATOM   631  C CD1 . PHE A 1 103 ? 9.768   -5.757  8.019   1.00 15.54 ? 82  PHE A CD1 1 
ATOM   632  C CD2 . PHE A 1 103 ? 11.108  -4.028  8.990   1.00 14.32 ? 82  PHE A CD2 1 
ATOM   633  C CE1 . PHE A 1 103 ? 10.159  -5.351  6.755   1.00 17.22 ? 82  PHE A CE1 1 
ATOM   634  C CE2 . PHE A 1 103 ? 11.504  -3.609  7.713   1.00 17.23 ? 82  PHE A CE2 1 
ATOM   635  C CZ  . PHE A 1 103 ? 11.022  -4.272  6.607   1.00 15.03 ? 82  PHE A CZ  1 
ATOM   636  N N   . ALA A 1 104 ? 8.059   -4.855  13.269  1.00 14.97 ? 83  ALA A N   1 
ATOM   637  C CA  . ALA A 1 104 ? 7.659   -5.356  14.577  1.00 14.53 ? 83  ALA A CA  1 
ATOM   638  C C   . ALA A 1 104 ? 6.203   -5.039  14.855  1.00 16.04 ? 83  ALA A C   1 
ATOM   639  O O   . ALA A 1 104 ? 5.518   -5.795  15.544  1.00 19.36 ? 83  ALA A O   1 
ATOM   640  C CB  . ALA A 1 104 ? 8.539   -4.756  15.657  1.00 16.45 ? 83  ALA A CB  1 
ATOM   641  N N   . THR A 1 105 ? 5.717   -3.926  14.310  1.00 15.21 ? 84  THR A N   1 
ATOM   642  C CA  . THR A 1 105 ? 4.387   -3.451  14.706  1.00 16.06 ? 84  THR A CA  1 
ATOM   643  C C   . THR A 1 105 ? 3.232   -3.845  13.772  1.00 17.62 ? 84  THR A C   1 
ATOM   644  O O   . THR A 1 105 ? 2.084   -3.945  14.206  1.00 18.11 ? 84  THR A O   1 
ATOM   645  C CB  . THR A 1 105 ? 4.385   -1.936  14.927  1.00 17.35 ? 84  THR A CB  1 
ATOM   646  O OG1 . THR A 1 105 ? 4.673   -1.282  13.689  1.00 17.38 ? 84  THR A OG1 1 
ATOM   647  C CG2 . THR A 1 105 ? 5.448   -1.542  15.948  1.00 17.18 ? 84  THR A CG2 1 
ATOM   648  N N   . PHE A 1 106 ? 3.527   -4.081  12.500  1.00 13.29 ? 85  PHE A N   1 
ATOM   649  C CA  . PHE A 1 106 ? 2.471   -4.356  11.531  1.00 13.83 ? 85  PHE A CA  1 
ATOM   650  C C   . PHE A 1 106 ? 2.210   -5.847  11.363  1.00 12.33 ? 85  PHE A C   1 
ATOM   651  O O   . PHE A 1 106 ? 3.146   -6.644  11.304  1.00 15.54 ? 85  PHE A O   1 
ATOM   652  C CB  . PHE A 1 106 ? 2.792   -3.700  10.174  1.00 12.85 ? 85  PHE A CB  1 
ATOM   653  C CG  . PHE A 1 106 ? 2.498   -2.232  10.144  1.00 11.77 ? 85  PHE A CG  1 
ATOM   654  C CD1 . PHE A 1 106 ? 3.501   -1.311  10.370  1.00 11.74 ? 85  PHE A CD1 1 
ATOM   655  C CD2 . PHE A 1 106 ? 1.196   -1.774  9.944   1.00 11.72 ? 85  PHE A CD2 1 
ATOM   656  C CE1 . PHE A 1 106 ? 3.223   0.046   10.352  1.00 13.04 ? 85  PHE A CE1 1 
ATOM   657  C CE2 . PHE A 1 106 ? 0.910   -0.418  9.933   1.00 11.14 ? 85  PHE A CE2 1 
ATOM   658  C CZ  . PHE A 1 106 ? 1.933   0.492   10.140  1.00 12.08 ? 85  PHE A CZ  1 
ATOM   659  N N   . ASP A 1 107 ? 0.935   -6.216  11.275  1.00 12.30 ? 86  ASP A N   1 
ATOM   660  C CA  . ASP A 1 107 ? 0.581   -7.602  11.005  1.00 14.74 ? 86  ASP A CA  1 
ATOM   661  C C   . ASP A 1 107 ? 0.880   -7.980  9.561   1.00 12.75 ? 86  ASP A C   1 
ATOM   662  O O   . ASP A 1 107 ? 1.328   -9.096  9.279   1.00 14.45 ? 86  ASP A O   1 
ATOM   663  C CB  . ASP A 1 107 ? -0.898  -7.851  11.279  1.00 13.22 ? 86  ASP A CB  1 
ATOM   664  C CG  . ASP A 1 107 ? -1.273  -7.627  12.731  1.00 18.16 ? 86  ASP A CG  1 
ATOM   665  O OD1 . ASP A 1 107 ? -0.502  -8.030  13.629  1.00 20.28 ? 86  ASP A OD1 1 
ATOM   666  O OD2 . ASP A 1 107 ? -2.356  -7.062  12.962  1.00 22.19 ? 86  ASP A OD2 1 
ATOM   667  N N   . TYR A 1 108 ? 0.630   -7.043  8.644   1.00 12.28 ? 87  TYR A N   1 
ATOM   668  C CA  . TYR A 1 108 ? 0.820   -7.294  7.213   1.00 13.37 ? 87  TYR A CA  1 
ATOM   669  C C   . TYR A 1 108 ? 1.536   -6.118  6.605   1.00 13.04 ? 87  TYR A C   1 
ATOM   670  O O   . TYR A 1 108 ? 1.216   -4.972  6.923   1.00 12.40 ? 87  TYR A O   1 
ATOM   671  C CB  . TYR A 1 108 ? -0.525  -7.474  6.519   1.00 13.31 ? 87  TYR A CB  1 
ATOM   672  C CG  . TYR A 1 108 ? -1.176  -8.794  6.844   1.00 17.71 ? 87  TYR A CG  1 
ATOM   673  C CD1 . TYR A 1 108 ? -0.879  -9.920  6.094   1.00 22.72 ? 87  TYR A CD1 1 
ATOM   674  C CD2 . TYR A 1 108 ? -2.057  -8.916  7.909   1.00 27.00 ? 87  TYR A CD2 1 
ATOM   675  C CE1 . TYR A 1 108 ? -1.449  -11.135 6.380   1.00 24.52 ? 87  TYR A CE1 1 
ATOM   676  C CE2 . TYR A 1 108 ? -2.637  -10.136 8.204   1.00 22.55 ? 87  TYR A CE2 1 
ATOM   677  C CZ  . TYR A 1 108 ? -2.322  -11.237 7.436   1.00 26.36 ? 87  TYR A CZ  1 
ATOM   678  O OH  . TYR A 1 108 ? -2.884  -12.463 7.713   1.00 37.24 ? 87  TYR A OH  1 
ATOM   679  N N   . ILE A 1 109 ? 2.512   -6.411  5.750   1.00 11.66 ? 88  ILE A N   1 
ATOM   680  C CA  . ILE A 1 109 ? 3.119   -5.381  4.913   1.00 10.39 ? 88  ILE A CA  1 
ATOM   681  C C   . ILE A 1 109 ? 2.882   -5.841  3.481   1.00 11.06 ? 88  ILE A C   1 
ATOM   682  O O   . ILE A 1 109 ? 3.393   -6.888  3.070   1.00 12.95 ? 88  ILE A O   1 
ATOM   683  C CB  . ILE A 1 109 ? 4.612   -5.204  5.192   1.00 12.14 ? 88  ILE A CB  1 
ATOM   684  C CG1 . ILE A 1 109 ? 4.799   -4.713  6.631   1.00 12.70 ? 88  ILE A CG1 1 
ATOM   685  C CG2 . ILE A 1 109 ? 5.236   -4.184  4.219   1.00 11.60 ? 88  ILE A CG2 1 
ATOM   686  C CD1 . ILE A 1 109 ? 6.257   -4.722  7.110   1.00 14.14 ? 88  ILE A CD1 1 
ATOM   687  N N   . LEU A 1 110 ? 2.089   -5.073  2.739   1.00 10.78 ? 89  LEU A N   1 
ATOM   688  C CA  . LEU A 1 110 ? 1.637   -5.479  1.424   1.00 11.13 ? 89  LEU A CA  1 
ATOM   689  C C   . LEU A 1 110 ? 2.226   -4.518  0.404   1.00 10.73 ? 89  LEU A C   1 
ATOM   690  O O   . LEU A 1 110 ? 1.956   -3.313  0.452   1.00 11.48 ? 89  LEU A O   1 
ATOM   691  C CB  . LEU A 1 110 ? 0.112   -5.464  1.369   1.00 10.37 ? 89  LEU A CB  1 
ATOM   692  C CG  . LEU A 1 110 ? -0.582  -6.352  2.402   1.00 13.64 ? 89  LEU A CG  1 
ATOM   693  C CD1 . LEU A 1 110 ? -2.078  -6.254  2.211   1.00 13.13 ? 89  LEU A CD1 1 
ATOM   694  C CD2 . LEU A 1 110 ? -0.088  -7.794  2.286   1.00 14.57 ? 89  LEU A CD2 1 
ATOM   695  N N   . CYS A 1 111 ? 3.039   -5.053  -0.508  1.00 11.12 ? 90  CYS A N   1 
ATOM   696  C CA  . CYS A 1 111 ? 3.782   -4.200  -1.442  1.00 11.36 ? 90  CYS A CA  1 
ATOM   697  C C   . CYS A 1 111 ? 3.382   -4.429  -2.897  1.00 12.75 ? 90  CYS A C   1 
ATOM   698  O O   . CYS A 1 111 ? 2.572   -5.296  -3.202  1.00 12.65 ? 90  CYS A O   1 
ATOM   699  C CB  . CYS A 1 111 ? 5.284   -4.389  -1.258  1.00 11.17 ? 90  CYS A CB  1 
ATOM   700  S SG  . CYS A 1 111 ? 5.852   -6.039  -1.710  1.00 13.35 ? 90  CYS A SG  1 
ATOM   701  N N   . MET A 1 112 ? 3.949   -3.638  -3.809  1.00 12.02 ? 91  MET A N   1 
ATOM   702  C CA  . MET A 1 112 ? 3.395   -3.561  -5.162  1.00 10.84 ? 91  MET A CA  1 
ATOM   703  C C   . MET A 1 112 ? 4.059   -4.460  -6.191  1.00 11.91 ? 91  MET A C   1 
ATOM   704  O O   . MET A 1 112 ? 3.380   -5.014  -7.060  1.00 14.13 ? 91  MET A O   1 
ATOM   705  C CB  . MET A 1 112 ? 3.418   -2.109  -5.657  1.00 10.59 ? 91  MET A CB  1 
ATOM   706  C CG  . MET A 1 112 ? 2.735   -1.131  -4.702  1.00 13.77 ? 91  MET A CG  1 
ATOM   707  S SD  . MET A 1 112 ? 0.996   -1.533  -4.474  1.00 13.59 ? 91  MET A SD  1 
ATOM   708  C CE  . MET A 1 112 ? 0.726   -0.805  -2.853  1.00 14.08 ? 91  MET A CE  1 
ATOM   709  N N   . ASP A 1 113 ? 5.374   -4.594  -6.114  1.00 11.46 ? 92  ASP A N   1 
ATOM   710  C CA  . ASP A 1 113 ? 6.086   -5.357  -7.140  1.00 11.68 ? 92  ASP A CA  1 
ATOM   711  C C   . ASP A 1 113 ? 7.245   -6.161  -6.550  1.00 15.65 ? 92  ASP A C   1 
ATOM   712  O O   . ASP A 1 113 ? 7.527   -6.076  -5.357  1.00 13.59 ? 92  ASP A O   1 
ATOM   713  C CB  . ASP A 1 113 ? 6.535   -4.440  -8.299  1.00 14.86 ? 92  ASP A CB  1 
ATOM   714  C CG  . ASP A 1 113 ? 7.514   -3.363  -7.869  1.00 13.65 ? 92  ASP A CG  1 
ATOM   715  O OD1 . ASP A 1 113 ? 8.417   -3.658  -7.059  1.00 14.49 ? 92  ASP A OD1 1 
ATOM   716  O OD2 . ASP A 1 113 ? 7.399   -2.221  -8.384  1.00 14.79 ? 92  ASP A OD2 1 
ATOM   717  N N   . GLU A 1 114 ? 7.902   -6.938  -7.400  1.00 15.54 ? 93  GLU A N   1 
ATOM   718  C CA  A GLU A 1 114 ? 8.944   -7.863  -6.948  0.73 15.43 ? 93  GLU A CA  1 
ATOM   719  C CA  B GLU A 1 114 ? 8.923   -7.884  -6.994  0.27 15.51 ? 93  GLU A CA  1 
ATOM   720  C C   . GLU A 1 114 ? 10.131  -7.102  -6.501  1.00 12.33 ? 93  GLU A C   1 
ATOM   721  O O   . GLU A 1 114 ? 10.753  -7.637  -5.584  1.00 13.61 ? 93  GLU A O   1 
ATOM   722  C CB  A GLU A 1 114 ? 9.370   -8.787  -8.098  0.73 17.32 ? 93  GLU A CB  1 
ATOM   723  C CB  B GLU A 1 114 ? 9.302   -8.791  -8.166  0.27 17.49 ? 93  GLU A CB  1 
ATOM   724  C CG  A GLU A 1 114 ? 8.216   -9.407  -8.882  0.73 22.62 ? 93  GLU A CG  1 
ATOM   725  C CG  B GLU A 1 114 ? 8.314   -9.919  -8.417  0.27 23.36 ? 93  GLU A CG  1 
ATOM   726  C CD  A GLU A 1 114 ? 7.860   -8.628  -10.159 0.73 22.49 ? 93  GLU A CD  1 
ATOM   727  C CD  B GLU A 1 114 ? 8.299   -10.931 -7.281  0.27 24.02 ? 93  GLU A CD  1 
ATOM   728  O OE1 A GLU A 1 114 ? 7.771   -7.373  -10.125 0.73 18.44 ? 93  GLU A OE1 1 
ATOM   729  O OE1 B GLU A 1 114 ? 9.223   -10.894 -6.443  0.27 24.72 ? 93  GLU A OE1 1 
ATOM   730  O OE2 A GLU A 1 114 ? 7.669   -9.287  -11.206 0.73 26.31 ? 93  GLU A OE2 1 
ATOM   731  O OE2 B GLU A 1 114 ? 7.371   -11.762 -7.213  0.27 27.79 ? 93  GLU A OE2 1 
ATOM   732  N N   . SER A 1 115 ? 10.449  -5.942  -6.889  1.00 13.34 ? 94  SER A N   1 
ATOM   733  C CA  . SER A 1 115 ? 11.549  -5.158  -6.349  1.00 11.62 ? 94  SER A CA  1 
ATOM   734  C C   . SER A 1 115 ? 11.223  -4.694  -4.937  1.00 11.25 ? 94  SER A C   1 
ATOM   735  O O   . SER A 1 115 ? 12.077  -4.763  -4.055  1.00 12.39 ? 94  SER A O   1 
ATOM   736  C CB  . SER A 1 115 ? 11.847  -3.955  -7.237  1.00 15.12 ? 94  SER A CB  1 
ATOM   737  O OG  . SER A 1 115 ? 12.235  -4.397  -8.534  1.00 18.94 ? 94  SER A OG  1 
ATOM   738  N N   . ASN A 1 116 ? 10.000  -4.202  -4.737  1.00 12.38 ? 95  ASN A N   1 
ATOM   739  C CA  . ASN A 1 116 ? 9.568   -3.829  -3.384  1.00 10.95 ? 95  ASN A CA  1 
ATOM   740  C C   . ASN A 1 116 ? 9.686   -5.030  -2.452  1.00 12.08 ? 95  ASN A C   1 
ATOM   741  O O   . ASN A 1 116 ? 10.148  -4.902  -1.318  1.00 11.78 ? 95  ASN A O   1 
ATOM   742  C CB  . ASN A 1 116 ? 8.092   -3.406  -3.323  1.00 10.63 ? 95  ASN A CB  1 
ATOM   743  C CG  . ASN A 1 116 ? 7.729   -2.225  -4.203  1.00 11.14 ? 95  ASN A CG  1 
ATOM   744  O OD1 . ASN A 1 116 ? 6.564   -2.107  -4.576  1.00 13.02 ? 95  ASN A OD1 1 
ATOM   745  N ND2 . ASN A 1 116 ? 8.683   -1.341  -4.521  1.00 12.62 ? 95  ASN A ND2 1 
ATOM   746  N N   . LEU A 1 117 ? 9.217   -6.186  -2.921  1.00 11.91 ? 96  LEU A N   1 
ATOM   747  C CA  . LEU A 1 117 ? 9.203   -7.389  -2.090  1.00 12.83 ? 96  LEU A CA  1 
ATOM   748  C C   . LEU A 1 117 ? 10.619  -7.778  -1.670  1.00 12.62 ? 96  LEU A C   1 
ATOM   749  O O   . LEU A 1 117 ? 10.878  -8.064  -0.498  1.00 14.51 ? 96  LEU A O   1 
ATOM   750  C CB  . LEU A 1 117 ? 8.509   -8.538  -2.816  1.00 14.90 ? 96  LEU A CB  1 
ATOM   751  C CG  . LEU A 1 117 ? 8.297   -9.807  -1.992  1.00 11.98 ? 96  LEU A CG  1 
ATOM   752  C CD1 . LEU A 1 117 ? 7.348   -9.533  -0.837  1.00 16.59 ? 96  LEU A CD1 1 
ATOM   753  C CD2 . LEU A 1 117 ? 7.734   -10.891 -2.897  1.00 13.81 ? 96  LEU A CD2 1 
ATOM   754  N N   . ARG A 1 118 ? 11.538  -7.779  -2.633  1.00 12.86 ? 97  ARG A N   1 
ATOM   755  C CA  A ARG A 1 118 ? 12.929  -8.079  -2.357  0.58 14.03 ? 97  ARG A CA  1 
ATOM   756  C CA  B ARG A 1 118 ? 12.927  -8.079  -2.348  0.42 14.03 ? 97  ARG A CA  1 
ATOM   757  C C   . ARG A 1 118 ? 13.534  -7.105  -1.348  1.00 13.04 ? 97  ARG A C   1 
ATOM   758  O O   . ARG A 1 118 ? 14.190  -7.511  -0.397  1.00 13.70 ? 97  ARG A O   1 
ATOM   759  C CB  A ARG A 1 118 ? 13.742  -8.069  -3.654  0.58 14.55 ? 97  ARG A CB  1 
ATOM   760  C CB  B ARG A 1 118 ? 13.742  -8.082  -3.638  0.42 14.55 ? 97  ARG A CB  1 
ATOM   761  C CG  A ARG A 1 118 ? 15.217  -8.363  -3.448  0.58 10.70 ? 97  ARG A CG  1 
ATOM   762  C CG  B ARG A 1 118 ? 13.395  -9.222  -4.558  0.42 15.22 ? 97  ARG A CG  1 
ATOM   763  C CD  A ARG A 1 118 ? 16.032  -7.868  -4.641  0.58 13.74 ? 97  ARG A CD  1 
ATOM   764  C CD  B ARG A 1 118 ? 14.504  -9.423  -5.555  0.42 15.66 ? 97  ARG A CD  1 
ATOM   765  N NE  A ARG A 1 118 ? 15.963  -6.415  -4.771  0.58 14.99 ? 97  ARG A NE  1 
ATOM   766  N NE  B ARG A 1 118 ? 14.569  -8.345  -6.533  0.42 18.73 ? 97  ARG A NE  1 
ATOM   767  C CZ  A ARG A 1 118 ? 15.748  -5.772  -5.912  0.58 10.30 ? 97  ARG A CZ  1 
ATOM   768  C CZ  B ARG A 1 118 ? 13.862  -8.324  -7.654  0.42 5.36  ? 97  ARG A CZ  1 
ATOM   769  N NH1 A ARG A 1 118 ? 15.569  -6.455  -7.031  0.58 13.43 ? 97  ARG A NH1 1 
ATOM   770  N NH1 B ARG A 1 118 ? 13.019  -9.299  -7.933  0.42 18.29 ? 97  ARG A NH1 1 
ATOM   771  N NH2 A ARG A 1 118 ? 15.708  -4.440  -5.933  0.58 14.07 ? 97  ARG A NH2 1 
ATOM   772  N NH2 B ARG A 1 118 ? 13.979  -7.300  -8.496  0.42 18.31 ? 97  ARG A NH2 1 
ATOM   773  N N   . ASP A 1 119 ? 13.322  -5.809  -1.551  1.00 11.97 ? 98  ASP A N   1 
ATOM   774  C CA  . ASP A 1 119 ? 13.867  -4.788  -0.655  1.00 12.15 ? 98  ASP A CA  1 
ATOM   775  C C   . ASP A 1 119 ? 13.322  -4.954  0.763   1.00 12.64 ? 98  ASP A C   1 
ATOM   776  O O   . ASP A 1 119 ? 14.037  -4.787  1.752   1.00 14.29 ? 98  ASP A O   1 
ATOM   777  C CB  . ASP A 1 119 ? 13.558  -3.384  -1.213  1.00 12.07 ? 98  ASP A CB  1 
ATOM   778  C CG  . ASP A 1 119 ? 14.414  -3.032  -2.431  1.00 14.30 ? 98  ASP A CG  1 
ATOM   779  O OD1 . ASP A 1 119 ? 15.395  -3.750  -2.724  1.00 17.84 ? 98  ASP A OD1 1 
ATOM   780  O OD2 . ASP A 1 119 ? 14.103  -2.022  -3.090  1.00 14.31 ? 98  ASP A OD2 1 
ATOM   781  N N   . LEU A 1 120 ? 12.026  -5.252  0.851   1.00 11.12 ? 99  LEU A N   1 
ATOM   782  C CA  . LEU A 1 120 ? 11.406  -5.425  2.168   1.00 11.62 ? 99  LEU A CA  1 
ATOM   783  C C   . LEU A 1 120 ? 11.973  -6.655  2.865   1.00 13.62 ? 99  LEU A C   1 
ATOM   784  O O   . LEU A 1 120 ? 12.276  -6.622  4.061   1.00 14.38 ? 99  LEU A O   1 
ATOM   785  C CB  . LEU A 1 120 ? 9.890   -5.544  2.057   1.00 12.79 ? 99  LEU A CB  1 
ATOM   786  C CG  . LEU A 1 120 ? 9.168   -4.231  1.719   1.00 13.05 ? 99  LEU A CG  1 
ATOM   787  C CD1 . LEU A 1 120 ? 7.726   -4.494  1.354   1.00 14.22 ? 99  LEU A CD1 1 
ATOM   788  C CD2 . LEU A 1 120 ? 9.257   -3.231  2.876   1.00 15.56 ? 99  LEU A CD2 1 
ATOM   789  N N   . ASN A 1 121 ? 12.118  -7.743  2.123   1.00 13.11 ? 100 ASN A N   1 
ATOM   790  C CA  . ASN A 1 121 ? 12.706  -8.938  2.727   1.00 13.00 ? 100 ASN A CA  1 
ATOM   791  C C   . ASN A 1 121 ? 14.147  -8.682  3.189   1.00 16.32 ? 100 ASN A C   1 
ATOM   792  O O   . ASN A 1 121 ? 14.550  -9.127  4.270   1.00 16.25 ? 100 ASN A O   1 
ATOM   793  C CB  . ASN A 1 121 ? 12.601  -10.138 1.783   1.00 13.15 ? 100 ASN A CB  1 
ATOM   794  C CG  . ASN A 1 121 ? 11.177  -10.666 1.667   1.00 16.81 ? 100 ASN A CG  1 
ATOM   795  O OD1 . ASN A 1 121 ? 10.408  -10.621 2.627   1.00 29.07 ? 100 ASN A OD1 1 
ATOM   796  N ND2 . ASN A 1 121 ? 10.830  -11.194 0.508   1.00 23.47 ? 100 ASN A ND2 1 
ATOM   797  N N   . ARG A 1 122 ? 14.918  -7.943  2.395   1.00 13.94 ? 101 ARG A N   1 
ATOM   798  C CA  . ARG A 1 122 ? 16.271  -7.592  2.810   1.00 15.49 ? 101 ARG A CA  1 
ATOM   799  C C   . ARG A 1 122 ? 16.275  -6.839  4.133   1.00 16.62 ? 101 ARG A C   1 
ATOM   800  O O   . ARG A 1 122 ? 17.030  -7.172  5.040   1.00 16.72 ? 101 ARG A O   1 
ATOM   801  C CB  . ARG A 1 122 ? 16.988  -6.774  1.731   1.00 17.55 ? 101 ARG A CB  1 
ATOM   802  C CG  . ARG A 1 122 ? 18.409  -6.371  2.131   1.00 18.38 ? 101 ARG A CG  1 
ATOM   803  C CD  . ARG A 1 122 ? 19.070  -5.486  1.084   1.00 21.31 ? 101 ARG A CD  1 
ATOM   804  N NE  . ARG A 1 122 ? 18.374  -4.213  0.932   1.00 24.86 ? 101 ARG A NE  1 
ATOM   805  C CZ  . ARG A 1 122 ? 18.552  -3.169  1.731   1.00 25.51 ? 101 ARG A CZ  1 
ATOM   806  N NH1 . ARG A 1 122 ? 19.410  -3.244  2.740   1.00 26.65 ? 101 ARG A NH1 1 
ATOM   807  N NH2 . ARG A 1 122 ? 17.874  -2.049  1.518   1.00 40.46 ? 101 ARG A NH2 1 
ATOM   808  N N   . LYS A 1 123 ? 15.428  -5.821  4.239   1.00 16.34 ? 102 LYS A N   1 
ATOM   809  C CA  . LYS A 1 123 ? 15.365  -5.030  5.458   1.00 15.95 ? 102 LYS A CA  1 
ATOM   810  C C   . LYS A 1 123 ? 14.855  -5.849  6.641   1.00 16.70 ? 102 LYS A C   1 
ATOM   811  O O   . LYS A 1 123 ? 15.332  -5.684  7.767   1.00 17.43 ? 102 LYS A O   1 
ATOM   812  C CB  . LYS A 1 123 ? 14.521  -3.773  5.223   1.00 17.37 ? 102 LYS A CB  1 
ATOM   813  C CG  . LYS A 1 123 ? 15.257  -2.714  4.424   1.00 27.47 ? 102 LYS A CG  1 
ATOM   814  C CD  . LYS A 1 123 ? 14.325  -1.676  3.813   1.00 35.70 ? 102 LYS A CD  1 
ATOM   815  C CE  . LYS A 1 123 ? 15.134  -0.609  3.081   1.00 41.40 ? 102 LYS A CE  1 
ATOM   816  N NZ  . LYS A 1 123 ? 14.309  0.222   2.155   1.00 25.23 ? 102 LYS A NZ  1 
ATOM   817  N N   . SER A 1 124 ? 13.911  -6.749  6.383   1.00 14.30 ? 103 SER A N   1 
ATOM   818  C CA  . SER A 1 124 ? 13.331  -7.569  7.454   1.00 16.27 ? 103 SER A CA  1 
ATOM   819  C C   . SER A 1 124 ? 14.386  -8.479  8.087   1.00 18.75 ? 103 SER A C   1 
ATOM   820  O O   . SER A 1 124 ? 14.295  -8.844  9.264   1.00 18.04 ? 103 SER A O   1 
ATOM   821  C CB  . SER A 1 124 ? 12.148  -8.393  6.932   1.00 16.59 ? 103 SER A CB  1 
ATOM   822  O OG  . SER A 1 124 ? 12.586  -9.574  6.273   1.00 18.02 ? 103 SER A OG  1 
ATOM   823  N N   . ASN A 1 125 ? 15.404  -8.836  7.316   1.00 17.37 ? 104 ASN A N   1 
ATOM   824  C CA  . ASN A 1 125 ? 16.439  -9.721  7.836   1.00 18.74 ? 104 ASN A CA  1 
ATOM   825  C C   . ASN A 1 125 ? 17.463  -8.990  8.698   1.00 21.88 ? 104 ASN A C   1 
ATOM   826  O O   . ASN A 1 125 ? 18.348  -9.614  9.293   1.00 25.37 ? 104 ASN A O   1 
ATOM   827  C CB  . ASN A 1 125 ? 17.112  -10.476 6.688   1.00 22.96 ? 104 ASN A CB  1 
ATOM   828  C CG  . ASN A 1 125 ? 16.229  -11.587 6.137   1.00 27.66 ? 104 ASN A CG  1 
ATOM   829  O OD1 . ASN A 1 125 ? 15.524  -12.264 6.890   1.00 39.22 ? 104 ASN A OD1 1 
ATOM   830  N ND2 . ASN A 1 125 ? 16.263  -11.779 4.828   1.00 36.89 ? 104 ASN A ND2 1 
ATOM   831  N N   . GLN A 1 126 ? 17.316  -7.671  8.792   1.00 22.17 ? 105 GLN A N   1 
ATOM   832  C CA  . GLN A 1 126 ? 18.204  -6.837  9.600   1.00 19.61 ? 105 GLN A CA  1 
ATOM   833  C C   . GLN A 1 126 ? 17.638  -6.548  10.989  1.00 19.81 ? 105 GLN A C   1 
ATOM   834  O O   . GLN A 1 126 ? 18.280  -5.868  11.792  1.00 29.05 ? 105 GLN A O   1 
ATOM   835  C CB  . GLN A 1 126 ? 18.482  -5.508  8.892   1.00 22.79 ? 105 GLN A CB  1 
ATOM   836  C CG  . GLN A 1 126 ? 19.195  -5.654  7.557   1.00 21.97 ? 105 GLN A CG  1 
ATOM   837  C CD  . GLN A 1 126 ? 19.399  -4.322  6.854   1.00 35.54 ? 105 GLN A CD  1 
ATOM   838  O OE1 . GLN A 1 126 ? 18.734  -3.331  7.163   1.00 34.71 ? 105 GLN A OE1 1 
ATOM   839  N NE2 . GLN A 1 126 ? 20.323  -4.294  5.900   1.00 40.88 ? 105 GLN A NE2 1 
ATOM   840  N N   . VAL A 1 127 ? 16.437  -7.051  11.267  1.00 16.85 ? 106 VAL A N   1 
ATOM   841  C CA  . VAL A 1 127 ? 15.779  -6.782  12.551  1.00 19.53 ? 106 VAL A CA  1 
ATOM   842  C C   . VAL A 1 127 ? 15.577  -8.040  13.399  1.00 20.09 ? 106 VAL A C   1 
ATOM   843  O O   . VAL A 1 127 ? 15.493  -9.155  12.882  1.00 21.69 ? 106 VAL A O   1 
ATOM   844  C CB  . VAL A 1 127 ? 14.418  -6.052  12.361  1.00 20.61 ? 106 VAL A CB  1 
ATOM   845  C CG1 . VAL A 1 127 ? 14.597  -4.835  11.462  1.00 23.52 ? 106 VAL A CG1 1 
ATOM   846  C CG2 . VAL A 1 127 ? 13.352  -6.992  11.808  1.00 18.51 ? 106 VAL A CG2 1 
ATOM   847  N N   . LYS A 1 128 ? 15.495  -7.837  14.710  1.00 21.43 ? 107 LYS A N   1 
ATOM   848  C CA  A LYS A 1 128 ? 15.270  -8.923  15.658  0.48 24.36 ? 107 LYS A CA  1 
ATOM   849  C CA  B LYS A 1 128 ? 15.272  -8.925  15.656  0.52 24.35 ? 107 LYS A CA  1 
ATOM   850  C C   . LYS A 1 128 ? 13.833  -9.433  15.589  1.00 25.30 ? 107 LYS A C   1 
ATOM   851  O O   . LYS A 1 128 ? 13.590  -10.641 15.554  1.00 26.21 ? 107 LYS A O   1 
ATOM   852  C CB  A LYS A 1 128 ? 15.579  -8.444  17.076  0.48 28.82 ? 107 LYS A CB  1 
ATOM   853  C CB  B LYS A 1 128 ? 15.597  -8.449  17.074  0.52 28.83 ? 107 LYS A CB  1 
ATOM   854  C CG  A LYS A 1 128 ? 15.192  -9.423  18.167  0.48 32.30 ? 107 LYS A CG  1 
ATOM   855  C CG  B LYS A 1 128 ? 15.443  -9.498  18.163  0.52 32.72 ? 107 LYS A CG  1 
ATOM   856  C CD  A LYS A 1 128 ? 15.140  -8.728  19.518  0.48 31.92 ? 107 LYS A CD  1 
ATOM   857  C CD  B LYS A 1 128 ? 15.860  -8.920  19.510  0.52 32.81 ? 107 LYS A CD  1 
ATOM   858  C CE  A LYS A 1 128 ? 14.642  -9.668  20.598  0.48 29.87 ? 107 LYS A CE  1 
ATOM   859  C CE  B LYS A 1 128 ? 15.680  -9.918  20.641  0.52 31.45 ? 107 LYS A CE  1 
ATOM   860  N NZ  A LYS A 1 128 ? 14.053  -8.917  21.734  0.48 27.17 ? 107 LYS A NZ  1 
ATOM   861  N NZ  B LYS A 1 128 ? 16.139  -9.345  21.938  0.52 36.22 ? 107 LYS A NZ  1 
ATOM   862  N N   . THR A 1 129 ? 12.881  -8.509  15.559  1.00 19.15 ? 108 THR A N   1 
ATOM   863  C CA  . THR A 1 129 ? 11.472  -8.875  15.594  1.00 16.01 ? 108 THR A CA  1 
ATOM   864  C C   . THR A 1 129 ? 10.759  -8.563  14.284  1.00 17.59 ? 108 THR A C   1 
ATOM   865  O O   . THR A 1 129 ? 10.604  -7.410  13.919  1.00 18.73 ? 108 THR A O   1 
ATOM   866  C CB  . THR A 1 129 ? 10.747  -8.162  16.748  1.00 21.98 ? 108 THR A CB  1 
ATOM   867  O OG1 . THR A 1 129 ? 11.385  -8.503  17.988  1.00 21.76 ? 108 THR A OG1 1 
ATOM   868  C CG2 . THR A 1 129 ? 9.288   -8.589  16.810  1.00 19.70 ? 108 THR A CG2 1 
ATOM   869  N N   . CYS A 1 130 ? 10.323  -9.605  13.586  1.00 16.59 ? 109 CYS A N   1 
ATOM   870  C CA  . CYS A 1 130 ? 9.520   -9.410  12.394  1.00 15.70 ? 109 CYS A CA  1 
ATOM   871  C C   . CYS A 1 130 ? 8.167   -10.090 12.564  1.00 18.09 ? 109 CYS A C   1 
ATOM   872  O O   . CYS A 1 130 ? 8.012   -11.272 12.272  1.00 19.43 ? 109 CYS A O   1 
ATOM   873  C CB  . CYS A 1 130 ? 10.240  -9.946  11.154  1.00 17.75 ? 109 CYS A CB  1 
ATOM   874  S SG  . CYS A 1 130 ? 9.422   -9.479  9.595   1.00 18.68 ? 109 CYS A SG  1 
ATOM   875  N N   . LYS A 1 131 ? 7.197   -9.341  13.073  1.00 15.34 ? 110 LYS A N   1 
ATOM   876  C CA  . LYS A 1 131 ? 5.835   -9.827  13.203  1.00 14.93 ? 110 LYS A CA  1 
ATOM   877  C C   . LYS A 1 131 ? 5.165   -9.874  11.847  1.00 17.88 ? 110 LYS A C   1 
ATOM   878  O O   . LYS A 1 131 ? 4.337   -10.745 11.582  1.00 18.83 ? 110 LYS A O   1 
ATOM   879  C CB  . LYS A 1 131 ? 5.020   -8.919  14.127  1.00 19.12 ? 110 LYS A CB  1 
ATOM   880  C CG  . LYS A 1 131 ? 3.606   -9.430  14.365  1.00 23.84 ? 110 LYS A CG  1 
ATOM   881  C CD  . LYS A 1 131 ? 2.834   -8.591  15.369  1.00 24.92 ? 110 LYS A CD  1 
ATOM   882  C CE  . LYS A 1 131 ? 2.525   -7.201  14.837  1.00 22.54 ? 110 LYS A CE  1 
ATOM   883  N NZ  . LYS A 1 131 ? 1.549   -6.487  15.730  1.00 22.48 ? 110 LYS A NZ  1 
ATOM   884  N N   . ALA A 1 132 ? 5.536   -8.925  10.990  1.00 15.36 ? 111 ALA A N   1 
ATOM   885  C CA  . ALA A 1 132 ? 4.854   -8.731  9.723   1.00 16.96 ? 111 ALA A CA  1 
ATOM   886  C C   . ALA A 1 132 ? 4.961   -9.910  8.781   1.00 14.80 ? 111 ALA A C   1 
ATOM   887  O O   . ALA A 1 132 ? 6.042   -10.457 8.575   1.00 17.16 ? 111 ALA A O   1 
ATOM   888  C CB  . ALA A 1 132 ? 5.394   -7.489  9.021   1.00 15.04 ? 111 ALA A CB  1 
ATOM   889  N N   . LYS A 1 133 ? 3.826   -10.279 8.200   1.00 14.04 ? 112 LYS A N   1 
ATOM   890  C CA  . LYS A 1 133 ? 3.814   -11.071 6.978   1.00 15.15 ? 112 LYS A CA  1 
ATOM   891  C C   . LYS A 1 133 ? 3.979   -10.125 5.779   1.00 15.34 ? 112 LYS A C   1 
ATOM   892  O O   . LYS A 1 133 ? 3.181   -9.198  5.592   1.00 15.86 ? 112 LYS A O   1 
ATOM   893  C CB  . LYS A 1 133 ? 2.502   -11.838 6.847   1.00 15.63 ? 112 LYS A CB  1 
ATOM   894  C CG  . LYS A 1 133 ? 2.449   -12.754 5.639   1.00 28.69 ? 112 LYS A CG  1 
ATOM   895  C CD  . LYS A 1 133 ? 1.268   -13.713 5.707   1.00 36.40 ? 112 LYS A CD  1 
ATOM   896  C CE  . LYS A 1 133 ? 1.209   -14.583 4.459   1.00 46.30 ? 112 LYS A CE  1 
ATOM   897  N NZ  . LYS A 1 133 ? 2.548   -15.134 4.109   1.00 43.71 ? 112 LYS A NZ  1 
ATOM   898  N N   . ILE A 1 134 ? 5.005   -10.374 4.964   1.00 15.42 ? 113 ILE A N   1 
ATOM   899  C CA  . ILE A 1 134 ? 5.360   -9.497  3.850   1.00 12.52 ? 113 ILE A CA  1 
ATOM   900  C C   . ILE A 1 134 ? 4.945   -10.160 2.545   1.00 14.08 ? 113 ILE A C   1 
ATOM   901  O O   . ILE A 1 134 ? 5.430   -11.247 2.210   1.00 17.11 ? 113 ILE A O   1 
ATOM   902  C CB  . ILE A 1 134 ? 6.869   -9.222  3.843   1.00 14.27 ? 113 ILE A CB  1 
ATOM   903  C CG1 . ILE A 1 134 ? 7.300   -8.646  5.191   1.00 16.22 ? 113 ILE A CG1 1 
ATOM   904  C CG2 . ILE A 1 134 ? 7.226   -8.236  2.727   1.00 15.29 ? 113 ILE A CG2 1 
ATOM   905  C CD1 . ILE A 1 134 ? 8.789   -8.710  5.443   1.00 17.83 ? 113 ILE A CD1 1 
ATOM   906  N N   . GLU A 1 135 ? 4.043   -9.509  1.812   1.00 12.17 ? 114 GLU A N   1 
ATOM   907  C CA  . GLU A 1 135 ? 3.454   -10.121 0.620   1.00 13.74 ? 114 GLU A CA  1 
ATOM   908  C C   . GLU A 1 135 ? 3.198   -9.107  -0.460  1.00 13.19 ? 114 GLU A C   1 
ATOM   909  O O   . GLU A 1 135 ? 3.081   -7.925  -0.173  1.00 14.49 ? 114 GLU A O   1 
ATOM   910  C CB  . GLU A 1 135 ? 2.081   -10.694 0.935   1.00 18.25 ? 114 GLU A CB  1 
ATOM   911  C CG  . GLU A 1 135 ? 1.967   -11.638 2.093   1.00 19.98 ? 114 GLU A CG  1 
ATOM   912  C CD  . GLU A 1 135 ? 0.538   -12.123 2.186   1.00 24.89 ? 114 GLU A CD  1 
ATOM   913  O OE1 . GLU A 1 135 ? -0.272  -11.454 2.858   1.00 19.67 ? 114 GLU A OE1 1 
ATOM   914  O OE2 . GLU A 1 135 ? 0.211   -13.131 1.528   1.00 32.16 ? 114 GLU A OE2 1 
ATOM   915  N N   . LEU A 1 136 ? 3.045   -9.585  -1.695  1.00 13.60 ? 115 LEU A N   1 
ATOM   916  C CA  . LEU A 1 136 ? 2.537   -8.747  -2.772  1.00 12.35 ? 115 LEU A CA  1 
ATOM   917  C C   . LEU A 1 136 ? 1.044   -8.487  -2.547  1.00 13.53 ? 115 LEU A C   1 
ATOM   918  O O   . LEU A 1 136 ? 0.260   -9.420  -2.311  1.00 14.45 ? 115 LEU A O   1 
ATOM   919  C CB  . LEU A 1 136 ? 2.757   -9.419  -4.131  1.00 14.27 ? 115 LEU A CB  1 
ATOM   920  C CG  . LEU A 1 136 ? 4.199   -9.571  -4.598  1.00 14.26 ? 115 LEU A CG  1 
ATOM   921  C CD1 . LEU A 1 136 ? 4.239   -10.444 -5.847  1.00 17.12 ? 115 LEU A CD1 1 
ATOM   922  C CD2 . LEU A 1 136 ? 4.806   -8.199  -4.874  1.00 15.93 ? 115 LEU A CD2 1 
ATOM   923  N N   . LEU A 1 137 ? 0.639   -7.226  -2.625  1.00 12.44 ? 116 LEU A N   1 
ATOM   924  C CA  . LEU A 1 137 ? -0.782  -6.892  -2.539  1.00 12.00 ? 116 LEU A CA  1 
ATOM   925  C C   . LEU A 1 137 ? -1.536  -7.649  -3.635  1.00 15.67 ? 116 LEU A C   1 
ATOM   926  O O   . LEU A 1 137 ? -2.649  -8.135  -3.423  1.00 14.74 ? 116 LEU A O   1 
ATOM   927  C CB  . LEU A 1 137 ? -0.991  -5.376  -2.689  1.00 14.29 ? 116 LEU A CB  1 
ATOM   928  C CG  . LEU A 1 137 ? -2.442  -4.886  -2.652  1.00 11.18 ? 116 LEU A CG  1 
ATOM   929  C CD1 . LEU A 1 137 ? -3.151  -5.379  -1.379  1.00 12.02 ? 116 LEU A CD1 1 
ATOM   930  C CD2 . LEU A 1 137 ? -2.492  -3.350  -2.744  1.00 12.73 ? 116 LEU A CD2 1 
ATOM   931  N N   . GLY A 1 138 ? -0.905  -7.762  -4.800  1.00 13.87 ? 117 GLY A N   1 
ATOM   932  C CA  . GLY A 1 138 ? -1.525  -8.396  -5.952  1.00 14.39 ? 117 GLY A CA  1 
ATOM   933  C C   . GLY A 1 138 ? -1.764  -9.884  -5.775  1.00 14.97 ? 117 GLY A C   1 
ATOM   934  O O   . GLY A 1 138 ? -2.518  -10.493 -6.536  1.00 18.21 ? 117 GLY A O   1 
ATOM   935  N N   . SER A 1 139 ? -1.132  -10.476 -4.775  1.00 13.97 ? 118 SER A N   1 
ATOM   936  C CA  . SER A 1 139 ? -1.363  -11.898 -4.499  1.00 16.46 ? 118 SER A CA  1 
ATOM   937  C C   . SER A 1 139 ? -2.802  -12.150 -4.023  1.00 19.18 ? 118 SER A C   1 
ATOM   938  O O   . SER A 1 139 ? -3.250  -13.304 -3.979  1.00 20.90 ? 118 SER A O   1 
ATOM   939  C CB  . SER A 1 139 ? -0.337  -12.431 -3.496  1.00 19.58 ? 118 SER A CB  1 
ATOM   940  O OG  . SER A 1 139 ? -0.635  -12.002 -2.177  1.00 18.50 ? 118 SER A OG  1 
ATOM   941  N N   . TYR A 1 140 ? -3.518  -11.075 -3.676  1.00 16.93 ? 119 TYR A N   1 
ATOM   942  C CA  . TYR A 1 140 ? -4.919  -11.148 -3.246  1.00 16.80 ? 119 TYR A CA  1 
ATOM   943  C C   . TYR A 1 140 ? -5.922  -10.923 -4.369  1.00 18.34 ? 119 TYR A C   1 
ATOM   944  O O   . TYR A 1 140 ? -7.137  -11.053 -4.166  1.00 19.52 ? 119 TYR A O   1 
ATOM   945  C CB  . TYR A 1 140 ? -5.184  -10.137 -2.122  1.00 15.81 ? 119 TYR A CB  1 
ATOM   946  C CG  . TYR A 1 140 ? -4.540  -10.535 -0.827  1.00 16.76 ? 119 TYR A CG  1 
ATOM   947  C CD1 . TYR A 1 140 ? -3.263  -10.103 -0.496  1.00 16.08 ? 119 TYR A CD1 1 
ATOM   948  C CD2 . TYR A 1 140 ? -5.202  -11.376 0.065   1.00 15.00 ? 119 TYR A CD2 1 
ATOM   949  C CE1 . TYR A 1 140 ? -2.666  -10.486 0.692   1.00 16.32 ? 119 TYR A CE1 1 
ATOM   950  C CE2 . TYR A 1 140 ? -4.622  -11.762 1.245   1.00 17.09 ? 119 TYR A CE2 1 
ATOM   951  C CZ  . TYR A 1 140 ? -3.358  -11.316 1.568   1.00 18.69 ? 119 TYR A CZ  1 
ATOM   952  O OH  . TYR A 1 140 ? -2.781  -11.709 2.756   1.00 18.32 ? 119 TYR A OH  1 
ATOM   953  N N   . ASP A 1 141 ? -5.429  -10.584 -5.555  1.00 17.12 ? 120 ASP A N   1 
ATOM   954  C CA  . ASP A 1 141 ? -6.313  -10.247 -6.665  1.00 16.81 ? 120 ASP A CA  1 
ATOM   955  C C   . ASP A 1 141 ? -7.047  -11.483 -7.190  1.00 19.36 ? 120 ASP A C   1 
ATOM   956  O O   . ASP A 1 141 ? -6.409  -12.436 -7.634  1.00 22.59 ? 120 ASP A O   1 
ATOM   957  C CB  . ASP A 1 141 ? -5.506  -9.610  -7.797  1.00 18.02 ? 120 ASP A CB  1 
ATOM   958  C CG  . ASP A 1 141 ? -6.381  -9.072  -8.916  1.00 18.22 ? 120 ASP A CG  1 
ATOM   959  O OD1 . ASP A 1 141 ? -7.620  -9.027  -8.765  1.00 20.06 ? 120 ASP A OD1 1 
ATOM   960  O OD2 . ASP A 1 141 ? -5.817  -8.668  -9.949  1.00 20.22 ? 120 ASP A OD2 1 
ATOM   961  N N   . PRO A 1 142 ? -8.387  -11.468 -7.145  1.00 24.53 ? 121 PRO A N   1 
ATOM   962  C CA  . PRO A 1 142 ? -9.121  -12.596 -7.732  1.00 26.09 ? 121 PRO A CA  1 
ATOM   963  C C   . PRO A 1 142 ? -8.842  -12.713 -9.228  1.00 31.66 ? 121 PRO A C   1 
ATOM   964  O O   . PRO A 1 142 ? -8.937  -13.806 -9.788  1.00 30.74 ? 121 PRO A O   1 
ATOM   965  C CB  . PRO A 1 142 ? -10.587 -12.217 -7.502  1.00 25.44 ? 121 PRO A CB  1 
ATOM   966  C CG  . PRO A 1 142 ? -10.560 -11.249 -6.355  1.00 30.27 ? 121 PRO A CG  1 
ATOM   967  C CD  . PRO A 1 142 ? -9.290  -10.473 -6.542  1.00 21.66 ? 121 PRO A CD  1 
ATOM   968  N N   . GLN A 1 143 ? -8.500  -11.593 -9.860  1.00 22.73 ? 122 GLN A N   1 
ATOM   969  C CA  . GLN A 1 143 ? -8.196  -11.576 -11.291 1.00 25.79 ? 122 GLN A CA  1 
ATOM   970  C C   . GLN A 1 143 ? -6.731  -11.894 -11.604 1.00 28.72 ? 122 GLN A C   1 
ATOM   971  O O   . GLN A 1 143 ? -6.320  -11.872 -12.762 1.00 29.46 ? 122 GLN A O   1 
ATOM   972  C CB  . GLN A 1 143 ? -8.614  -10.245 -11.922 1.00 30.51 ? 122 GLN A CB  1 
ATOM   973  C CG  . GLN A 1 143 ? -10.111 -9.969  -11.829 1.00 28.88 ? 122 GLN A CG  1 
ATOM   974  C CD  . GLN A 1 143 ? -10.543 -8.759  -12.640 1.00 41.19 ? 122 GLN A CD  1 
ATOM   975  O OE1 . GLN A 1 143 ? -9.784  -8.242  -13.463 1.00 41.47 ? 122 GLN A OE1 1 
ATOM   976  N NE2 . GLN A 1 143 ? -11.771 -8.301  -12.410 1.00 43.15 ? 122 GLN A NE2 1 
ATOM   977  N N   . LYS A 1 144 ? -5.952  -12.189 -10.568 1.00 24.88 ? 123 LYS A N   1 
ATOM   978  C CA  . LYS A 1 144 ? -4.597  -12.711 -10.739 1.00 24.33 ? 123 LYS A CA  1 
ATOM   979  C C   . LYS A 1 144 ? -3.618  -11.754 -11.412 1.00 28.81 ? 123 LYS A C   1 
ATOM   980  O O   . LYS A 1 144 ? -2.659  -12.194 -12.043 1.00 28.27 ? 123 LYS A O   1 
ATOM   981  C CB  . LYS A 1 144 ? -4.629  -14.026 -11.526 1.00 25.33 ? 123 LYS A CB  1 
ATOM   982  C CG  . LYS A 1 144 ? -5.538  -15.078 -10.929 1.00 33.54 ? 123 LYS A CG  1 
ATOM   983  C CD  . LYS A 1 144 ? -5.111  -15.423 -9.517  1.00 38.06 ? 123 LYS A CD  1 
ATOM   984  C CE  . LYS A 1 144 ? -6.007  -16.488 -8.907  1.00 44.97 ? 123 LYS A CE  1 
ATOM   985  N NZ  . LYS A 1 144 ? -5.597  -16.797 -7.507  1.00 50.15 ? 123 LYS A NZ  1 
ATOM   986  N N   . GLN A 1 145 ? -3.856  -10.453 -11.291 1.00 22.71 ? 124 GLN A N   1 
ATOM   987  C CA  . GLN A 1 145 ? -2.900  -9.472  -11.790 1.00 20.91 ? 124 GLN A CA  1 
ATOM   988  C C   . GLN A 1 145 ? -1.900  -9.202  -10.675 1.00 22.98 ? 124 GLN A C   1 
ATOM   989  O O   . GLN A 1 145 ? -2.081  -8.286  -9.869  1.00 25.18 ? 124 GLN A O   1 
ATOM   990  C CB  . GLN A 1 145 ? -3.606  -8.190  -12.220 1.00 25.67 ? 124 GLN A CB  1 
ATOM   991  C CG  . GLN A 1 145 ? -4.640  -8.412  -13.311 1.00 29.26 ? 124 GLN A CG  1 
ATOM   992  C CD  . GLN A 1 145 ? -4.059  -9.145  -14.506 1.00 44.31 ? 124 GLN A CD  1 
ATOM   993  O OE1 . GLN A 1 145 ? -3.025  -8.750  -15.048 1.00 43.62 ? 124 GLN A OE1 1 
ATOM   994  N NE2 . GLN A 1 145 ? -4.713  -10.231 -14.911 1.00 43.25 ? 124 GLN A NE2 1 
ATOM   995  N N   . LEU A 1 146 ? -0.843  -10.003 -10.649 1.00 20.81 ? 125 LEU A N   1 
ATOM   996  C CA  . LEU A 1 146 ? 0.024   -10.119 -9.486  1.00 18.42 ? 125 LEU A CA  1 
ATOM   997  C C   . LEU A 1 146 ? 0.778   -8.833  -9.164  1.00 20.10 ? 125 LEU A C   1 
ATOM   998  O O   . LEU A 1 146 ? 0.948   -8.490  -7.999  1.00 18.50 ? 125 LEU A O   1 
ATOM   999  C CB  . LEU A 1 146 ? 1.022   -11.263 -9.681  1.00 21.27 ? 125 LEU A CB  1 
ATOM   1000 C CG  . LEU A 1 146 ? 1.950   -11.580 -8.512  1.00 23.38 ? 125 LEU A CG  1 
ATOM   1001 C CD1 . LEU A 1 146 ? 1.142   -12.109 -7.328  1.00 24.70 ? 125 LEU A CD1 1 
ATOM   1002 C CD2 . LEU A 1 146 ? 3.004   -12.589 -8.947  1.00 28.17 ? 125 LEU A CD2 1 
ATOM   1003 N N   . ILE A 1 147 ? 1.226   -8.131  -10.196 1.00 17.93 ? 126 ILE A N   1 
ATOM   1004 C CA  . ILE A 1 147 ? 2.070   -6.954  -10.011 1.00 13.89 ? 126 ILE A CA  1 
ATOM   1005 C C   . ILE A 1 147 ? 1.314   -5.653  -10.230 1.00 16.40 ? 126 ILE A C   1 
ATOM   1006 O O   . ILE A 1 147 ? 0.584   -5.503  -11.215 1.00 17.63 ? 126 ILE A O   1 
ATOM   1007 C CB  . ILE A 1 147 ? 3.287   -6.995  -10.959 1.00 15.32 ? 126 ILE A CB  1 
ATOM   1008 C CG1 . ILE A 1 147 ? 4.071   -8.296  -10.767 1.00 18.74 ? 126 ILE A CG1 1 
ATOM   1009 C CG2 . ILE A 1 147 ? 4.191   -5.793  -10.727 1.00 16.80 ? 126 ILE A CG2 1 
ATOM   1010 C CD1 . ILE A 1 147 ? 4.504   -8.537  -9.336  1.00 17.56 ? 126 ILE A CD1 1 
ATOM   1011 N N   . ILE A 1 148 ? 1.472   -4.719  -9.290  1.00 14.11 ? 127 ILE A N   1 
ATOM   1012 C CA  . ILE A 1 148 ? 0.909   -3.380  -9.425  1.00 13.38 ? 127 ILE A CA  1 
ATOM   1013 C C   . ILE A 1 148 ? 2.045   -2.475  -9.887  1.00 15.29 ? 127 ILE A C   1 
ATOM   1014 O O   . ILE A 1 148 ? 2.877   -2.032  -9.099  1.00 14.84 ? 127 ILE A O   1 
ATOM   1015 C CB  . ILE A 1 148 ? 0.251   -2.905  -8.114  1.00 12.13 ? 127 ILE A CB  1 
ATOM   1016 C CG1 . ILE A 1 148 ? -0.840  -3.917  -7.731  1.00 13.01 ? 127 ILE A CG1 1 
ATOM   1017 C CG2 . ILE A 1 148 ? -0.336  -1.500  -8.285  1.00 13.30 ? 127 ILE A CG2 1 
ATOM   1018 C CD1 . ILE A 1 148 ? -1.488  -3.694  -6.367  1.00 14.21 ? 127 ILE A CD1 1 
ATOM   1019 N N   . GLU A 1 149 ? 2.086   -2.264  -11.203 1.00 15.68 ? 128 GLU A N   1 
ATOM   1020 C CA  A GLU A 1 149 ? 3.218   -1.605  -11.844 0.46 16.09 ? 128 GLU A CA  1 
ATOM   1021 C CA  B GLU A 1 149 ? 3.209   -1.602  -11.861 0.54 16.10 ? 128 GLU A CA  1 
ATOM   1022 C C   . GLU A 1 149 ? 3.267   -0.109  -11.563 1.00 13.09 ? 128 GLU A C   1 
ATOM   1023 O O   . GLU A 1 149 ? 2.238   0.551   -11.474 1.00 15.04 ? 128 GLU A O   1 
ATOM   1024 C CB  A GLU A 1 149 ? 3.193   -1.851  -13.358 0.46 17.73 ? 128 GLU A CB  1 
ATOM   1025 C CB  B GLU A 1 149 ? 3.123   -1.800  -13.379 0.54 17.65 ? 128 GLU A CB  1 
ATOM   1026 C CG  A GLU A 1 149 ? 3.405   -3.309  -13.747 0.46 21.46 ? 128 GLU A CG  1 
ATOM   1027 C CG  B GLU A 1 149 ? 3.117   -3.257  -13.829 0.54 21.40 ? 128 GLU A CG  1 
ATOM   1028 C CD  A GLU A 1 149 ? 3.424   -3.521  -15.246 0.46 29.92 ? 128 GLU A CD  1 
ATOM   1029 C CD  B GLU A 1 149 ? 4.487   -3.906  -13.749 0.54 25.74 ? 128 GLU A CD  1 
ATOM   1030 O OE1 A GLU A 1 149 ? 2.493   -3.046  -15.928 0.46 27.53 ? 128 GLU A OE1 1 
ATOM   1031 O OE1 B GLU A 1 149 ? 4.616   -5.076  -14.170 0.54 29.78 ? 128 GLU A OE1 1 
ATOM   1032 O OE2 A GLU A 1 149 ? 4.376   -4.157  -15.744 0.46 35.36 ? 128 GLU A OE2 1 
ATOM   1033 O OE2 B GLU A 1 149 ? 5.437   -3.253  -13.267 0.54 28.07 ? 128 GLU A OE2 1 
ATOM   1034 N N   . ASP A 1 150 ? 4.485   0.408   -11.435 1.00 13.79 ? 129 ASP A N   1 
ATOM   1035 C CA  . ASP A 1 150 ? 4.727   1.823   -11.190 1.00 14.10 ? 129 ASP A CA  1 
ATOM   1036 C C   . ASP A 1 150 ? 4.231   2.653   -12.374 1.00 15.16 ? 129 ASP A C   1 
ATOM   1037 O O   . ASP A 1 150 ? 4.763   2.524   -13.483 1.00 15.36 ? 129 ASP A O   1 
ATOM   1038 C CB  . ASP A 1 150 ? 6.232   2.016   -11.010 1.00 13.60 ? 129 ASP A CB  1 
ATOM   1039 C CG  . ASP A 1 150 ? 6.606   3.431   -10.612 1.00 12.49 ? 129 ASP A CG  1 
ATOM   1040 O OD1 . ASP A 1 150 ? 5.739   4.320   -10.692 1.00 13.12 ? 129 ASP A OD1 1 
ATOM   1041 O OD2 . ASP A 1 150 ? 7.770   3.616   -10.199 1.00 16.20 ? 129 ASP A OD2 1 
ATOM   1042 N N   . PRO A 1 151 ? 3.219   3.512   -12.156 1.00 12.42 ? 130 PRO A N   1 
ATOM   1043 C CA  . PRO A 1 151 ? 2.681   4.329   -13.260 1.00 12.59 ? 130 PRO A CA  1 
ATOM   1044 C C   . PRO A 1 151 ? 3.412   5.654   -13.474 1.00 14.01 ? 130 PRO A C   1 
ATOM   1045 O O   . PRO A 1 151 ? 2.897   6.513   -14.213 1.00 15.46 ? 130 PRO A O   1 
ATOM   1046 C CB  . PRO A 1 151 ? 1.245   4.599   -12.815 1.00 14.00 ? 130 PRO A CB  1 
ATOM   1047 C CG  . PRO A 1 151 ? 1.361   4.671   -11.294 1.00 12.76 ? 130 PRO A CG  1 
ATOM   1048 C CD  . PRO A 1 151 ? 2.431   3.662   -10.913 1.00 14.77 ? 130 PRO A CD  1 
ATOM   1049 N N   . TYR A 1 152 ? 4.584   5.828   -12.868 1.00 14.13 ? 131 TYR A N   1 
ATOM   1050 C CA  . TYR A 1 152 ? 5.283   7.109   -12.962 1.00 13.07 ? 131 TYR A CA  1 
ATOM   1051 C C   . TYR A 1 152 ? 5.424   7.632   -14.404 1.00 15.90 ? 131 TYR A C   1 
ATOM   1052 O O   . TYR A 1 152 ? 5.166   8.808   -14.667 1.00 14.65 ? 131 TYR A O   1 
ATOM   1053 C CB  . TYR A 1 152 ? 6.656   7.106   -12.253 1.00 12.36 ? 131 TYR A CB  1 
ATOM   1054 C CG  . TYR A 1 152 ? 7.232   8.506   -12.308 1.00 14.90 ? 131 TYR A CG  1 
ATOM   1055 C CD1 . TYR A 1 152 ? 6.756   9.497   -11.456 1.00 16.06 ? 131 TYR A CD1 1 
ATOM   1056 C CD2 . TYR A 1 152 ? 8.170   8.864   -13.271 1.00 16.37 ? 131 TYR A CD2 1 
ATOM   1057 C CE1 . TYR A 1 152 ? 7.220   10.813  -11.530 1.00 16.26 ? 131 TYR A CE1 1 
ATOM   1058 C CE2 . TYR A 1 152 ? 8.644   10.188  -13.355 1.00 16.74 ? 131 TYR A CE2 1 
ATOM   1059 C CZ  . TYR A 1 152 ? 8.161   11.148  -12.484 1.00 18.32 ? 131 TYR A CZ  1 
ATOM   1060 O OH  . TYR A 1 152 ? 8.605   12.459  -12.556 1.00 20.28 ? 131 TYR A OH  1 
ATOM   1061 N N   . TYR A 1 153 ? 5.833   6.759   -15.321 1.00 17.17 ? 132 TYR A N   1 
ATOM   1062 C CA  . TYR A 1 153 ? 6.036   7.157   -16.717 1.00 15.73 ? 132 TYR A CA  1 
ATOM   1063 C C   . TYR A 1 153 ? 4.849   6.735   -17.578 1.00 22.65 ? 132 TYR A C   1 
ATOM   1064 O O   . TYR A 1 153 ? 4.946   6.678   -18.809 1.00 25.69 ? 132 TYR A O   1 
ATOM   1065 C CB  . TYR A 1 153 ? 7.358   6.582   -17.253 1.00 16.95 ? 132 TYR A CB  1 
ATOM   1066 C CG  . TYR A 1 153 ? 8.566   7.337   -16.763 1.00 16.74 ? 132 TYR A CG  1 
ATOM   1067 C CD1 . TYR A 1 153 ? 8.745   8.678   -17.094 1.00 19.33 ? 132 TYR A CD1 1 
ATOM   1068 C CD2 . TYR A 1 153 ? 9.535   6.724   -15.963 1.00 18.31 ? 132 TYR A CD2 1 
ATOM   1069 C CE1 . TYR A 1 153 ? 9.839   9.387   -16.644 1.00 22.23 ? 132 TYR A CE1 1 
ATOM   1070 C CE2 . TYR A 1 153 ? 10.638  7.426   -15.517 1.00 19.42 ? 132 TYR A CE2 1 
ATOM   1071 C CZ  . TYR A 1 153 ? 10.783  8.764   -15.860 1.00 26.28 ? 132 TYR A CZ  1 
ATOM   1072 O OH  . TYR A 1 153 ? 11.872  9.490   -15.420 1.00 30.98 ? 132 TYR A OH  1 
ATOM   1073 N N   . GLY A 1 154 ? 3.720   6.473   -16.926 1.00 17.85 ? 133 GLY A N   1 
ATOM   1074 C CA  . GLY A 1 154 ? 2.515   6.026   -17.604 1.00 19.31 ? 133 GLY A CA  1 
ATOM   1075 C C   . GLY A 1 154 ? 1.519   7.134   -17.888 1.00 19.15 ? 133 GLY A C   1 
ATOM   1076 O O   . GLY A 1 154 ? 1.825   8.322   -17.747 1.00 21.28 ? 133 GLY A O   1 
ATOM   1077 N N   . ASN A 1 155 ? 0.316   6.750   -18.299 1.00 20.61 ? 134 ASN A N   1 
ATOM   1078 C CA  . ASN A 1 155 ? -0.718  7.726   -18.585 1.00 19.63 ? 134 ASN A CA  1 
ATOM   1079 C C   . ASN A 1 155 ? -1.892  7.589   -17.626 1.00 23.31 ? 134 ASN A C   1 
ATOM   1080 O O   . ASN A 1 155 ? -1.847  6.787   -16.692 1.00 21.03 ? 134 ASN A O   1 
ATOM   1081 C CB  . ASN A 1 155 ? -1.183  7.611   -20.049 1.00 22.87 ? 134 ASN A CB  1 
ATOM   1082 C CG  . ASN A 1 155 ? -1.750  6.240   -20.380 1.00 26.96 ? 134 ASN A CG  1 
ATOM   1083 O OD1 . ASN A 1 155 ? -2.382  5.589   -19.541 1.00 27.03 ? 134 ASN A OD1 1 
ATOM   1084 N ND2 . ASN A 1 155 ? -1.528  5.793   -21.614 1.00 34.47 ? 134 ASN A ND2 1 
ATOM   1085 N N   . ASP A 1 156 ? -2.942  8.371   -17.854 1.00 23.09 ? 135 ASP A N   1 
ATOM   1086 C CA  . ASP A 1 156 ? -4.116  8.333   -16.987 1.00 26.94 ? 135 ASP A CA  1 
ATOM   1087 C C   . ASP A 1 156 ? -4.675  6.923   -16.831 1.00 24.99 ? 135 ASP A C   1 
ATOM   1088 O O   . ASP A 1 156 ? -5.117  6.539   -15.743 1.00 23.67 ? 135 ASP A O   1 
ATOM   1089 C CB  . ASP A 1 156 ? -5.211  9.255   -17.525 1.00 31.37 ? 135 ASP A CB  1 
ATOM   1090 C CG  . ASP A 1 156 ? -4.878  10.724  -17.351 1.00 43.16 ? 135 ASP A CG  1 
ATOM   1091 O OD1 . ASP A 1 156 ? -4.281  11.081  -16.313 1.00 50.79 ? 135 ASP A OD1 1 
ATOM   1092 O OD2 . ASP A 1 156 ? -5.222  11.522  -18.249 1.00 54.67 ? 135 ASP A OD2 1 
ATOM   1093 N N   . SER A 1 157 ? -4.660  6.151   -17.912 1.00 22.70 ? 136 SER A N   1 
ATOM   1094 C CA  . SER A 1 157 ? -5.206  4.797   -17.867 1.00 23.24 ? 136 SER A CA  1 
ATOM   1095 C C   . SER A 1 157 ? -4.410  3.914   -16.913 1.00 22.85 ? 136 SER A C   1 
ATOM   1096 O O   . SER A 1 157 ? -4.964  3.015   -16.281 1.00 22.04 ? 136 SER A O   1 
ATOM   1097 C CB  . SER A 1 157 ? -5.249  4.164   -19.265 1.00 25.61 ? 136 SER A CB  1 
ATOM   1098 O OG  . SER A 1 157 ? -3.944  3.879   -19.739 1.00 30.94 ? 136 SER A OG  1 
ATOM   1099 N N   . ASP A 1 158 ? -3.111  4.171   -16.814 1.00 21.86 ? 137 ASP A N   1 
ATOM   1100 C CA  . ASP A 1 158 ? -2.250  3.383   -15.940 1.00 18.23 ? 137 ASP A CA  1 
ATOM   1101 C C   . ASP A 1 158 ? -2.568  3.654   -14.479 1.00 19.60 ? 137 ASP A C   1 
ATOM   1102 O O   . ASP A 1 158 ? -2.571  2.735   -13.668 1.00 19.26 ? 137 ASP A O   1 
ATOM   1103 C CB  . ASP A 1 158 ? -0.781  3.663   -16.256 1.00 19.72 ? 137 ASP A CB  1 
ATOM   1104 C CG  . ASP A 1 158 ? -0.398  3.170   -17.643 1.00 26.38 ? 137 ASP A CG  1 
ATOM   1105 O OD1 . ASP A 1 158 ? -0.788  2.033   -17.990 1.00 22.71 ? 137 ASP A OD1 1 
ATOM   1106 O OD2 . ASP A 1 158 ? 0.260   3.921   -18.393 1.00 26.81 ? 137 ASP A OD2 1 
ATOM   1107 N N   . PHE A 1 159 ? -2.864  4.907   -14.159 1.00 17.55 ? 138 PHE A N   1 
ATOM   1108 C CA  . PHE A 1 159 ? -3.268  5.258   -12.798 1.00 16.47 ? 138 PHE A CA  1 
ATOM   1109 C C   . PHE A 1 159 ? -4.610  4.608   -12.471 1.00 17.79 ? 138 PHE A C   1 
ATOM   1110 O O   . PHE A 1 159 ? -4.804  4.054   -11.377 1.00 17.25 ? 138 PHE A O   1 
ATOM   1111 C CB  . PHE A 1 159 ? -3.332  6.782   -12.627 1.00 16.89 ? 138 PHE A CB  1 
ATOM   1112 C CG  . PHE A 1 159 ? -1.975  7.437   -12.555 1.00 14.21 ? 138 PHE A CG  1 
ATOM   1113 C CD1 . PHE A 1 159 ? -1.246  7.689   -13.707 1.00 15.33 ? 138 PHE A CD1 1 
ATOM   1114 C CD2 . PHE A 1 159 ? -1.412  7.765   -11.333 1.00 14.24 ? 138 PHE A CD2 1 
ATOM   1115 C CE1 . PHE A 1 159 ? 0.002   8.266   -13.637 1.00 15.97 ? 138 PHE A CE1 1 
ATOM   1116 C CE2 . PHE A 1 159 ? -0.158  8.344   -11.256 1.00 13.74 ? 138 PHE A CE2 1 
ATOM   1117 C CZ  . PHE A 1 159 ? 0.551   8.595   -12.407 1.00 14.54 ? 138 PHE A CZ  1 
ATOM   1118 N N   . GLU A 1 160 ? -5.537  4.649   -13.423 1.00 20.17 ? 139 GLU A N   1 
ATOM   1119 C CA  . GLU A 1 160 ? -6.831  4.013   -13.225 1.00 17.71 ? 139 GLU A CA  1 
ATOM   1120 C C   . GLU A 1 160 ? -6.686  2.504   -12.996 1.00 16.65 ? 139 GLU A C   1 
ATOM   1121 O O   . GLU A 1 160 ? -7.365  1.931   -12.146 1.00 16.12 ? 139 GLU A O   1 
ATOM   1122 C CB  . GLU A 1 160 ? -7.754  4.304   -14.414 1.00 18.92 ? 139 GLU A CB  1 
ATOM   1123 C CG  . GLU A 1 160 ? -9.078  3.555   -14.366 1.00 20.93 ? 139 GLU A CG  1 
ATOM   1124 C CD  . GLU A 1 160 ? -10.023 4.043   -13.286 1.00 23.54 ? 139 GLU A CD  1 
ATOM   1125 O OE1 . GLU A 1 160 ? -9.730  5.064   -12.621 1.00 23.48 ? 139 GLU A OE1 1 
ATOM   1126 O OE2 . GLU A 1 160 ? -11.079 3.398   -13.105 1.00 23.71 ? 139 GLU A OE2 1 
ATOM   1127 N N   . THR A 1 161 ? -5.782  1.864   -13.736 1.00 18.40 ? 140 THR A N   1 
ATOM   1128 C CA  . THR A 1 161 ? -5.531  0.436   -13.550 1.00 18.22 ? 140 THR A CA  1 
ATOM   1129 C C   . THR A 1 161 ? -5.001  0.156   -12.149 1.00 18.19 ? 140 THR A C   1 
ATOM   1130 O O   . THR A 1 161 ? -5.438  -0.783  -11.484 1.00 19.54 ? 140 THR A O   1 
ATOM   1131 C CB  . THR A 1 161 ? -4.560  -0.097  -14.606 1.00 20.75 ? 140 THR A CB  1 
ATOM   1132 O OG1 . THR A 1 161 ? -5.212  -0.076  -15.881 1.00 25.79 ? 140 THR A OG1 1 
ATOM   1133 C CG2 . THR A 1 161 ? -4.127  -1.518  -14.283 1.00 20.75 ? 140 THR A CG2 1 
ATOM   1134 N N   . VAL A 1 162 ? -4.071  0.985   -11.687 1.00 15.77 ? 141 VAL A N   1 
ATOM   1135 C CA  . VAL A 1 162 ? -3.558  0.833   -10.333 1.00 14.85 ? 141 VAL A CA  1 
ATOM   1136 C C   . VAL A 1 162 ? -4.687  0.962   -9.316  1.00 15.39 ? 141 VAL A C   1 
ATOM   1137 O O   . VAL A 1 162 ? -4.783  0.162   -8.385  1.00 16.11 ? 141 VAL A O   1 
ATOM   1138 C CB  . VAL A 1 162 ? -2.454  1.863   -10.033 1.00 14.99 ? 141 VAL A CB  1 
ATOM   1139 C CG1 . VAL A 1 162 ? -2.183  1.943   -8.538  1.00 17.16 ? 141 VAL A CG1 1 
ATOM   1140 C CG2 . VAL A 1 162 ? -1.184  1.510   -10.808 1.00 17.51 ? 141 VAL A CG2 1 
ATOM   1141 N N   . TYR A 1 163 ? -5.541  1.964   -9.492  1.00 15.72 ? 142 TYR A N   1 
ATOM   1142 C CA  . TYR A 1 163 ? -6.678  2.141   -8.595  1.00 15.51 ? 142 TYR A CA  1 
ATOM   1143 C C   . TYR A 1 163 ? -7.556  0.889   -8.552  1.00 17.68 ? 142 TYR A C   1 
ATOM   1144 O O   . TYR A 1 163 ? -7.897  0.385   -7.479  1.00 16.59 ? 142 TYR A O   1 
ATOM   1145 C CB  . TYR A 1 163 ? -7.514  3.359   -9.002  1.00 14.03 ? 142 TYR A CB  1 
ATOM   1146 C CG  . TYR A 1 163 ? -8.835  3.426   -8.275  1.00 15.00 ? 142 TYR A CG  1 
ATOM   1147 C CD1 . TYR A 1 163 ? -8.920  3.976   -7.003  1.00 17.19 ? 142 TYR A CD1 1 
ATOM   1148 C CD2 . TYR A 1 163 ? -9.996  2.921   -8.855  1.00 18.36 ? 142 TYR A CD2 1 
ATOM   1149 C CE1 . TYR A 1 163 ? -10.119 4.031   -6.334  1.00 19.63 ? 142 TYR A CE1 1 
ATOM   1150 C CE2 . TYR A 1 163 ? -11.201 2.973   -8.189  1.00 18.39 ? 142 TYR A CE2 1 
ATOM   1151 C CZ  . TYR A 1 163 ? -11.255 3.522   -6.930  1.00 20.06 ? 142 TYR A CZ  1 
ATOM   1152 O OH  . TYR A 1 163 ? -12.457 3.570   -6.274  1.00 22.12 ? 142 TYR A OH  1 
ATOM   1153 N N   . GLN A 1 164 ? -7.917  0.385   -9.726  1.00 18.23 ? 143 GLN A N   1 
ATOM   1154 C CA  . GLN A 1 164 ? -8.785  -0.785  -9.792  1.00 19.19 ? 143 GLN A CA  1 
ATOM   1155 C C   . GLN A 1 164 ? -8.134  -1.997  -9.131  1.00 17.94 ? 143 GLN A C   1 
ATOM   1156 O O   . GLN A 1 164 ? -8.793  -2.741  -8.409  1.00 18.00 ? 143 GLN A O   1 
ATOM   1157 C CB  . GLN A 1 164 ? -9.174  -1.082  -11.246 1.00 20.10 ? 143 GLN A CB  1 
ATOM   1158 C CG  . GLN A 1 164 ? -10.050 0.006   -11.876 1.00 20.30 ? 143 GLN A CG  1 
ATOM   1159 C CD  . GLN A 1 164 ? -11.404 0.155   -11.188 1.00 23.06 ? 143 GLN A CD  1 
ATOM   1160 O OE1 . GLN A 1 164 ? -11.874 -0.758  -10.513 1.00 25.57 ? 143 GLN A OE1 1 
ATOM   1161 N NE2 . GLN A 1 164 ? -12.026 1.317   -11.348 1.00 23.51 ? 143 GLN A NE2 1 
ATOM   1162 N N   . GLN A 1 165 ? -6.838  -2.190  -9.358  1.00 16.15 ? 144 GLN A N   1 
ATOM   1163 C CA  . GLN A 1 165 ? -6.120  -3.281  -8.698  1.00 16.62 ? 144 GLN A CA  1 
ATOM   1164 C C   . GLN A 1 165 ? -6.189  -3.143  -7.181  1.00 16.46 ? 144 GLN A C   1 
ATOM   1165 O O   . GLN A 1 165 ? -6.391  -4.121  -6.460  1.00 15.38 ? 144 GLN A O   1 
ATOM   1166 C CB  . GLN A 1 165 ? -4.659  -3.310  -9.126  1.00 16.25 ? 144 GLN A CB  1 
ATOM   1167 C CG  . GLN A 1 165 ? -4.458  -3.748  -10.554 1.00 15.79 ? 144 GLN A CG  1 
ATOM   1168 C CD  . GLN A 1 165 ? -2.995  -3.802  -10.920 1.00 15.82 ? 144 GLN A CD  1 
ATOM   1169 O OE1 . GLN A 1 165 ? -2.396  -2.772  -11.224 1.00 20.48 ? 144 GLN A OE1 1 
ATOM   1170 N NE2 . GLN A 1 165 ? -2.401  -4.995  -10.864 1.00 16.60 ? 144 GLN A NE2 1 
ATOM   1171 N N   . CYS A 1 166 ? -5.987  -1.922  -6.700  1.00 13.96 ? 145 CYS A N   1 
ATOM   1172 C CA  . CYS A 1 166 ? -6.032  -1.672  -5.264  1.00 15.31 ? 145 CYS A CA  1 
ATOM   1173 C C   . CYS A 1 166 ? -7.404  -2.002  -4.690  1.00 17.28 ? 145 CYS A C   1 
ATOM   1174 O O   . CYS A 1 166 ? -7.506  -2.601  -3.618  1.00 17.24 ? 145 CYS A O   1 
ATOM   1175 C CB  . CYS A 1 166 ? -5.651  -0.228  -4.957  1.00 15.27 ? 145 CYS A CB  1 
ATOM   1176 S SG  . CYS A 1 166 ? -3.874  0.066   -5.105  1.00 17.30 ? 145 CYS A SG  1 
ATOM   1177 N N   . VAL A 1 167 ? -8.460  -1.616  -5.400  1.00 16.53 ? 146 VAL A N   1 
ATOM   1178 C CA  . VAL A 1 167 ? -9.807  -1.927  -4.947  1.00 16.47 ? 146 VAL A CA  1 
ATOM   1179 C C   . VAL A 1 167 ? -10.010 -3.441  -4.838  1.00 16.87 ? 146 VAL A C   1 
ATOM   1180 O O   . VAL A 1 167 ? -10.427 -3.939  -3.794  1.00 18.56 ? 146 VAL A O   1 
ATOM   1181 C CB  . VAL A 1 167 ? -10.897 -1.321  -5.861  1.00 18.17 ? 146 VAL A CB  1 
ATOM   1182 C CG1 . VAL A 1 167 ? -12.275 -1.848  -5.458  1.00 22.13 ? 146 VAL A CG1 1 
ATOM   1183 C CG2 . VAL A 1 167 ? -10.873 0.206   -5.819  1.00 18.38 ? 146 VAL A CG2 1 
ATOM   1184 N N   . ARG A 1 168 ? -9.704  -4.172  -5.905  1.00 17.50 ? 147 ARG A N   1 
ATOM   1185 C CA  . ARG A 1 168 ? -9.879  -5.626  -5.887  1.00 16.37 ? 147 ARG A CA  1 
ATOM   1186 C C   . ARG A 1 168 ? -9.045  -6.309  -4.811  1.00 17.09 ? 147 ARG A C   1 
ATOM   1187 O O   . ARG A 1 168 ? -9.541  -7.181  -4.088  1.00 18.52 ? 147 ARG A O   1 
ATOM   1188 C CB  . ARG A 1 168 ? -9.549  -6.246  -7.245  1.00 19.84 ? 147 ARG A CB  1 
ATOM   1189 C CG  . ARG A 1 168 ? -10.407 -5.748  -8.386  1.00 20.28 ? 147 ARG A CG  1 
ATOM   1190 C CD  . ARG A 1 168 ? -10.321 -6.672  -9.598  1.00 22.50 ? 147 ARG A CD  1 
ATOM   1191 N NE  . ARG A 1 168 ? -8.952  -6.939  -10.039 1.00 20.20 ? 147 ARG A NE  1 
ATOM   1192 C CZ  . ARG A 1 168 ? -8.279  -6.185  -10.908 1.00 17.87 ? 147 ARG A CZ  1 
ATOM   1193 N NH1 . ARG A 1 168 ? -8.839  -5.102  -11.427 1.00 21.33 ? 147 ARG A NH1 1 
ATOM   1194 N NH2 . ARG A 1 168 ? -7.043  -6.515  -11.253 1.00 20.69 ? 147 ARG A NH2 1 
ATOM   1195 N N   . CYS A 1 169 ? -7.775  -5.923  -4.700  1.00 15.94 ? 148 CYS A N   1 
ATOM   1196 C CA  . CYS A 1 169 ? -6.886  -6.588  -3.748  1.00 15.32 ? 148 CYS A CA  1 
ATOM   1197 C C   . CYS A 1 169 ? -7.211  -6.251  -2.301  1.00 16.52 ? 148 CYS A C   1 
ATOM   1198 O O   . CYS A 1 169 ? -7.142  -7.112  -1.427  1.00 17.05 ? 148 CYS A O   1 
ATOM   1199 C CB  . CYS A 1 169 ? -5.424  -6.243  -4.032  1.00 14.11 ? 148 CYS A CB  1 
ATOM   1200 S SG  . CYS A 1 169 ? -4.814  -6.808  -5.631  1.00 17.21 ? 148 CYS A SG  1 
ATOM   1201 N N   . CYS A 1 170 ? -7.553  -4.994  -2.046  1.00 13.70 ? 149 CYS A N   1 
ATOM   1202 C CA  . CYS A 1 170 ? -7.872  -4.567  -0.687  1.00 14.13 ? 149 CYS A CA  1 
ATOM   1203 C C   . CYS A 1 170 ? -9.140  -5.238  -0.196  1.00 15.26 ? 149 CYS A C   1 
ATOM   1204 O O   . CYS A 1 170 ? -9.244  -5.614  0.965   1.00 17.73 ? 149 CYS A O   1 
ATOM   1205 C CB  . CYS A 1 170 ? -8.013  -3.046  -0.618  1.00 16.21 ? 149 CYS A CB  1 
ATOM   1206 S SG  . CYS A 1 170 ? -6.419  -2.182  -0.652  1.00 19.36 ? 149 CYS A SG  1 
ATOM   1207 N N   . ARG A 1 171 ? -10.102 -5.388  -1.094  1.00 15.76 ? 150 ARG A N   1 
ATOM   1208 C CA  . ARG A 1 171 ? -11.356 -6.042  -0.740  1.00 16.96 ? 150 ARG A CA  1 
ATOM   1209 C C   . ARG A 1 171 ? -11.101 -7.500  -0.368  1.00 18.78 ? 150 ARG A C   1 
ATOM   1210 O O   . ARG A 1 171 ? -11.582 -7.985  0.660   1.00 19.49 ? 150 ARG A O   1 
ATOM   1211 C CB  . ARG A 1 171 ? -12.332 -5.941  -1.912  1.00 21.79 ? 150 ARG A CB  1 
ATOM   1212 C CG  . ARG A 1 171 ? -13.699 -6.557  -1.666  1.00 29.71 ? 150 ARG A CG  1 
ATOM   1213 C CD  . ARG A 1 171 ? -14.588 -6.382  -2.899  1.00 38.72 ? 150 ARG A CD  1 
ATOM   1214 N NE  . ARG A 1 171 ? -14.852 -4.974  -3.196  1.00 49.70 ? 150 ARG A NE  1 
ATOM   1215 C CZ  . ARG A 1 171 ? -14.750 -4.425  -4.405  1.00 47.52 ? 150 ARG A CZ  1 
ATOM   1216 N NH1 . ARG A 1 171 ? -14.383 -5.162  -5.449  1.00 45.24 ? 150 ARG A NH1 1 
ATOM   1217 N NH2 . ARG A 1 171 ? -15.018 -3.136  -4.569  1.00 49.86 ? 150 ARG A NH2 1 
ATOM   1218 N N   . ALA A 1 172 ? -10.338 -8.193  -1.209  1.00 18.10 ? 151 ALA A N   1 
ATOM   1219 C CA  . ALA A 1 172 ? -10.015 -9.600  -0.973  1.00 17.87 ? 151 ALA A CA  1 
ATOM   1220 C C   . ALA A 1 172 ? -9.192  -9.807  0.301   1.00 17.41 ? 151 ALA A C   1 
ATOM   1221 O O   . ALA A 1 172 ? -9.447  -10.733 1.076   1.00 19.91 ? 151 ALA A O   1 
ATOM   1222 C CB  . ALA A 1 172 ? -9.286  -10.180 -2.182  1.00 19.13 ? 151 ALA A CB  1 
ATOM   1223 N N   . PHE A 1 173 ? -8.195  -8.947  0.514   1.00 16.89 ? 152 PHE A N   1 
ATOM   1224 C CA  . PHE A 1 173 ? -7.379  -9.012  1.723   1.00 16.07 ? 152 PHE A CA  1 
ATOM   1225 C C   . PHE A 1 173 ? -8.222  -8.820  2.989   1.00 16.89 ? 152 PHE A C   1 
ATOM   1226 O O   . PHE A 1 173 ? -8.071  -9.564  3.955   1.00 18.78 ? 152 PHE A O   1 
ATOM   1227 C CB  . PHE A 1 173 ? -6.243  -7.976  1.659   1.00 14.21 ? 152 PHE A CB  1 
ATOM   1228 C CG  . PHE A 1 173 ? -5.575  -7.724  2.983   1.00 13.09 ? 152 PHE A CG  1 
ATOM   1229 C CD1 . PHE A 1 173 ? -4.780  -8.700  3.573   1.00 15.78 ? 152 PHE A CD1 1 
ATOM   1230 C CD2 . PHE A 1 173 ? -5.745  -6.508  3.639   1.00 14.67 ? 152 PHE A CD2 1 
ATOM   1231 C CE1 . PHE A 1 173 ? -4.166  -8.477  4.791   1.00 13.74 ? 152 PHE A CE1 1 
ATOM   1232 C CE2 . PHE A 1 173 ? -5.137  -6.274  4.866   1.00 16.76 ? 152 PHE A CE2 1 
ATOM   1233 C CZ  . PHE A 1 173 ? -4.349  -7.260  5.446   1.00 16.26 ? 152 PHE A CZ  1 
ATOM   1234 N N   . LEU A 1 174 ? -9.116  -7.833  2.979   1.00 19.00 ? 153 LEU A N   1 
ATOM   1235 C CA  . LEU A 1 174 ? -9.976  -7.592  4.138   1.00 17.65 ? 153 LEU A CA  1 
ATOM   1236 C C   . LEU A 1 174 ? -10.830 -8.827  4.408   1.00 19.64 ? 153 LEU A C   1 
ATOM   1237 O O   . LEU A 1 174 ? -11.022 -9.221  5.554   1.00 22.06 ? 153 LEU A O   1 
ATOM   1238 C CB  . LEU A 1 174 ? -10.873 -6.370  3.910   1.00 18.24 ? 153 LEU A CB  1 
ATOM   1239 C CG  . LEU A 1 174 ? -11.799 -5.954  5.065   1.00 19.85 ? 153 LEU A CG  1 
ATOM   1240 C CD1 . LEU A 1 174 ? -11.021 -5.647  6.333   1.00 20.23 ? 153 LEU A CD1 1 
ATOM   1241 C CD2 . LEU A 1 174 ? -12.644 -4.760  4.662   1.00 21.31 ? 153 LEU A CD2 1 
ATOM   1242 N N   . GLU A 1 175 ? -11.318 -9.433  3.330   1.00 17.89 ? 154 GLU A N   1 
ATOM   1243 C CA  . GLU A 1 175 ? -12.187 -10.605 3.417   1.00 24.72 ? 154 GLU A CA  1 
ATOM   1244 C C   . GLU A 1 175 ? -11.493 -11.774 4.100   1.00 26.40 ? 154 GLU A C   1 
ATOM   1245 O O   . GLU A 1 175 ? -12.066 -12.426 4.967   1.00 26.97 ? 154 GLU A O   1 
ATOM   1246 C CB  . GLU A 1 175 ? -12.642 -11.020 2.015   1.00 27.59 ? 154 GLU A CB  1 
ATOM   1247 C CG  . GLU A 1 175 ? -14.147 -11.035 1.816   1.00 47.36 ? 154 GLU A CG  1 
ATOM   1248 C CD  . GLU A 1 175 ? -14.798 -12.262 2.424   1.00 61.11 ? 154 GLU A CD  1 
ATOM   1249 O OE1 . GLU A 1 175 ? -14.515 -13.380 1.943   1.00 66.20 ? 154 GLU A OE1 1 
ATOM   1250 O OE2 . GLU A 1 175 ? -15.588 -12.109 3.383   1.00 59.38 ? 154 GLU A OE2 1 
ATOM   1251 N N   . LYS A 1 176 ? -10.255 -12.045 3.707   1.00 25.32 ? 155 LYS A N   1 
ATOM   1252 C CA  . LYS A 1 176 ? -9.545  -13.202 4.220   1.00 28.48 ? 155 LYS A CA  1 
ATOM   1253 C C   . LYS A 1 176 ? -8.062  -13.031 3.988   1.00 25.32 ? 155 LYS A C   1 
ATOM   1254 O O   . LYS A 1 176 ? -7.586  -13.159 2.862   1.00 29.04 ? 155 LYS A O   1 
ATOM   1255 C CB  . LYS A 1 176 ? -10.036 -14.473 3.516   1.00 41.86 ? 155 LYS A CB  1 
ATOM   1256 C CG  . LYS A 1 176 ? -9.205  -15.720 3.799   1.00 44.96 ? 155 LYS A CG  1 
ATOM   1257 C CD  . LYS A 1 176 ? -9.662  -16.442 5.058   1.00 51.76 ? 155 LYS A CD  1 
ATOM   1258 C CE  . LYS A 1 176 ? -8.858  -17.719 5.272   1.00 52.18 ? 155 LYS A CE  1 
ATOM   1259 N NZ  . LYS A 1 176 ? -8.775  -18.528 4.024   1.00 55.38 ? 155 LYS A NZ  1 
ATOM   1260 N N   . ALA A 1 177 ? -7.338  -12.726 5.056   1.00 28.90 ? 156 ALA A N   1 
ATOM   1261 C CA  . ALA A 1 177 ? -5.894  -12.555 4.971   1.00 31.94 ? 156 ALA A CA  1 
ATOM   1262 C C   . ALA A 1 177 ? -5.204  -13.905 4.790   1.00 40.10 ? 156 ALA A C   1 
ATOM   1263 O O   . ALA A 1 177 ? -5.753  -14.946 5.165   1.00 30.09 ? 156 ALA A O   1 
ATOM   1264 C CB  . ALA A 1 177 ? -5.376  -11.852 6.213   1.00 34.21 ? 156 ALA A CB  1 
ATOM   1265 N N   . HIS A 1 178 ? -4.005  -13.890 4.214   0.84 26.05 ? 157 HIS A N   1 
ATOM   1266 C CA  . HIS A 1 178 ? -3.248  -15.120 4.008   0.84 32.52 ? 157 HIS A CA  1 
ATOM   1267 C C   . HIS A 1 178 ? -2.569  -15.588 5.295   0.84 37.10 ? 157 HIS A C   1 
ATOM   1268 O O   . HIS A 1 178 ? -2.338  -16.784 5.481   0.84 38.62 ? 157 HIS A O   1 
ATOM   1269 C CB  . HIS A 1 178 ? -2.200  -14.935 2.908   0.84 30.30 ? 157 HIS A CB  1 
ATOM   1270 C CG  . HIS A 1 178 ? -2.781  -14.751 1.539   0.84 28.44 ? 157 HIS A CG  1 
ATOM   1271 N ND1 . HIS A 1 178 ? -2.165  -13.991 0.566   0.84 27.85 ? 157 HIS A ND1 1 
ATOM   1272 C CD2 . HIS A 1 178 ? -3.912  -15.235 0.977   0.84 29.36 ? 157 HIS A CD2 1 
ATOM   1273 C CE1 . HIS A 1 178 ? -2.897  -14.011 -0.533  0.84 19.73 ? 157 HIS A CE1 1 
ATOM   1274 N NE2 . HIS A 1 178 ? -3.959  -14.761 -0.314  0.84 29.36 ? 157 HIS A NE2 1 
ATOM   1275 O OXT . HIS A 1 178 ? -2.228  -14.791 6.174   0.84 33.24 ? 157 HIS A OXT 1 
HETATM 1276 O O01 . 6VX B 2 .   ? 3.967   4.508   -6.849  1.00 11.91 ? 200 6VX A O01 1 
HETATM 1277 S S02 . 6VX B 2 .   ? 5.228   5.111   -6.420  1.00 11.25 ? 200 6VX A S02 1 
HETATM 1278 O O03 . 6VX B 2 .   ? 6.205   4.132   -5.974  1.00 12.50 ? 200 6VX A O03 1 
HETATM 1279 O O04 . 6VX B 2 .   ? 5.068   6.127   -5.397  1.00 12.29 ? 200 6VX A O04 1 
HETATM 1280 C C05 . 6VX B 2 .   ? 5.895   5.807   -7.897  1.00 10.66 ? 200 6VX A C05 1 
HETATM 1281 C C06 . 6VX B 2 .   ? 7.269   6.332   -7.685  1.00 11.13 ? 200 6VX A C06 1 
HETATM 1282 O O07 . 6VX B 2 .   ? 7.708   6.862   -6.665  1.00 12.41 ? 200 6VX A O07 1 
HETATM 1283 N N08 . 6VX B 2 .   ? 8.068   6.163   -8.824  1.00 12.46 ? 200 6VX A N08 1 
HETATM 1284 C C09 . 6VX B 2 .   ? 9.335   6.742   -8.910  1.00 11.82 ? 200 6VX A C09 1 
HETATM 1285 N N10 . 6VX B 2 .   ? 9.899   6.815   -10.159 1.00 13.51 ? 200 6VX A N10 1 
HETATM 1286 C C11 . 6VX B 2 .   ? 11.133  7.545   -10.059 1.00 13.10 ? 200 6VX A C11 1 
HETATM 1287 C C12 . 6VX B 2 .   ? 11.961  7.756   -11.190 1.00 14.10 ? 200 6VX A C12 1 
HETATM 1288 C C13 . 6VX B 2 .   ? 13.149  8.442   -11.012 1.00 15.34 ? 200 6VX A C13 1 
HETATM 1289 C C14 . 6VX B 2 .   ? 13.502  8.888   -9.738  1.00 13.32 ? 200 6VX A C14 1 
HETATM 1290 C C15 . 6VX B 2 .   ? 12.671  8.676   -8.632  1.00 12.06 ? 200 6VX A C15 1 
HETATM 1291 C C16 . 6VX B 2 .   ? 11.463  7.988   -8.788  1.00 12.15 ? 200 6VX A C16 1 
HETATM 1292 S S17 . 6VX B 2 .   ? 10.229  7.532   -7.722  1.00 13.54 ? 200 6VX A S17 1 
HETATM 1293 C C18 . 6VX B 2 .   ? 5.096   6.966   -8.470  1.00 12.03 ? 200 6VX A C18 1 
HETATM 1294 C C19 . 6VX B 2 .   ? 4.144   6.750   -9.460  1.00 12.40 ? 200 6VX A C19 1 
HETATM 1295 C C20 . 6VX B 2 .   ? 3.408   7.804   -10.000 1.00 13.05 ? 200 6VX A C20 1 
HETATM 1296 C C21 . 6VX B 2 .   ? 3.645   9.105   -9.561  1.00 11.70 ? 200 6VX A C21 1 
HETATM 1297 C C22 . 6VX B 2 .   ? 4.609   9.337   -8.581  1.00 12.49 ? 200 6VX A C22 1 
HETATM 1298 C C23 . 6VX B 2 .   ? 5.332   8.277   -8.042  1.00 12.16 ? 200 6VX A C23 1 
HETATM 1299 O O   . HOH C 3 .   ? 6.973   -12.819 -6.204  1.00 36.71 ? 301 HOH A O   1 
HETATM 1300 O O   . HOH C 3 .   ? 12.486  -7.389  -9.649  1.00 24.23 ? 302 HOH A O   1 
HETATM 1301 O O   . HOH C 3 .   ? 9.615   -12.708 -5.720  1.00 26.60 ? 303 HOH A O   1 
HETATM 1302 O O   . HOH C 3 .   ? 13.145  -11.088 -6.997  1.00 25.78 ? 304 HOH A O   1 
HETATM 1303 O O   . HOH C 3 .   ? -2.302  10.852  -15.518 1.00 31.74 ? 305 HOH A O   1 
HETATM 1304 O O   . HOH C 3 .   ? 3.124   -6.621  -14.816 1.00 42.14 ? 306 HOH A O   1 
HETATM 1305 O O   . HOH C 3 .   ? 13.833  -7.728  23.652  1.00 36.92 ? 307 HOH A O   1 
HETATM 1306 O O   . HOH C 3 .   ? 6.778   -13.142 -8.983  1.00 31.88 ? 308 HOH A O   1 
HETATM 1307 O O   . HOH C 3 .   ? -16.793 0.676   0.884   1.00 35.38 ? 309 HOH A O   1 
HETATM 1308 O O   . HOH C 3 .   ? 14.100  8.931   -14.810 1.00 24.36 ? 310 HOH A O   1 
HETATM 1309 O O   . HOH C 3 .   ? 9.321   17.917  0.689   1.00 36.61 ? 311 HOH A O   1 
HETATM 1310 O O   . HOH C 3 .   ? -7.854  13.442  -2.544  1.00 30.40 ? 312 HOH A O   1 
HETATM 1311 O O   . HOH C 3 .   ? 4.609   13.196  -11.346 1.00 20.64 ? 313 HOH A O   1 
HETATM 1312 O O   . HOH C 3 .   ? -3.904  -6.810  -8.845  1.00 20.63 ? 314 HOH A O   1 
HETATM 1313 O O   . HOH C 3 .   ? -10.828 9.192   2.078   1.00 27.92 ? 315 HOH A O   1 
HETATM 1314 O O   . HOH C 3 .   ? 2.236   4.431   11.337  1.00 30.79 ? 316 HOH A O   1 
HETATM 1315 O O   . HOH C 3 .   ? -7.280  11.519  -13.799 1.00 32.24 ? 317 HOH A O   1 
HETATM 1316 O O   . HOH C 3 .   ? 6.854   -8.962  -13.655 1.00 43.45 ? 318 HOH A O   1 
HETATM 1317 O O   . HOH C 3 .   ? 10.423  6.624   8.262   1.00 28.49 ? 319 HOH A O   1 
HETATM 1318 O O   . HOH C 3 .   ? -15.522 2.762   11.300  1.00 23.33 ? 320 HOH A O   1 
HETATM 1319 O O   . HOH C 3 .   ? -15.233 8.849   0.227   1.00 37.12 ? 321 HOH A O   1 
HETATM 1320 O O   . HOH C 3 .   ? 0.464   -6.128  -13.768 1.00 30.09 ? 322 HOH A O   1 
HETATM 1321 O O   . HOH C 3 .   ? -1.129  -4.896  14.910  1.00 25.22 ? 323 HOH A O   1 
HETATM 1322 O O   . HOH C 3 .   ? -0.388  -2.333  -12.885 1.00 20.77 ? 324 HOH A O   1 
HETATM 1323 O O   . HOH C 3 .   ? 8.769   -0.125  -7.525  1.00 14.93 ? 325 HOH A O   1 
HETATM 1324 O O   . HOH C 3 .   ? 6.319   3.989   -15.048 1.00 25.03 ? 326 HOH A O   1 
HETATM 1325 O O   . HOH C 3 .   ? -3.681  -0.705  -17.953 1.00 36.13 ? 327 HOH A O   1 
HETATM 1326 O O   . HOH C 3 .   ? 5.866   0.443   -14.704 1.00 30.06 ? 328 HOH A O   1 
HETATM 1327 O O   . HOH C 3 .   ? 5.525   1.198   13.265  1.00 28.66 ? 329 HOH A O   1 
HETATM 1328 O O   . HOH C 3 .   ? 3.672   9.680   7.069   1.00 17.81 ? 330 HOH A O   1 
HETATM 1329 O O   . HOH C 3 .   ? 1.499   3.607   -20.735 1.00 38.30 ? 331 HOH A O   1 
HETATM 1330 O O   . HOH C 3 .   ? 1.331   15.591  2.561   1.00 16.00 ? 332 HOH A O   1 
HETATM 1331 O O   . HOH C 3 .   ? -1.799  8.821   5.489   1.00 19.10 ? 333 HOH A O   1 
HETATM 1332 O O   . HOH C 3 .   ? 1.272   -6.653  -6.075  1.00 17.22 ? 334 HOH A O   1 
HETATM 1333 O O   . HOH C 3 .   ? 10.955  4.171   14.465  1.00 33.73 ? 335 HOH A O   1 
HETATM 1334 O O   . HOH C 3 .   ? -3.226  16.596  3.032   1.00 25.55 ? 336 HOH A O   1 
HETATM 1335 O O   . HOH C 3 .   ? 5.779   14.111  -7.929  1.00 20.23 ? 337 HOH A O   1 
HETATM 1336 O O   . HOH C 3 .   ? 15.642  11.252  1.348   1.00 29.87 ? 338 HOH A O   1 
HETATM 1337 O O   . HOH C 3 .   ? -8.268  -13.438 -3.648  1.00 37.14 ? 339 HOH A O   1 
HETATM 1338 O O   . HOH C 3 .   ? -11.701 5.165   13.081  1.00 43.94 ? 340 HOH A O   1 
HETATM 1339 O O   . HOH C 3 .   ? -1.529  -0.316  -16.884 1.00 32.52 ? 341 HOH A O   1 
HETATM 1340 O O   . HOH C 3 .   ? -13.935 -7.113  1.684   1.00 30.14 ? 342 HOH A O   1 
HETATM 1341 O O   . HOH C 3 .   ? -4.398  10.462  -13.395 1.00 26.37 ? 343 HOH A O   1 
HETATM 1342 O O   . HOH C 3 .   ? -14.196 13.831  -5.259  1.00 27.57 ? 344 HOH A O   1 
HETATM 1343 O O   . HOH C 3 .   ? -7.735  -14.131 0.322   1.00 37.84 ? 345 HOH A O   1 
HETATM 1344 O O   . HOH C 3 .   ? 0.306   -1.826  15.025  1.00 27.03 ? 346 HOH A O   1 
HETATM 1345 O O   . HOH C 3 .   ? 1.717   -17.565 3.180   1.00 48.49 ? 347 HOH A O   1 
HETATM 1346 O O   . HOH C 3 .   ? 3.711   16.828  2.403   1.00 17.16 ? 348 HOH A O   1 
HETATM 1347 O O   . HOH C 3 .   ? 19.412  -8.496  4.826   1.00 27.63 ? 349 HOH A O   1 
HETATM 1348 O O   . HOH C 3 .   ? 11.573  -1.161  -3.999  1.00 13.33 ? 350 HOH A O   1 
HETATM 1349 O O   . HOH C 3 .   ? 1.569   -11.167 11.052  1.00 26.49 ? 351 HOH A O   1 
HETATM 1350 O O   . HOH C 3 .   ? 7.160   19.008  -1.689  1.00 21.06 ? 352 HOH A O   1 
HETATM 1351 O O   . HOH C 3 .   ? -11.743 1.529   -15.000 1.00 35.52 ? 353 HOH A O   1 
HETATM 1352 O O   . HOH C 3 .   ? -1.047  7.074   7.626   1.00 34.63 ? 354 HOH A O   1 
HETATM 1353 O O   . HOH C 3 .   ? -11.980 -8.358  -4.569  1.00 27.83 ? 355 HOH A O   1 
HETATM 1354 O O   . HOH C 3 .   ? 0.652   10.556  -16.642 1.00 25.58 ? 356 HOH A O   1 
HETATM 1355 O O   . HOH C 3 .   ? 16.926  7.073   2.662   1.00 31.77 ? 357 HOH A O   1 
HETATM 1356 O O   . HOH C 3 .   ? -9.806  -16.136 -8.591  1.00 43.51 ? 358 HOH A O   1 
HETATM 1357 O O   . HOH C 3 .   ? -9.939  12.382  -3.667  1.00 27.57 ? 359 HOH A O   1 
HETATM 1358 O O   . HOH C 3 .   ? 7.980   11.760  6.372   1.00 19.65 ? 360 HOH A O   1 
HETATM 1359 O O   . HOH C 3 .   ? -2.026  -15.783 -3.929  1.00 36.69 ? 361 HOH A O   1 
HETATM 1360 O O   . HOH C 3 .   ? 7.248   17.893  4.152   1.00 31.27 ? 362 HOH A O   1 
HETATM 1361 O O   . HOH C 3 .   ? 9.715   5.054   -12.289 1.00 17.77 ? 363 HOH A O   1 
HETATM 1362 O O   . HOH C 3 .   ? -3.047  -12.929 -7.754  1.00 30.67 ? 364 HOH A O   1 
HETATM 1363 O O   . HOH C 3 .   ? -11.808 6.251   9.128   1.00 25.41 ? 365 HOH A O   1 
HETATM 1364 O O   . HOH C 3 .   ? -14.526 2.113   -7.426  1.00 34.84 ? 366 HOH A O   1 
HETATM 1365 O O   . HOH C 3 .   ? -10.316 14.361  -11.117 1.00 31.11 ? 367 HOH A O   1 
HETATM 1366 O O   . HOH C 3 .   ? 2.096   16.099  -7.190  1.00 15.56 ? 368 HOH A O   1 
HETATM 1367 O O   . HOH C 3 .   ? 5.934   -7.629  17.597  1.00 24.07 ? 369 HOH A O   1 
HETATM 1368 O O   . HOH C 3 .   ? -6.522  19.489  -3.981  1.00 27.70 ? 370 HOH A O   1 
HETATM 1369 O O   . HOH C 3 .   ? 6.414   14.931  -5.300  1.00 17.70 ? 371 HOH A O   1 
HETATM 1370 O O   . HOH C 3 .   ? -0.728  9.774   -6.218  1.00 18.14 ? 372 HOH A O   1 
HETATM 1371 O O   . HOH C 3 .   ? 2.885   7.428   8.298   1.00 26.12 ? 373 HOH A O   1 
HETATM 1372 O O   . HOH C 3 .   ? -9.801  6.914   2.766   1.00 23.01 ? 374 HOH A O   1 
HETATM 1373 O O   . HOH C 3 .   ? -0.814  -7.888  16.404  1.00 36.07 ? 375 HOH A O   1 
HETATM 1374 O O   . HOH C 3 .   ? 16.976  0.726   1.404   1.00 34.82 ? 376 HOH A O   1 
HETATM 1375 O O   . HOH C 3 .   ? 14.500  1.673   5.193   1.00 36.67 ? 377 HOH A O   1 
HETATM 1376 O O   . HOH C 3 .   ? 13.898  -11.115 10.890  1.00 30.64 ? 378 HOH A O   1 
HETATM 1377 O O   . HOH C 3 .   ? -3.018  7.583   1.777   1.00 15.25 ? 379 HOH A O   1 
HETATM 1378 O O   . HOH C 3 .   ? 7.678   -5.703  -12.397 1.00 34.34 ? 380 HOH A O   1 
HETATM 1379 O O   . HOH C 3 .   ? 10.186  8.017   -0.892  1.00 14.80 ? 381 HOH A O   1 
HETATM 1380 O O   . HOH C 3 .   ? 0.110   -10.798 13.407  1.00 29.68 ? 382 HOH A O   1 
HETATM 1381 O O   . HOH C 3 .   ? 14.945  7.035   6.255   1.00 42.71 ? 383 HOH A O   1 
HETATM 1382 O O   . HOH C 3 .   ? -16.151 -2.365  14.851  1.00 31.03 ? 384 HOH A O   1 
HETATM 1383 O O   . HOH C 3 .   ? -6.398  8.322   -13.926 1.00 27.41 ? 385 HOH A O   1 
HETATM 1384 O O   . HOH C 3 .   ? -7.605  7.948   4.007   1.00 20.28 ? 386 HOH A O   1 
HETATM 1385 O O   . HOH C 3 .   ? 2.463   10.675  0.002   1.00 14.01 ? 387 HOH A O   1 
HETATM 1386 O O   . HOH C 3 .   ? 15.743  -9.907  -0.225  1.00 21.91 ? 388 HOH A O   1 
HETATM 1387 O O   . HOH C 3 .   ? 1.309   1.339   -14.070 1.00 22.09 ? 389 HOH A O   1 
HETATM 1388 O O   . HOH C 3 .   ? 6.721   -1.561  -11.094 1.00 21.64 ? 390 HOH A O   1 
HETATM 1389 O O   . HOH C 3 .   ? 1.568   -14.175 -0.777  1.00 32.19 ? 391 HOH A O   1 
HETATM 1390 O O   . HOH C 3 .   ? -8.338  17.177  -10.382 1.00 40.17 ? 392 HOH A O   1 
HETATM 1391 O O   . HOH C 3 .   ? 3.654   15.131  -4.949  1.00 17.00 ? 393 HOH A O   1 
HETATM 1392 O O   . HOH C 3 .   ? 3.568   -12.401 -2.046  1.00 20.11 ? 394 HOH A O   1 
HETATM 1393 O O   . HOH C 3 .   ? 5.736   -13.223 0.103   1.00 31.31 ? 395 HOH A O   1 
HETATM 1394 O O   . HOH C 3 .   ? 16.324  -11.312 1.961   1.00 32.16 ? 396 HOH A O   1 
HETATM 1395 O O   . HOH C 3 .   ? -1.397  13.883  6.017   1.00 30.88 ? 397 HOH A O   1 
HETATM 1396 O O   . HOH C 3 .   ? -14.140 -0.584  -8.696  1.00 33.71 ? 398 HOH A O   1 
HETATM 1397 O O   . HOH C 3 .   ? 11.194  8.595   6.331   1.00 19.22 ? 399 HOH A O   1 
HETATM 1398 O O   . HOH C 3 .   ? -17.597 4.156   10.247  1.00 22.66 ? 400 HOH A O   1 
HETATM 1399 O O   . HOH C 3 .   ? 7.366   3.623   11.751  1.00 34.82 ? 401 HOH A O   1 
HETATM 1400 O O   . HOH C 3 .   ? 8.135   -12.429 2.293   1.00 30.75 ? 402 HOH A O   1 
HETATM 1401 O O   . HOH C 3 .   ? -7.393  3.591   13.752  1.00 41.35 ? 403 HOH A O   1 
HETATM 1402 O O   . HOH C 3 .   ? -4.676  14.743  6.837   1.00 38.68 ? 404 HOH A O   1 
HETATM 1403 O O   . HOH C 3 .   ? -5.212  8.981   2.852   1.00 19.26 ? 405 HOH A O   1 
HETATM 1404 O O   . HOH C 3 .   ? 1.929   15.520  -10.782 1.00 20.95 ? 406 HOH A O   1 
HETATM 1405 O O   . HOH C 3 .   ? 9.783   -5.070  -9.996  1.00 31.05 ? 407 HOH A O   1 
HETATM 1406 O O   . HOH C 3 .   ? 10.245  -12.206 14.943  1.00 32.47 ? 408 HOH A O   1 
HETATM 1407 O O   . HOH C 3 .   ? 13.992  4.577   7.409   1.00 36.14 ? 409 HOH A O   1 
HETATM 1408 O O   . HOH C 3 .   ? 0.941   10.916  6.716   1.00 19.61 ? 410 HOH A O   1 
HETATM 1409 O O   . HOH C 3 .   ? -8.525  2.769   10.245  1.00 22.74 ? 411 HOH A O   1 
HETATM 1410 O O   . HOH C 3 .   ? -7.471  1.759   -17.216 1.00 27.98 ? 412 HOH A O   1 
HETATM 1411 O O   . HOH C 3 .   ? -14.706 2.245   -10.512 1.00 38.06 ? 413 HOH A O   1 
HETATM 1412 O O   . HOH C 3 .   ? 16.766  4.191   0.242   1.00 22.03 ? 414 HOH A O   1 
HETATM 1413 O O   . HOH C 3 .   ? 6.766   -12.697 5.500   1.00 28.60 ? 415 HOH A O   1 
HETATM 1414 O O   . HOH C 3 .   ? -15.908 4.912   -8.226  1.00 38.99 ? 416 HOH A O   1 
HETATM 1415 O O   . HOH C 3 .   ? 16.644  -5.327  15.806  1.00 32.80 ? 417 HOH A O   1 
HETATM 1416 O O   . HOH C 3 .   ? -10.916 -13.100 0.043   1.00 37.81 ? 418 HOH A O   1 
HETATM 1417 O O   . HOH C 3 .   ? -1.455  14.749  1.465   1.00 16.40 ? 419 HOH A O   1 
HETATM 1418 O O   . HOH C 3 .   ? -20.426 -1.086  3.421   1.00 29.75 ? 420 HOH A O   1 
HETATM 1419 O O   . HOH C 3 .   ? 14.335  1.012   -2.699  1.00 16.48 ? 421 HOH A O   1 
HETATM 1420 O O   . HOH C 3 .   ? -5.670  -5.258  -13.600 1.00 27.46 ? 422 HOH A O   1 
HETATM 1421 O O   . HOH C 3 .   ? 11.744  -11.458 -2.334  1.00 26.55 ? 423 HOH A O   1 
HETATM 1422 O O   . HOH C 3 .   ? 4.321   9.964   -18.033 1.00 30.08 ? 424 HOH A O   1 
HETATM 1423 O O   . HOH C 3 .   ? -2.693  10.655  -19.796 1.00 38.75 ? 425 HOH A O   1 
HETATM 1424 O O   . HOH C 3 .   ? -0.018  4.492   12.380  1.00 36.04 ? 426 HOH A O   1 
HETATM 1425 O O   . HOH C 3 .   ? 1.325   -8.954  -13.101 1.00 28.94 ? 427 HOH A O   1 
HETATM 1426 O O   . HOH C 3 .   ? 8.288   4.814   18.018  1.00 39.07 ? 428 HOH A O   1 
HETATM 1427 O O   . HOH C 3 .   ? -11.607 -3.910  -11.079 1.00 29.59 ? 429 HOH A O   1 
HETATM 1428 O O   . HOH C 3 .   ? -3.581  15.595  0.047   1.00 28.21 ? 430 HOH A O   1 
HETATM 1429 O O   . HOH C 3 .   ? -11.586 -6.913  10.012  1.00 27.58 ? 431 HOH A O   1 
HETATM 1430 O O   . HOH C 3 .   ? -1.037  0.171   -14.264 1.00 26.64 ? 432 HOH A O   1 
HETATM 1431 O O   . HOH C 3 .   ? -5.148  10.127  5.810   1.00 33.04 ? 433 HOH A O   1 
HETATM 1432 O O   . HOH C 3 .   ? -13.874 -9.066  6.634   1.00 38.60 ? 434 HOH A O   1 
HETATM 1433 O O   . HOH C 3 .   ? 18.899  -10.849 3.583   1.00 35.92 ? 435 HOH A O   1 
HETATM 1434 O O   . HOH C 3 .   ? 15.935  -2.771  8.521   1.00 37.55 ? 436 HOH A O   1 
HETATM 1435 O O   . HOH C 3 .   ? -13.845 -3.949  -8.235  1.00 38.06 ? 437 HOH A O   1 
HETATM 1436 O O   . HOH C 3 .   ? 3.179   -6.384  18.351  1.00 39.82 ? 438 HOH A O   1 
HETATM 1437 O O   . HOH C 3 .   ? 12.679  2.195   13.201  1.00 29.94 ? 439 HOH A O   1 
HETATM 1438 O O   . HOH C 3 .   ? -7.114  -3.229  -13.233 1.00 35.79 ? 440 HOH A O   1 
HETATM 1439 O O   . HOH C 3 .   ? -12.698 -9.955  -9.921  1.00 43.44 ? 441 HOH A O   1 
HETATM 1440 O O   . HOH C 3 .   ? -18.316 2.059   13.877  1.00 36.07 ? 442 HOH A O   1 
HETATM 1441 O O   . HOH C 3 .   ? -12.823 5.881   -14.046 1.00 36.84 ? 443 HOH A O   1 
HETATM 1442 O O   . HOH C 3 .   ? -13.114 -6.114  13.062  1.00 41.15 ? 444 HOH A O   1 
HETATM 1443 O O   . HOH C 3 .   ? 4.974   2.646   16.231  1.00 47.22 ? 445 HOH A O   1 
HETATM 1444 O O   . HOH C 3 .   ? 11.648  -11.753 -9.448  1.00 28.44 ? 446 HOH A O   1 
HETATM 1445 O O   . HOH C 3 .   ? -7.286  21.028  -6.617  1.00 36.94 ? 447 HOH A O   1 
HETATM 1446 O O   . HOH C 3 .   ? -5.810  4.140   10.264  1.00 13.72 ? 448 HOH A O   1 
HETATM 1447 O O   . HOH C 3 .   ? 0.437   -11.959 -12.852 1.00 38.38 ? 449 HOH A O   1 
HETATM 1448 O O   . HOH C 3 .   ? -4.990  7.306   -20.891 1.00 34.38 ? 450 HOH A O   1 
HETATM 1449 O O   . HOH C 3 .   ? 10.325  -13.575 -1.599  1.00 35.48 ? 451 HOH A O   1 
HETATM 1450 O O   . HOH C 3 .   ? -14.126 -4.808  18.362  1.00 51.99 ? 452 HOH A O   1 
HETATM 1451 O O   . HOH C 3 .   ? 14.617  -11.505 23.814  1.00 44.79 ? 453 HOH A O   1 
HETATM 1452 O O   . HOH C 3 .   ? -16.592 -3.912  -0.633  1.00 40.04 ? 454 HOH A O   1 
HETATM 1453 O O   . HOH C 3 .   ? -3.014  15.673  -12.941 1.00 29.05 ? 455 HOH A O   1 
HETATM 1454 O O   . HOH C 3 .   ? -4.244  17.091  5.607   1.00 29.47 ? 456 HOH A O   1 
HETATM 1455 O O   . HOH C 3 .   ? 8.270   -13.249 0.041   1.00 40.25 ? 457 HOH A O   1 
HETATM 1456 O O   . HOH C 3 .   ? 14.681  -13.548 2.495   1.00 43.63 ? 458 HOH A O   1 
HETATM 1457 O O   . HOH C 3 .   ? -14.933 -8.028  4.347   1.00 27.21 ? 459 HOH A O   1 
HETATM 1458 O O   . HOH C 3 .   ? 21.426  -6.882  3.994   1.00 37.71 ? 460 HOH A O   1 
HETATM 1459 O O   . HOH C 3 .   ? 15.411  1.913   9.588   1.00 31.65 ? 461 HOH A O   1 
HETATM 1460 O O   . HOH C 3 .   ? -13.469 8.200   1.940   1.00 38.04 ? 462 HOH A O   1 
HETATM 1461 O O   . HOH C 3 .   ? 21.263  -1.150  4.918   1.00 43.16 ? 463 HOH A O   1 
HETATM 1462 O O   . HOH C 3 .   ? -11.728 6.567   4.881   1.00 24.64 ? 464 HOH A O   1 
HETATM 1463 O O   . HOH C 3 .   ? 13.291  13.784  -0.534  1.00 42.35 ? 465 HOH A O   1 
HETATM 1464 O O   . HOH C 3 .   ? 18.816  0.190   4.008   1.00 44.63 ? 466 HOH A O   1 
HETATM 1465 O O   . HOH C 3 .   ? 2.760   2.163   -16.325 1.00 38.99 ? 467 HOH A O   1 
HETATM 1466 O O   . HOH C 3 .   ? -15.134 12.856  -1.351  1.00 39.18 ? 468 HOH A O   1 
HETATM 1467 O O   . HOH C 3 .   ? 13.111  -13.381 4.352   1.00 38.61 ? 469 HOH A O   1 
HETATM 1468 O O   . HOH C 3 .   ? 11.455  -0.642  -6.656  1.00 16.75 ? 470 HOH A O   1 
HETATM 1469 O O   . HOH C 3 .   ? 17.668  -8.114  24.918  1.00 45.23 ? 471 HOH A O   1 
HETATM 1470 O O   . HOH C 3 .   ? -7.934  11.913  3.383   1.00 35.43 ? 472 HOH A O   1 
HETATM 1471 O O   . HOH C 3 .   ? -4.018  14.157  -14.301 1.00 43.76 ? 473 HOH A O   1 
HETATM 1472 O O   . HOH C 3 .   ? -3.448  -5.158  -14.829 1.00 37.45 ? 474 HOH A O   1 
HETATM 1473 O O   . HOH C 3 .   ? -13.876 7.251   10.744  1.00 44.29 ? 475 HOH A O   1 
HETATM 1474 O O   . HOH C 3 .   ? 19.286  -11.260 21.792  1.00 49.62 ? 476 HOH A O   1 
HETATM 1475 O O   . HOH C 3 .   ? -0.813  -4.238  -14.569 1.00 35.15 ? 477 HOH A O   1 
HETATM 1476 O O   . HOH C 3 .   ? -12.577 13.456  -2.989  1.00 26.31 ? 478 HOH A O   1 
HETATM 1477 O O   . HOH C 3 .   ? -12.756 14.976  -10.323 1.00 43.48 ? 479 HOH A O   1 
HETATM 1478 O O   . HOH C 3 .   ? 3.626   -8.808  -14.448 1.00 41.17 ? 480 HOH A O   1 
HETATM 1479 O O   . HOH C 3 .   ? 18.212  -6.754  19.898  1.00 34.31 ? 481 HOH A O   1 
HETATM 1480 O O   . HOH C 3 .   ? -9.576  5.483   10.384  1.00 35.67 ? 482 HOH A O   1 
HETATM 1481 O O   . HOH C 3 .   ? -14.279 7.185   4.182   1.00 28.37 ? 483 HOH A O   1 
HETATM 1482 O O   . HOH C 3 .   ? 18.211  2.417   3.246   1.00 37.42 ? 484 HOH A O   1 
HETATM 1483 O O   . HOH C 3 .   ? -9.173  0.328   -15.580 1.00 35.49 ? 485 HOH A O   1 
HETATM 1484 O O   . HOH C 3 .   ? -12.905 -10.482 -3.255  1.00 36.93 ? 486 HOH A O   1 
HETATM 1485 O O   . HOH C 3 .   ? 11.564  -15.116 0.072   1.00 42.95 ? 487 HOH A O   1 
HETATM 1486 O O   . HOH C 3 .   ? -8.509  -2.235  -14.911 1.00 41.57 ? 488 HOH A O   1 
HETATM 1487 O O   . HOH C 3 .   ? 5.242   -13.637 -4.299  1.00 32.31 ? 489 HOH A O   1 
HETATM 1488 O O   . HOH C 3 .   ? 8.598   14.360  6.661   1.00 32.42 ? 490 HOH A O   1 
HETATM 1489 O O   . HOH C 3 .   ? -11.458 8.135   6.717   1.00 37.33 ? 491 HOH A O   1 
HETATM 1490 O O   . HOH C 3 .   ? 5.745   11.103  8.326   1.00 24.87 ? 492 HOH A O   1 
HETATM 1491 O O   . HOH C 3 .   ? 0.284   -16.135 -2.045  1.00 42.08 ? 493 HOH A O   1 
HETATM 1492 O O   . HOH C 3 .   ? -1.036  9.497   8.057   1.00 36.42 ? 494 HOH A O   1 
HETATM 1493 O O   . HOH C 3 .   ? -21.282 1.782   1.781   1.00 40.25 ? 495 HOH A O   1 
HETATM 1494 O O   . HOH C 3 .   ? -11.480 -2.982  -14.094 1.00 40.80 ? 496 HOH A O   1 
HETATM 1495 O O   . HOH C 3 .   ? 15.373  -0.394  7.270   1.00 44.03 ? 497 HOH A O   1 
HETATM 1496 O O   . HOH C 3 .   ? -1.762  -14.954 -7.934  1.00 39.95 ? 498 HOH A O   1 
HETATM 1497 O O   . HOH C 3 .   ? 0.175   -15.616 -5.343  1.00 48.44 ? 499 HOH A O   1 
HETATM 1498 O O   . HOH C 3 .   ? -16.588 13.314  -4.607  1.00 49.41 ? 500 HOH A O   1 
HETATM 1499 O O   . HOH C 3 .   ? 7.065   16.723  6.758   1.00 35.86 ? 501 HOH A O   1 
HETATM 1500 O O   . HOH C 3 .   ? -8.513  14.288  3.047   1.00 35.24 ? 502 HOH A O   1 
HETATM 1501 O O   . HOH C 3 .   ? -0.595  -20.827 4.889   1.00 40.80 ? 503 HOH A O   1 
HETATM 1502 O O   . HOH C 3 .   ? -8.131  10.250  5.047   1.00 39.13 ? 504 HOH A O   1 
HETATM 1503 O O   . HOH C 3 .   ? 17.028  9.653   3.192   1.00 39.73 ? 505 HOH A O   1 
HETATM 1504 O O   . HOH C 3 .   ? -12.487 -8.567  -7.636  1.00 35.64 ? 506 HOH A O   1 
HETATM 1505 O O   . HOH C 3 .   ? -11.484 10.860  4.136   1.00 42.53 ? 507 HOH A O   1 
HETATM 1506 O O   . HOH C 3 .   ? -9.060  3.891   -18.086 1.00 39.78 ? 508 HOH A O   1 
HETATM 1507 O O   . HOH C 3 .   ? -20.841 0.826   -0.356  1.00 49.02 ? 509 HOH A O   1 
HETATM 1508 O O   . HOH C 3 .   ? -13.874 16.666  -5.819  1.00 35.92 ? 510 HOH A O   1 
HETATM 1509 O O   . HOH C 3 .   ? 6.561   9.459   10.414  1.00 48.73 ? 511 HOH A O   1 
HETATM 1510 O O   . HOH C 3 .   ? 3.244   -13.591 -4.356  1.00 43.53 ? 512 HOH A O   1 
HETATM 1511 O O   . HOH C 3 .   ? 10.281  10.866  7.559   1.00 24.94 ? 513 HOH A O   1 
HETATM 1512 O O   . HOH C 3 .   ? -12.659 -7.902  16.737  1.00 54.57 ? 514 HOH A O   1 
HETATM 1513 O O   . HOH C 3 .   ? 1.799   12.704  8.831   1.00 47.46 ? 515 HOH A O   1 
HETATM 1514 O O   . HOH C 3 .   ? 1.131   -12.163 15.448  1.00 44.56 ? 516 HOH A O   1 
HETATM 1515 O O   . HOH C 3 .   ? 5.861   -10.226 17.607  1.00 36.58 ? 517 HOH A O   1 
HETATM 1516 O O   . HOH C 3 .   ? 0.475   -10.753 17.786  1.00 49.09 ? 518 HOH A O   1 
HETATM 1517 O O   . HOH C 3 .   ? -9.397  9.909   7.070   1.00 45.37 ? 519 HOH A O   1 
HETATM 1518 O O   . HOH C 3 .   ? -14.905 -7.819  16.502  1.00 46.56 ? 520 HOH A O   1 
HETATM 1519 O O   . HOH C 3 .   ? 6.856   -14.954 -2.908  1.00 37.34 ? 521 HOH A O   1 
HETATM 1520 O O   . HOH C 3 .   ? 10.336  7.274   -20.172 1.00 48.53 ? 522 HOH A O   1 
HETATM 1521 O O   . HOH C 3 .   ? 8.466   9.686   9.952   1.00 46.97 ? 523 HOH A O   1 
HETATM 1522 O O   . HOH C 3 .   ? 4.422   13.629  9.219   1.00 45.74 ? 524 HOH A O   1 
HETATM 1523 O O   . HOH C 3 .   ? 10.670  5.323   -19.594 1.00 38.12 ? 525 HOH A O   1 
HETATM 1524 O O   . HOH C 3 .   ? 11.924  12.890  7.796   1.00 39.83 ? 526 HOH A O   1 
HETATM 1525 O O   . HOH C 3 .   ? 3.052   11.397  11.403  1.00 50.86 ? 527 HOH A O   1 
HETATM 1526 O O   . HOH C 3 .   ? 12.167  5.943   -23.441 1.00 46.35 ? 528 HOH A O   1 
# 
loop_
_pdbx_poly_seq_scheme.asym_id 
_pdbx_poly_seq_scheme.entity_id 
_pdbx_poly_seq_scheme.seq_id 
_pdbx_poly_seq_scheme.mon_id 
_pdbx_poly_seq_scheme.ndb_seq_num 
_pdbx_poly_seq_scheme.pdb_seq_num 
_pdbx_poly_seq_scheme.auth_seq_num 
_pdbx_poly_seq_scheme.pdb_mon_id 
_pdbx_poly_seq_scheme.auth_mon_id 
_pdbx_poly_seq_scheme.pdb_strand_id 
_pdbx_poly_seq_scheme.pdb_ins_code 
_pdbx_poly_seq_scheme.hetero 
A 1 1   MET 1   -20 ?   ?   ?   A . n 
A 1 2   GLY 2   -19 ?   ?   ?   A . n 
A 1 3   SER 3   -18 ?   ?   ?   A . n 
A 1 4   SER 4   -17 ?   ?   ?   A . n 
A 1 5   HIS 5   -16 ?   ?   ?   A . n 
A 1 6   HIS 6   -15 ?   ?   ?   A . n 
A 1 7   HIS 7   -14 ?   ?   ?   A . n 
A 1 8   HIS 8   -13 ?   ?   ?   A . n 
A 1 9   HIS 9   -12 ?   ?   ?   A . n 
A 1 10  HIS 10  -11 ?   ?   ?   A . n 
A 1 11  SER 11  -10 ?   ?   ?   A . n 
A 1 12  SER 12  -9  ?   ?   ?   A . n 
A 1 13  GLY 13  -8  ?   ?   ?   A . n 
A 1 14  LEU 14  -7  ?   ?   ?   A . n 
A 1 15  VAL 15  -6  ?   ?   ?   A . n 
A 1 16  PRO 16  -5  ?   ?   ?   A . n 
A 1 17  ARG 17  -4  ?   ?   ?   A . n 
A 1 18  GLY 18  -3  ?   ?   ?   A . n 
A 1 19  SER 19  -2  ?   ?   ?   A . n 
A 1 20  HIS 20  -1  ?   ?   ?   A . n 
A 1 21  MET 21  0   ?   ?   ?   A . n 
A 1 22  ALA 22  1   ?   ?   ?   A . n 
A 1 23  GLU 23  2   ?   ?   ?   A . n 
A 1 24  GLN 24  3   ?   ?   ?   A . n 
A 1 25  ALA 25  4   4   ALA ALA A . n 
A 1 26  THR 26  5   5   THR THR A . n 
A 1 27  LYS 27  6   6   LYS LYS A . n 
A 1 28  SER 28  7   7   SER SER A . n 
A 1 29  VAL 29  8   8   VAL VAL A . n 
A 1 30  LEU 30  9   9   LEU LEU A . n 
A 1 31  PHE 31  10  10  PHE PHE A . n 
A 1 32  VAL 32  11  11  VAL VAL A . n 
A 1 33  CYS 33  12  12  CYS CYS A . n 
A 1 34  LEU 34  13  13  LEU LEU A . n 
A 1 35  GLY 35  14  14  GLY GLY A . n 
A 1 36  ASN 36  15  15  ASN ASN A . n 
A 1 37  ILE 37  16  16  ILE ILE A . n 
A 1 38  CYS 38  17  17  CYS CYS A . n 
A 1 39  ARG 39  18  18  ARG ARG A . n 
A 1 40  SER 40  19  19  SER SER A . n 
A 1 41  PRO 41  20  20  PRO PRO A . n 
A 1 42  ILE 42  21  21  ILE ILE A . n 
A 1 43  ALA 43  22  22  ALA ALA A . n 
A 1 44  GLU 44  23  23  GLU GLU A . n 
A 1 45  ALA 45  24  24  ALA ALA A . n 
A 1 46  VAL 46  25  25  VAL VAL A . n 
A 1 47  PHE 47  26  26  PHE PHE A . n 
A 1 48  ARG 48  27  27  ARG ARG A . n 
A 1 49  LYS 49  28  28  LYS LYS A . n 
A 1 50  LEU 50  29  29  LEU LEU A . n 
A 1 51  VAL 51  30  30  VAL VAL A . n 
A 1 52  THR 52  31  31  THR THR A . n 
A 1 53  ASP 53  32  32  ASP ASP A . n 
A 1 54  GLN 54  33  33  GLN GLN A . n 
A 1 55  ASN 55  34  34  ASN ASN A . n 
A 1 56  ILE 56  35  35  ILE ILE A . n 
A 1 57  SER 57  36  36  SER SER A . n 
A 1 58  GLU 58  37  37  GLU GLU A . n 
A 1 59  ASN 59  38  38  ASN ASN A . n 
A 1 60  TRP 60  39  39  TRP TRP A . n 
A 1 61  ARG 61  40  40  ARG ARG A . n 
A 1 62  VAL 62  41  41  VAL VAL A . n 
A 1 63  ASP 63  42  42  ASP ASP A . n 
A 1 64  SER 64  43  43  SER SER A . n 
A 1 65  ALA 65  44  44  ALA ALA A . n 
A 1 66  ALA 66  45  45  ALA ALA A . n 
A 1 67  THR 67  46  46  THR THR A . n 
A 1 68  SER 68  47  47  SER SER A . n 
A 1 69  GLY 69  48  48  GLY GLY A . n 
A 1 70  TYR 70  49  49  TYR TYR A . n 
A 1 71  GLU 71  50  50  GLU GLU A . n 
A 1 72  ILE 72  51  51  ILE ILE A . n 
A 1 73  GLY 73  52  52  GLY GLY A . n 
A 1 74  ASN 74  53  53  ASN ASN A . n 
A 1 75  PRO 75  54  54  PRO PRO A . n 
A 1 76  PRO 76  55  55  PRO PRO A . n 
A 1 77  ASP 77  56  56  ASP ASP A . n 
A 1 78  TYR 78  57  57  TYR TYR A . n 
A 1 79  ARG 79  58  58  ARG ARG A . n 
A 1 80  GLY 80  59  59  GLY GLY A . n 
A 1 81  GLN 81  60  60  GLN GLN A . n 
A 1 82  SER 82  61  61  SER SER A . n 
A 1 83  CYS 83  62  62  CYS CYS A . n 
A 1 84  MET 84  63  63  MET MET A . n 
A 1 85  LYS 85  64  64  LYS LYS A . n 
A 1 86  ARG 86  65  65  ARG ARG A . n 
A 1 87  HIS 87  66  66  HIS HIS A . n 
A 1 88  GLY 88  67  67  GLY GLY A . n 
A 1 89  ILE 89  68  68  ILE ILE A . n 
A 1 90  PRO 90  69  69  PRO PRO A . n 
A 1 91  MET 91  70  70  MET MET A . n 
A 1 92  SER 92  71  71  SER SER A . n 
A 1 93  HIS 93  72  72  HIS HIS A . n 
A 1 94  VAL 94  73  73  VAL VAL A . n 
A 1 95  ALA 95  74  74  ALA ALA A . n 
A 1 96  ARG 96  75  75  ARG ARG A . n 
A 1 97  GLN 97  76  76  GLN GLN A . n 
A 1 98  ILE 98  77  77  ILE ILE A . n 
A 1 99  THR 99  78  78  THR THR A . n 
A 1 100 LYS 100 79  79  LYS LYS A . n 
A 1 101 GLU 101 80  80  GLU GLU A . n 
A 1 102 ASP 102 81  81  ASP ASP A . n 
A 1 103 PHE 103 82  82  PHE PHE A . n 
A 1 104 ALA 104 83  83  ALA ALA A . n 
A 1 105 THR 105 84  84  THR THR A . n 
A 1 106 PHE 106 85  85  PHE PHE A . n 
A 1 107 ASP 107 86  86  ASP ASP A . n 
A 1 108 TYR 108 87  87  TYR TYR A . n 
A 1 109 ILE 109 88  88  ILE ILE A . n 
A 1 110 LEU 110 89  89  LEU LEU A . n 
A 1 111 CYS 111 90  90  CYS CYS A . n 
A 1 112 MET 112 91  91  MET MET A . n 
A 1 113 ASP 113 92  92  ASP ASP A . n 
A 1 114 GLU 114 93  93  GLU GLU A . n 
A 1 115 SER 115 94  94  SER SER A . n 
A 1 116 ASN 116 95  95  ASN ASN A . n 
A 1 117 LEU 117 96  96  LEU LEU A . n 
A 1 118 ARG 118 97  97  ARG ARG A . n 
A 1 119 ASP 119 98  98  ASP ASP A . n 
A 1 120 LEU 120 99  99  LEU LEU A . n 
A 1 121 ASN 121 100 100 ASN ASN A . n 
A 1 122 ARG 122 101 101 ARG ARG A . n 
A 1 123 LYS 123 102 102 LYS LYS A . n 
A 1 124 SER 124 103 103 SER SER A . n 
A 1 125 ASN 125 104 104 ASN ASN A . n 
A 1 126 GLN 126 105 105 GLN GLN A . n 
A 1 127 VAL 127 106 106 VAL VAL A . n 
A 1 128 LYS 128 107 107 LYS LYS A . n 
A 1 129 THR 129 108 108 THR THR A . n 
A 1 130 CYS 130 109 109 CYS CYS A . n 
A 1 131 LYS 131 110 110 LYS LYS A . n 
A 1 132 ALA 132 111 111 ALA ALA A . n 
A 1 133 LYS 133 112 112 LYS LYS A . n 
A 1 134 ILE 134 113 113 ILE ILE A . n 
A 1 135 GLU 135 114 114 GLU GLU A . n 
A 1 136 LEU 136 115 115 LEU LEU A . n 
A 1 137 LEU 137 116 116 LEU LEU A . n 
A 1 138 GLY 138 117 117 GLY GLY A . n 
A 1 139 SER 139 118 118 SER SER A . n 
A 1 140 TYR 140 119 119 TYR TYR A . n 
A 1 141 ASP 141 120 120 ASP ASP A . n 
A 1 142 PRO 142 121 121 PRO PRO A . n 
A 1 143 GLN 143 122 122 GLN GLN A . n 
A 1 144 LYS 144 123 123 LYS LYS A . n 
A 1 145 GLN 145 124 124 GLN GLN A . n 
A 1 146 LEU 146 125 125 LEU LEU A . n 
A 1 147 ILE 147 126 126 ILE ILE A . n 
A 1 148 ILE 148 127 127 ILE ILE A . n 
A 1 149 GLU 149 128 128 GLU GLU A . n 
A 1 150 ASP 150 129 129 ASP ASP A . n 
A 1 151 PRO 151 130 130 PRO PRO A . n 
A 1 152 TYR 152 131 131 TYR TYR A . n 
A 1 153 TYR 153 132 132 TYR TYR A . n 
A 1 154 GLY 154 133 133 GLY GLY A . n 
A 1 155 ASN 155 134 134 ASN ASN A . n 
A 1 156 ASP 156 135 135 ASP ASP A . n 
A 1 157 SER 157 136 136 SER SER A . n 
A 1 158 ASP 158 137 137 ASP ASP A . n 
A 1 159 PHE 159 138 138 PHE PHE A . n 
A 1 160 GLU 160 139 139 GLU GLU A . n 
A 1 161 THR 161 140 140 THR THR A . n 
A 1 162 VAL 162 141 141 VAL VAL A . n 
A 1 163 TYR 163 142 142 TYR TYR A . n 
A 1 164 GLN 164 143 143 GLN GLN A . n 
A 1 165 GLN 165 144 144 GLN GLN A . n 
A 1 166 CYS 166 145 145 CYS CYS A . n 
A 1 167 VAL 167 146 146 VAL VAL A . n 
A 1 168 ARG 168 147 147 ARG ARG A . n 
A 1 169 CYS 169 148 148 CYS CYS A . n 
A 1 170 CYS 170 149 149 CYS CYS A . n 
A 1 171 ARG 171 150 150 ARG ARG A . n 
A 1 172 ALA 172 151 151 ALA ALA A . n 
A 1 173 PHE 173 152 152 PHE PHE A . n 
A 1 174 LEU 174 153 153 LEU LEU A . n 
A 1 175 GLU 175 154 154 GLU GLU A . n 
A 1 176 LYS 176 155 155 LYS LYS A . n 
A 1 177 ALA 177 156 156 ALA ALA A . n 
A 1 178 HIS 178 157 157 HIS HIS A . n 
# 
loop_
_pdbx_nonpoly_scheme.asym_id 
_pdbx_nonpoly_scheme.entity_id 
_pdbx_nonpoly_scheme.mon_id 
_pdbx_nonpoly_scheme.ndb_seq_num 
_pdbx_nonpoly_scheme.pdb_seq_num 
_pdbx_nonpoly_scheme.auth_seq_num 
_pdbx_nonpoly_scheme.pdb_mon_id 
_pdbx_nonpoly_scheme.auth_mon_id 
_pdbx_nonpoly_scheme.pdb_strand_id 
_pdbx_nonpoly_scheme.pdb_ins_code 
B 2 6VX 1   200 200 6VX N15 A . 
C 3 HOH 1   301 454 HOH HOH A . 
C 3 HOH 2   302 485 HOH HOH A . 
C 3 HOH 3   303 451 HOH HOH A . 
C 3 HOH 4   304 352 HOH HOH A . 
C 3 HOH 5   305 399 HOH HOH A . 
C 3 HOH 6   306 526 HOH HOH A . 
C 3 HOH 7   307 414 HOH HOH A . 
C 3 HOH 8   308 452 HOH HOH A . 
C 3 HOH 9   309 488 HOH HOH A . 
C 3 HOH 10  310 332 HOH HOH A . 
C 3 HOH 11  311 470 HOH HOH A . 
C 3 HOH 12  312 391 HOH HOH A . 
C 3 HOH 13  313 331 HOH HOH A . 
C 3 HOH 14  314 355 HOH HOH A . 
C 3 HOH 15  315 372 HOH HOH A . 
C 3 HOH 16  316 381 HOH HOH A . 
C 3 HOH 17  317 408 HOH HOH A . 
C 3 HOH 18  318 501 HOH HOH A . 
C 3 HOH 19  319 354 HOH HOH A . 
C 3 HOH 20  320 328 HOH HOH A . 
C 3 HOH 21  321 420 HOH HOH A . 
C 3 HOH 22  322 387 HOH HOH A . 
C 3 HOH 23  323 330 HOH HOH A . 
C 3 HOH 24  324 326 HOH HOH A . 
C 3 HOH 25  325 311 HOH HOH A . 
C 3 HOH 26  326 340 HOH HOH A . 
C 3 HOH 27  327 423 HOH HOH A . 
C 3 HOH 28  328 445 HOH HOH A . 
C 3 HOH 29  329 364 HOH HOH A . 
C 3 HOH 30  330 315 HOH HOH A . 
C 3 HOH 31  331 441 HOH HOH A . 
C 3 HOH 32  332 304 HOH HOH A . 
C 3 HOH 33  333 324 HOH HOH A . 
C 3 HOH 34  334 308 HOH HOH A . 
C 3 HOH 35  335 458 HOH HOH A . 
C 3 HOH 36  336 362 HOH HOH A . 
C 3 HOH 37  337 335 HOH HOH A . 
C 3 HOH 38  338 385 HOH HOH A . 
C 3 HOH 39  339 380 HOH HOH A . 
C 3 HOH 40  340 479 HOH HOH A . 
C 3 HOH 41  341 376 HOH HOH A . 
C 3 HOH 42  342 374 HOH HOH A . 
C 3 HOH 43  343 356 HOH HOH A . 
C 3 HOH 44  344 337 HOH HOH A . 
C 3 HOH 45  345 462 HOH HOH A . 
C 3 HOH 46  346 369 HOH HOH A . 
C 3 HOH 47  347 499 HOH HOH A . 
C 3 HOH 48  348 307 HOH HOH A . 
C 3 HOH 49  349 360 HOH HOH A . 
C 3 HOH 50  350 305 HOH HOH A . 
C 3 HOH 51  351 379 HOH HOH A . 
C 3 HOH 52  352 338 HOH HOH A . 
C 3 HOH 53  353 468 HOH HOH A . 
C 3 HOH 54  354 510 HOH HOH A . 
C 3 HOH 55  355 333 HOH HOH A . 
C 3 HOH 56  356 345 HOH HOH A . 
C 3 HOH 57  357 450 HOH HOH A . 
C 3 HOH 58  358 415 HOH HOH A . 
C 3 HOH 59  359 384 HOH HOH A . 
C 3 HOH 60  360 319 HOH HOH A . 
C 3 HOH 61  361 422 HOH HOH A . 
C 3 HOH 62  362 368 HOH HOH A . 
C 3 HOH 63  363 313 HOH HOH A . 
C 3 HOH 64  364 371 HOH HOH A . 
C 3 HOH 65  365 343 HOH HOH A . 
C 3 HOH 66  366 378 HOH HOH A . 
C 3 HOH 67  367 403 HOH HOH A . 
C 3 HOH 68  368 309 HOH HOH A . 
C 3 HOH 69  369 342 HOH HOH A . 
C 3 HOH 70  370 398 HOH HOH A . 
C 3 HOH 71  371 323 HOH HOH A . 
C 3 HOH 72  372 321 HOH HOH A . 
C 3 HOH 73  373 388 HOH HOH A . 
C 3 HOH 74  374 329 HOH HOH A . 
C 3 HOH 75  375 465 HOH HOH A . 
C 3 HOH 76  376 418 HOH HOH A . 
C 3 HOH 77  377 521 HOH HOH A . 
C 3 HOH 78  378 392 HOH HOH A . 
C 3 HOH 79  379 306 HOH HOH A . 
C 3 HOH 80  380 438 HOH HOH A . 
C 3 HOH 81  381 302 HOH HOH A . 
C 3 HOH 82  382 405 HOH HOH A . 
C 3 HOH 83  383 515 HOH HOH A . 
C 3 HOH 84  384 416 HOH HOH A . 
C 3 HOH 85  385 347 HOH HOH A . 
C 3 HOH 86  386 327 HOH HOH A . 
C 3 HOH 87  387 303 HOH HOH A . 
C 3 HOH 88  388 320 HOH HOH A . 
C 3 HOH 89  389 341 HOH HOH A . 
C 3 HOH 90  390 336 HOH HOH A . 
C 3 HOH 91  391 442 HOH HOH A . 
C 3 HOH 92  392 512 HOH HOH A . 
C 3 HOH 93  393 314 HOH HOH A . 
C 3 HOH 94  394 318 HOH HOH A . 
C 3 HOH 95  395 427 HOH HOH A . 
C 3 HOH 96  396 448 HOH HOH A . 
C 3 HOH 97  397 375 HOH HOH A . 
C 3 HOH 98  398 425 HOH HOH A . 
C 3 HOH 99  399 312 HOH HOH A . 
C 3 HOH 100 400 349 HOH HOH A . 
C 3 HOH 101 401 487 HOH HOH A . 
C 3 HOH 102 402 367 HOH HOH A . 
C 3 HOH 103 403 421 HOH HOH A . 
C 3 HOH 104 404 522 HOH HOH A . 
C 3 HOH 105 405 322 HOH HOH A . 
C 3 HOH 106 406 339 HOH HOH A . 
C 3 HOH 107 407 404 HOH HOH A . 
C 3 HOH 108 408 373 HOH HOH A . 
C 3 HOH 109 409 489 HOH HOH A . 
C 3 HOH 110 410 325 HOH HOH A . 
C 3 HOH 111 411 344 HOH HOH A . 
C 3 HOH 112 412 346 HOH HOH A . 
C 3 HOH 113 413 428 HOH HOH A . 
C 3 HOH 114 414 363 HOH HOH A . 
C 3 HOH 115 415 361 HOH HOH A . 
C 3 HOH 116 416 433 HOH HOH A . 
C 3 HOH 117 417 402 HOH HOH A . 
C 3 HOH 118 418 426 HOH HOH A . 
C 3 HOH 119 419 310 HOH HOH A . 
C 3 HOH 120 420 394 HOH HOH A . 
C 3 HOH 121 421 316 HOH HOH A . 
C 3 HOH 122 422 358 HOH HOH A . 
C 3 HOH 123 423 353 HOH HOH A . 
C 3 HOH 124 424 453 HOH HOH A . 
C 3 HOH 125 425 463 HOH HOH A . 
C 3 HOH 126 426 397 HOH HOH A . 
C 3 HOH 127 427 386 HOH HOH A . 
C 3 HOH 128 428 406 HOH HOH A . 
C 3 HOH 129 429 509 HOH HOH A . 
C 3 HOH 130 430 486 HOH HOH A . 
C 3 HOH 131 431 377 HOH HOH A . 
C 3 HOH 132 432 389 HOH HOH A . 
C 3 HOH 133 433 396 HOH HOH A . 
C 3 HOH 134 434 467 HOH HOH A . 
C 3 HOH 135 435 472 HOH HOH A . 
C 3 HOH 136 436 483 HOH HOH A . 
C 3 HOH 137 437 449 HOH HOH A . 
C 3 HOH 138 438 474 HOH HOH A . 
C 3 HOH 139 439 504 HOH HOH A . 
C 3 HOH 140 440 419 HOH HOH A . 
C 3 HOH 141 441 481 HOH HOH A . 
C 3 HOH 142 442 409 HOH HOH A . 
C 3 HOH 143 443 429 HOH HOH A . 
C 3 HOH 144 444 443 HOH HOH A . 
C 3 HOH 145 445 498 HOH HOH A . 
C 3 HOH 146 446 351 HOH HOH A . 
C 3 HOH 147 447 469 HOH HOH A . 
C 3 HOH 148 448 301 HOH HOH A . 
C 3 HOH 149 449 436 HOH HOH A . 
C 3 HOH 150 450 413 HOH HOH A . 
C 3 HOH 151 451 439 HOH HOH A . 
C 3 HOH 152 452 528 HOH HOH A . 
C 3 HOH 153 453 494 HOH HOH A . 
C 3 HOH 154 454 495 HOH HOH A . 
C 3 HOH 155 455 370 HOH HOH A . 
C 3 HOH 156 456 365 HOH HOH A . 
C 3 HOH 157 457 473 HOH HOH A . 
C 3 HOH 158 458 437 HOH HOH A . 
C 3 HOH 159 459 359 HOH HOH A . 
C 3 HOH 160 460 434 HOH HOH A . 
C 3 HOH 161 461 400 HOH HOH A . 
C 3 HOH 162 462 505 HOH HOH A . 
C 3 HOH 163 463 514 HOH HOH A . 
C 3 HOH 164 464 357 HOH HOH A . 
C 3 HOH 165 465 492 HOH HOH A . 
C 3 HOH 166 466 511 HOH HOH A . 
C 3 HOH 167 467 447 HOH HOH A . 
C 3 HOH 168 468 393 HOH HOH A . 
C 3 HOH 169 469 390 HOH HOH A . 
C 3 HOH 170 470 317 HOH HOH A . 
C 3 HOH 171 471 480 HOH HOH A . 
C 3 HOH 172 472 401 HOH HOH A . 
C 3 HOH 173 473 525 HOH HOH A . 
C 3 HOH 174 474 459 HOH HOH A . 
C 3 HOH 175 475 475 HOH HOH A . 
C 3 HOH 176 476 503 HOH HOH A . 
C 3 HOH 177 477 456 HOH HOH A . 
C 3 HOH 178 478 334 HOH HOH A . 
C 3 HOH 179 479 444 HOH HOH A . 
C 3 HOH 180 480 524 HOH HOH A . 
C 3 HOH 181 481 395 HOH HOH A . 
C 3 HOH 182 482 407 HOH HOH A . 
C 3 HOH 183 483 350 HOH HOH A . 
C 3 HOH 184 484 432 HOH HOH A . 
C 3 HOH 185 485 411 HOH HOH A . 
C 3 HOH 186 486 430 HOH HOH A . 
C 3 HOH 187 487 523 HOH HOH A . 
C 3 HOH 188 488 446 HOH HOH A . 
C 3 HOH 189 489 520 HOH HOH A . 
C 3 HOH 190 490 382 HOH HOH A . 
C 3 HOH 191 491 435 HOH HOH A . 
C 3 HOH 192 492 366 HOH HOH A . 
C 3 HOH 193 493 410 HOH HOH A . 
C 3 HOH 194 494 431 HOH HOH A . 
C 3 HOH 195 495 491 HOH HOH A . 
C 3 HOH 196 496 464 HOH HOH A . 
C 3 HOH 197 497 424 HOH HOH A . 
C 3 HOH 198 498 513 HOH HOH A . 
C 3 HOH 199 499 518 HOH HOH A . 
C 3 HOH 200 500 527 HOH HOH A . 
C 3 HOH 201 501 455 HOH HOH A . 
C 3 HOH 202 502 383 HOH HOH A . 
C 3 HOH 203 503 478 HOH HOH A . 
C 3 HOH 204 504 482 HOH HOH A . 
C 3 HOH 205 505 466 HOH HOH A . 
C 3 HOH 206 506 477 HOH HOH A . 
C 3 HOH 207 507 476 HOH HOH A . 
C 3 HOH 208 508 417 HOH HOH A . 
C 3 HOH 209 509 516 HOH HOH A . 
C 3 HOH 210 510 457 HOH HOH A . 
C 3 HOH 211 511 506 HOH HOH A . 
C 3 HOH 212 512 440 HOH HOH A . 
C 3 HOH 213 513 348 HOH HOH A . 
C 3 HOH 214 514 507 HOH HOH A . 
C 3 HOH 215 515 484 HOH HOH A . 
C 3 HOH 216 516 502 HOH HOH A . 
C 3 HOH 217 517 460 HOH HOH A . 
C 3 HOH 218 518 517 HOH HOH A . 
C 3 HOH 219 519 490 HOH HOH A . 
C 3 HOH 220 520 497 HOH HOH A . 
C 3 HOH 221 521 412 HOH HOH A . 
C 3 HOH 222 522 493 HOH HOH A . 
C 3 HOH 223 523 496 HOH HOH A . 
C 3 HOH 224 524 500 HOH HOH A . 
C 3 HOH 225 525 471 HOH HOH A . 
C 3 HOH 226 526 461 HOH HOH A . 
C 3 HOH 227 527 519 HOH HOH A . 
C 3 HOH 228 528 508 HOH HOH A . 
# 
_pdbx_struct_assembly.id                   1 
_pdbx_struct_assembly.details              author_and_software_defined_assembly 
_pdbx_struct_assembly.method_details       PISA 
_pdbx_struct_assembly.oligomeric_details   monomeric 
_pdbx_struct_assembly.oligomeric_count     1 
# 
_pdbx_struct_assembly_gen.assembly_id       1 
_pdbx_struct_assembly_gen.oper_expression   1 
_pdbx_struct_assembly_gen.asym_id_list      A,B,C 
# 
_pdbx_struct_oper_list.id                   1 
_pdbx_struct_oper_list.type                 'identity operation' 
_pdbx_struct_oper_list.name                 1_555 
_pdbx_struct_oper_list.symmetry_operation   x,y,z 
_pdbx_struct_oper_list.matrix[1][1]         1.0000000000 
_pdbx_struct_oper_list.matrix[1][2]         0.0000000000 
_pdbx_struct_oper_list.matrix[1][3]         0.0000000000 
_pdbx_struct_oper_list.vector[1]            0.0000000000 
_pdbx_struct_oper_list.matrix[2][1]         0.0000000000 
_pdbx_struct_oper_list.matrix[2][2]         1.0000000000 
_pdbx_struct_oper_list.matrix[2][3]         0.0000000000 
_pdbx_struct_oper_list.vector[2]            0.0000000000 
_pdbx_struct_oper_list.matrix[3][1]         0.0000000000 
_pdbx_struct_oper_list.matrix[3][2]         0.0000000000 
_pdbx_struct_oper_list.matrix[3][3]         1.0000000000 
_pdbx_struct_oper_list.vector[3]            0.0000000000 
# 
loop_
_pdbx_audit_revision_history.ordinal 
_pdbx_audit_revision_history.data_content_type 
_pdbx_audit_revision_history.major_revision 
_pdbx_audit_revision_history.minor_revision 
_pdbx_audit_revision_history.revision_date 
1 'Structure model' 1 0 2016-10-12 
2 'Structure model' 1 1 2023-10-04 
# 
_pdbx_audit_revision_details.ordinal             1 
_pdbx_audit_revision_details.revision_ordinal    1 
_pdbx_audit_revision_details.data_content_type   'Structure model' 
_pdbx_audit_revision_details.provider            repository 
_pdbx_audit_revision_details.type                'Initial release' 
_pdbx_audit_revision_details.description         ? 
_pdbx_audit_revision_details.details             ? 
# 
loop_
_pdbx_audit_revision_group.ordinal 
_pdbx_audit_revision_group.revision_ordinal 
_pdbx_audit_revision_group.data_content_type 
_pdbx_audit_revision_group.group 
1 2 'Structure model' 'Data collection'        
2 2 'Structure model' 'Database references'    
3 2 'Structure model' 'Derived calculations'   
4 2 'Structure model' 'Refinement description' 
# 
loop_
_pdbx_audit_revision_category.ordinal 
_pdbx_audit_revision_category.revision_ordinal 
_pdbx_audit_revision_category.data_content_type 
_pdbx_audit_revision_category.category 
1 2 'Structure model' chem_comp_atom                
2 2 'Structure model' chem_comp_bond                
3 2 'Structure model' citation                      
4 2 'Structure model' database_2                    
5 2 'Structure model' pdbx_initial_refinement_model 
6 2 'Structure model' pdbx_struct_oper_list         
# 
loop_
_pdbx_audit_revision_item.ordinal 
_pdbx_audit_revision_item.revision_ordinal 
_pdbx_audit_revision_item.data_content_type 
_pdbx_audit_revision_item.item 
1 2 'Structure model' '_citation.journal_id_CSD'                  
2 2 'Structure model' '_database_2.pdbx_DOI'                      
3 2 'Structure model' '_database_2.pdbx_database_accession'       
4 2 'Structure model' '_pdbx_struct_oper_list.symmetry_operation' 
# 
loop_
_software.citation_id 
_software.classification 
_software.compiler_name 
_software.compiler_version 
_software.contact_author 
_software.contact_author_email 
_software.date 
_software.description 
_software.dependencies 
_software.hardware 
_software.language 
_software.location 
_software.mods 
_software.name 
_software.os 
_software.os_version 
_software.type 
_software.version 
_software.pdbx_ordinal 
? refinement       ? ? ? ? ? ? ? ? ? ? ? PHENIX   ? ? ? 1.7.1_743 1 
? 'data reduction' ? ? ? ? ? ? ? ? ? ? ? HKL-3000 ? ? ? .         2 
? 'data scaling'   ? ? ? ? ? ? ? ? ? ? ? HKL-3000 ? ? ? .         3 
? phasing          ? ? ? ? ? ? ? ? ? ? ? MOLREP   ? ? ? .         4 
# 
loop_
_pdbx_validate_close_contact.id 
_pdbx_validate_close_contact.PDB_model_num 
_pdbx_validate_close_contact.auth_atom_id_1 
_pdbx_validate_close_contact.auth_asym_id_1 
_pdbx_validate_close_contact.auth_comp_id_1 
_pdbx_validate_close_contact.auth_seq_id_1 
_pdbx_validate_close_contact.PDB_ins_code_1 
_pdbx_validate_close_contact.label_alt_id_1 
_pdbx_validate_close_contact.auth_atom_id_2 
_pdbx_validate_close_contact.auth_asym_id_2 
_pdbx_validate_close_contact.auth_comp_id_2 
_pdbx_validate_close_contact.auth_seq_id_2 
_pdbx_validate_close_contact.PDB_ins_code_2 
_pdbx_validate_close_contact.label_alt_id_2 
_pdbx_validate_close_contact.dist 
1 1 OE2 A GLU 93  ? B O A HOH 301 ? ? 1.51 
2 1 NH2 A ARG 97  ? B O A HOH 302 ? ? 1.89 
3 1 O   A HOH 511 ? ? O A HOH 523 ? ? 1.97 
4 1 OE1 A GLU 93  ? B O A HOH 303 ? ? 1.99 
5 1 O   A HOH 489 ? ? O A HOH 512 ? ? 2.00 
6 1 NH1 A ARG 97  ? B O A HOH 304 ? ? 2.02 
7 1 O   A HOH 522 ? ? O A HOH 525 ? ? 2.06 
8 1 OD1 A ASP 135 ? ? O A HOH 305 ? ? 2.14 
# 
_pdbx_validate_symm_contact.id                1 
_pdbx_validate_symm_contact.PDB_model_num     1 
_pdbx_validate_symm_contact.auth_atom_id_1    O 
_pdbx_validate_symm_contact.auth_asym_id_1    A 
_pdbx_validate_symm_contact.auth_comp_id_1    HOH 
_pdbx_validate_symm_contact.auth_seq_id_1     404 
_pdbx_validate_symm_contact.PDB_ins_code_1    ? 
_pdbx_validate_symm_contact.label_alt_id_1    ? 
_pdbx_validate_symm_contact.site_symmetry_1   1_555 
_pdbx_validate_symm_contact.auth_atom_id_2    O 
_pdbx_validate_symm_contact.auth_asym_id_2    A 
_pdbx_validate_symm_contact.auth_comp_id_2    HOH 
_pdbx_validate_symm_contact.auth_seq_id_2     487 
_pdbx_validate_symm_contact.PDB_ins_code_2    ? 
_pdbx_validate_symm_contact.label_alt_id_2    ? 
_pdbx_validate_symm_contact.site_symmetry_2   1_655 
_pdbx_validate_symm_contact.dist              2.13 
# 
loop_
_pdbx_validate_torsion.id 
_pdbx_validate_torsion.PDB_model_num 
_pdbx_validate_torsion.auth_comp_id 
_pdbx_validate_torsion.auth_asym_id 
_pdbx_validate_torsion.auth_seq_id 
_pdbx_validate_torsion.PDB_ins_code 
_pdbx_validate_torsion.label_alt_id 
_pdbx_validate_torsion.phi 
_pdbx_validate_torsion.psi 
1 1 CYS A 17  ? ? -140.63 -76.26 
2 1 LYS A 155 ? ? -161.43 105.16 
# 
loop_
_pdbx_distant_solvent_atoms.id 
_pdbx_distant_solvent_atoms.PDB_model_num 
_pdbx_distant_solvent_atoms.auth_atom_id 
_pdbx_distant_solvent_atoms.label_alt_id 
_pdbx_distant_solvent_atoms.auth_asym_id 
_pdbx_distant_solvent_atoms.auth_comp_id 
_pdbx_distant_solvent_atoms.auth_seq_id 
_pdbx_distant_solvent_atoms.PDB_ins_code 
_pdbx_distant_solvent_atoms.neighbor_macromolecule_distance 
_pdbx_distant_solvent_atoms.neighbor_ligand_distance 
1 1 O ? A HOH 525 ? 5.93 . 
2 1 O ? A HOH 526 ? 6.01 . 
3 1 O ? A HOH 527 ? 7.03 . 
4 1 O ? A HOH 528 ? 8.61 . 
# 
loop_
_pdbx_unobs_or_zero_occ_residues.id 
_pdbx_unobs_or_zero_occ_residues.PDB_model_num 
_pdbx_unobs_or_zero_occ_residues.polymer_flag 
_pdbx_unobs_or_zero_occ_residues.occupancy_flag 
_pdbx_unobs_or_zero_occ_residues.auth_asym_id 
_pdbx_unobs_or_zero_occ_residues.auth_comp_id 
_pdbx_unobs_or_zero_occ_residues.auth_seq_id 
_pdbx_unobs_or_zero_occ_residues.PDB_ins_code 
_pdbx_unobs_or_zero_occ_residues.label_asym_id 
_pdbx_unobs_or_zero_occ_residues.label_comp_id 
_pdbx_unobs_or_zero_occ_residues.label_seq_id 
1  1 Y 1 A MET -20 ? A MET 1  
2  1 Y 1 A GLY -19 ? A GLY 2  
3  1 Y 1 A SER -18 ? A SER 3  
4  1 Y 1 A SER -17 ? A SER 4  
5  1 Y 1 A HIS -16 ? A HIS 5  
6  1 Y 1 A HIS -15 ? A HIS 6  
7  1 Y 1 A HIS -14 ? A HIS 7  
8  1 Y 1 A HIS -13 ? A HIS 8  
9  1 Y 1 A HIS -12 ? A HIS 9  
10 1 Y 1 A HIS -11 ? A HIS 10 
11 1 Y 1 A SER -10 ? A SER 11 
12 1 Y 1 A SER -9  ? A SER 12 
13 1 Y 1 A GLY -8  ? A GLY 13 
14 1 Y 1 A LEU -7  ? A LEU 14 
15 1 Y 1 A VAL -6  ? A VAL 15 
16 1 Y 1 A PRO -5  ? A PRO 16 
17 1 Y 1 A ARG -4  ? A ARG 17 
18 1 Y 1 A GLY -3  ? A GLY 18 
19 1 Y 1 A SER -2  ? A SER 19 
20 1 Y 1 A HIS -1  ? A HIS 20 
21 1 Y 1 A MET 0   ? A MET 21 
22 1 Y 1 A ALA 1   ? A ALA 22 
23 1 Y 1 A GLU 2   ? A GLU 23 
24 1 Y 1 A GLN 3   ? A GLN 24 
# 
loop_
_chem_comp_atom.comp_id 
_chem_comp_atom.atom_id 
_chem_comp_atom.type_symbol 
_chem_comp_atom.pdbx_aromatic_flag 
_chem_comp_atom.pdbx_stereo_config 
_chem_comp_atom.pdbx_ordinal 
6VX O01  O N N 1   
6VX S02  S N N 2   
6VX O03  O N N 3   
6VX O04  O N N 4   
6VX C05  C N S 5   
6VX C06  C N N 6   
6VX O07  O N N 7   
6VX N08  N N N 8   
6VX C09  C Y N 9   
6VX N10  N Y N 10  
6VX C11  C Y N 11  
6VX C12  C Y N 12  
6VX C13  C Y N 13  
6VX C14  C Y N 14  
6VX C15  C Y N 15  
6VX C16  C Y N 16  
6VX S17  S Y N 17  
6VX C18  C Y N 18  
6VX C19  C Y N 19  
6VX C20  C Y N 20  
6VX C21  C Y N 21  
6VX C22  C Y N 22  
6VX C23  C Y N 23  
6VX H1   H N N 24  
6VX H2   H N N 25  
6VX H3   H N N 26  
6VX H4   H N N 27  
6VX H5   H N N 28  
6VX H6   H N N 29  
6VX H7   H N N 30  
6VX H8   H N N 31  
6VX H9   H N N 32  
6VX H10  H N N 33  
6VX H11  H N N 34  
6VX H12  H N N 35  
ALA N    N N N 36  
ALA CA   C N S 37  
ALA C    C N N 38  
ALA O    O N N 39  
ALA CB   C N N 40  
ALA OXT  O N N 41  
ALA H    H N N 42  
ALA H2   H N N 43  
ALA HA   H N N 44  
ALA HB1  H N N 45  
ALA HB2  H N N 46  
ALA HB3  H N N 47  
ALA HXT  H N N 48  
ARG N    N N N 49  
ARG CA   C N S 50  
ARG C    C N N 51  
ARG O    O N N 52  
ARG CB   C N N 53  
ARG CG   C N N 54  
ARG CD   C N N 55  
ARG NE   N N N 56  
ARG CZ   C N N 57  
ARG NH1  N N N 58  
ARG NH2  N N N 59  
ARG OXT  O N N 60  
ARG H    H N N 61  
ARG H2   H N N 62  
ARG HA   H N N 63  
ARG HB2  H N N 64  
ARG HB3  H N N 65  
ARG HG2  H N N 66  
ARG HG3  H N N 67  
ARG HD2  H N N 68  
ARG HD3  H N N 69  
ARG HE   H N N 70  
ARG HH11 H N N 71  
ARG HH12 H N N 72  
ARG HH21 H N N 73  
ARG HH22 H N N 74  
ARG HXT  H N N 75  
ASN N    N N N 76  
ASN CA   C N S 77  
ASN C    C N N 78  
ASN O    O N N 79  
ASN CB   C N N 80  
ASN CG   C N N 81  
ASN OD1  O N N 82  
ASN ND2  N N N 83  
ASN OXT  O N N 84  
ASN H    H N N 85  
ASN H2   H N N 86  
ASN HA   H N N 87  
ASN HB2  H N N 88  
ASN HB3  H N N 89  
ASN HD21 H N N 90  
ASN HD22 H N N 91  
ASN HXT  H N N 92  
ASP N    N N N 93  
ASP CA   C N S 94  
ASP C    C N N 95  
ASP O    O N N 96  
ASP CB   C N N 97  
ASP CG   C N N 98  
ASP OD1  O N N 99  
ASP OD2  O N N 100 
ASP OXT  O N N 101 
ASP H    H N N 102 
ASP H2   H N N 103 
ASP HA   H N N 104 
ASP HB2  H N N 105 
ASP HB3  H N N 106 
ASP HD2  H N N 107 
ASP HXT  H N N 108 
CYS N    N N N 109 
CYS CA   C N R 110 
CYS C    C N N 111 
CYS O    O N N 112 
CYS CB   C N N 113 
CYS SG   S N N 114 
CYS OXT  O N N 115 
CYS H    H N N 116 
CYS H2   H N N 117 
CYS HA   H N N 118 
CYS HB2  H N N 119 
CYS HB3  H N N 120 
CYS HG   H N N 121 
CYS HXT  H N N 122 
GLN N    N N N 123 
GLN CA   C N S 124 
GLN C    C N N 125 
GLN O    O N N 126 
GLN CB   C N N 127 
GLN CG   C N N 128 
GLN CD   C N N 129 
GLN OE1  O N N 130 
GLN NE2  N N N 131 
GLN OXT  O N N 132 
GLN H    H N N 133 
GLN H2   H N N 134 
GLN HA   H N N 135 
GLN HB2  H N N 136 
GLN HB3  H N N 137 
GLN HG2  H N N 138 
GLN HG3  H N N 139 
GLN HE21 H N N 140 
GLN HE22 H N N 141 
GLN HXT  H N N 142 
GLU N    N N N 143 
GLU CA   C N S 144 
GLU C    C N N 145 
GLU O    O N N 146 
GLU CB   C N N 147 
GLU CG   C N N 148 
GLU CD   C N N 149 
GLU OE1  O N N 150 
GLU OE2  O N N 151 
GLU OXT  O N N 152 
GLU H    H N N 153 
GLU H2   H N N 154 
GLU HA   H N N 155 
GLU HB2  H N N 156 
GLU HB3  H N N 157 
GLU HG2  H N N 158 
GLU HG3  H N N 159 
GLU HE2  H N N 160 
GLU HXT  H N N 161 
GLY N    N N N 162 
GLY CA   C N N 163 
GLY C    C N N 164 
GLY O    O N N 165 
GLY OXT  O N N 166 
GLY H    H N N 167 
GLY H2   H N N 168 
GLY HA2  H N N 169 
GLY HA3  H N N 170 
GLY HXT  H N N 171 
HIS N    N N N 172 
HIS CA   C N S 173 
HIS C    C N N 174 
HIS O    O N N 175 
HIS CB   C N N 176 
HIS CG   C Y N 177 
HIS ND1  N Y N 178 
HIS CD2  C Y N 179 
HIS CE1  C Y N 180 
HIS NE2  N Y N 181 
HIS OXT  O N N 182 
HIS H    H N N 183 
HIS H2   H N N 184 
HIS HA   H N N 185 
HIS HB2  H N N 186 
HIS HB3  H N N 187 
HIS HD1  H N N 188 
HIS HD2  H N N 189 
HIS HE1  H N N 190 
HIS HE2  H N N 191 
HIS HXT  H N N 192 
HOH O    O N N 193 
HOH H1   H N N 194 
HOH H2   H N N 195 
ILE N    N N N 196 
ILE CA   C N S 197 
ILE C    C N N 198 
ILE O    O N N 199 
ILE CB   C N S 200 
ILE CG1  C N N 201 
ILE CG2  C N N 202 
ILE CD1  C N N 203 
ILE OXT  O N N 204 
ILE H    H N N 205 
ILE H2   H N N 206 
ILE HA   H N N 207 
ILE HB   H N N 208 
ILE HG12 H N N 209 
ILE HG13 H N N 210 
ILE HG21 H N N 211 
ILE HG22 H N N 212 
ILE HG23 H N N 213 
ILE HD11 H N N 214 
ILE HD12 H N N 215 
ILE HD13 H N N 216 
ILE HXT  H N N 217 
LEU N    N N N 218 
LEU CA   C N S 219 
LEU C    C N N 220 
LEU O    O N N 221 
LEU CB   C N N 222 
LEU CG   C N N 223 
LEU CD1  C N N 224 
LEU CD2  C N N 225 
LEU OXT  O N N 226 
LEU H    H N N 227 
LEU H2   H N N 228 
LEU HA   H N N 229 
LEU HB2  H N N 230 
LEU HB3  H N N 231 
LEU HG   H N N 232 
LEU HD11 H N N 233 
LEU HD12 H N N 234 
LEU HD13 H N N 235 
LEU HD21 H N N 236 
LEU HD22 H N N 237 
LEU HD23 H N N 238 
LEU HXT  H N N 239 
LYS N    N N N 240 
LYS CA   C N S 241 
LYS C    C N N 242 
LYS O    O N N 243 
LYS CB   C N N 244 
LYS CG   C N N 245 
LYS CD   C N N 246 
LYS CE   C N N 247 
LYS NZ   N N N 248 
LYS OXT  O N N 249 
LYS H    H N N 250 
LYS H2   H N N 251 
LYS HA   H N N 252 
LYS HB2  H N N 253 
LYS HB3  H N N 254 
LYS HG2  H N N 255 
LYS HG3  H N N 256 
LYS HD2  H N N 257 
LYS HD3  H N N 258 
LYS HE2  H N N 259 
LYS HE3  H N N 260 
LYS HZ1  H N N 261 
LYS HZ2  H N N 262 
LYS HZ3  H N N 263 
LYS HXT  H N N 264 
MET N    N N N 265 
MET CA   C N S 266 
MET C    C N N 267 
MET O    O N N 268 
MET CB   C N N 269 
MET CG   C N N 270 
MET SD   S N N 271 
MET CE   C N N 272 
MET OXT  O N N 273 
MET H    H N N 274 
MET H2   H N N 275 
MET HA   H N N 276 
MET HB2  H N N 277 
MET HB3  H N N 278 
MET HG2  H N N 279 
MET HG3  H N N 280 
MET HE1  H N N 281 
MET HE2  H N N 282 
MET HE3  H N N 283 
MET HXT  H N N 284 
PHE N    N N N 285 
PHE CA   C N S 286 
PHE C    C N N 287 
PHE O    O N N 288 
PHE CB   C N N 289 
PHE CG   C Y N 290 
PHE CD1  C Y N 291 
PHE CD2  C Y N 292 
PHE CE1  C Y N 293 
PHE CE2  C Y N 294 
PHE CZ   C Y N 295 
PHE OXT  O N N 296 
PHE H    H N N 297 
PHE H2   H N N 298 
PHE HA   H N N 299 
PHE HB2  H N N 300 
PHE HB3  H N N 301 
PHE HD1  H N N 302 
PHE HD2  H N N 303 
PHE HE1  H N N 304 
PHE HE2  H N N 305 
PHE HZ   H N N 306 
PHE HXT  H N N 307 
PRO N    N N N 308 
PRO CA   C N S 309 
PRO C    C N N 310 
PRO O    O N N 311 
PRO CB   C N N 312 
PRO CG   C N N 313 
PRO CD   C N N 314 
PRO OXT  O N N 315 
PRO H    H N N 316 
PRO HA   H N N 317 
PRO HB2  H N N 318 
PRO HB3  H N N 319 
PRO HG2  H N N 320 
PRO HG3  H N N 321 
PRO HD2  H N N 322 
PRO HD3  H N N 323 
PRO HXT  H N N 324 
SER N    N N N 325 
SER CA   C N S 326 
SER C    C N N 327 
SER O    O N N 328 
SER CB   C N N 329 
SER OG   O N N 330 
SER OXT  O N N 331 
SER H    H N N 332 
SER H2   H N N 333 
SER HA   H N N 334 
SER HB2  H N N 335 
SER HB3  H N N 336 
SER HG   H N N 337 
SER HXT  H N N 338 
THR N    N N N 339 
THR CA   C N S 340 
THR C    C N N 341 
THR O    O N N 342 
THR CB   C N R 343 
THR OG1  O N N 344 
THR CG2  C N N 345 
THR OXT  O N N 346 
THR H    H N N 347 
THR H2   H N N 348 
THR HA   H N N 349 
THR HB   H N N 350 
THR HG1  H N N 351 
THR HG21 H N N 352 
THR HG22 H N N 353 
THR HG23 H N N 354 
THR HXT  H N N 355 
TRP N    N N N 356 
TRP CA   C N S 357 
TRP C    C N N 358 
TRP O    O N N 359 
TRP CB   C N N 360 
TRP CG   C Y N 361 
TRP CD1  C Y N 362 
TRP CD2  C Y N 363 
TRP NE1  N Y N 364 
TRP CE2  C Y N 365 
TRP CE3  C Y N 366 
TRP CZ2  C Y N 367 
TRP CZ3  C Y N 368 
TRP CH2  C Y N 369 
TRP OXT  O N N 370 
TRP H    H N N 371 
TRP H2   H N N 372 
TRP HA   H N N 373 
TRP HB2  H N N 374 
TRP HB3  H N N 375 
TRP HD1  H N N 376 
TRP HE1  H N N 377 
TRP HE3  H N N 378 
TRP HZ2  H N N 379 
TRP HZ3  H N N 380 
TRP HH2  H N N 381 
TRP HXT  H N N 382 
TYR N    N N N 383 
TYR CA   C N S 384 
TYR C    C N N 385 
TYR O    O N N 386 
TYR CB   C N N 387 
TYR CG   C Y N 388 
TYR CD1  C Y N 389 
TYR CD2  C Y N 390 
TYR CE1  C Y N 391 
TYR CE2  C Y N 392 
TYR CZ   C Y N 393 
TYR OH   O N N 394 
TYR OXT  O N N 395 
TYR H    H N N 396 
TYR H2   H N N 397 
TYR HA   H N N 398 
TYR HB2  H N N 399 
TYR HB3  H N N 400 
TYR HD1  H N N 401 
TYR HD2  H N N 402 
TYR HE1  H N N 403 
TYR HE2  H N N 404 
TYR HH   H N N 405 
TYR HXT  H N N 406 
VAL N    N N N 407 
VAL CA   C N S 408 
VAL C    C N N 409 
VAL O    O N N 410 
VAL CB   C N N 411 
VAL CG1  C N N 412 
VAL CG2  C N N 413 
VAL OXT  O N N 414 
VAL H    H N N 415 
VAL H2   H N N 416 
VAL HA   H N N 417 
VAL HB   H N N 418 
VAL HG11 H N N 419 
VAL HG12 H N N 420 
VAL HG13 H N N 421 
VAL HG21 H N N 422 
VAL HG22 H N N 423 
VAL HG23 H N N 424 
VAL HXT  H N N 425 
# 
loop_
_chem_comp_bond.comp_id 
_chem_comp_bond.atom_id_1 
_chem_comp_bond.atom_id_2 
_chem_comp_bond.value_order 
_chem_comp_bond.pdbx_aromatic_flag 
_chem_comp_bond.pdbx_stereo_config 
_chem_comp_bond.pdbx_ordinal 
6VX O04 S02  doub N N 1   
6VX O03 S02  doub N N 2   
6VX O01 S02  sing N N 3   
6VX S02 C05  sing N N 4   
6VX O07 C06  doub N N 5   
6VX C05 C06  sing N N 6   
6VX C05 C18  sing N N 7   
6VX C06 N08  sing N N 8   
6VX C18 C23  doub Y N 9   
6VX C18 C19  sing Y N 10  
6VX C23 C22  sing Y N 11  
6VX C19 C20  doub Y N 12  
6VX N08 C09  sing N N 13  
6VX C22 C21  doub Y N 14  
6VX S17 C09  sing Y N 15  
6VX S17 C16  sing Y N 16  
6VX C20 C21  sing Y N 17  
6VX C09 N10  doub Y N 18  
6VX C16 C15  doub Y N 19  
6VX C16 C11  sing Y N 20  
6VX N10 C11  sing Y N 21  
6VX C15 C14  sing Y N 22  
6VX C11 C12  doub Y N 23  
6VX C14 C13  doub Y N 24  
6VX C12 C13  sing Y N 25  
6VX C05 H1   sing N N 26  
6VX N08 H2   sing N N 27  
6VX C12 H3   sing N N 28  
6VX C13 H4   sing N N 29  
6VX C14 H5   sing N N 30  
6VX C15 H6   sing N N 31  
6VX C19 H7   sing N N 32  
6VX C20 H8   sing N N 33  
6VX C21 H9   sing N N 34  
6VX C22 H10  sing N N 35  
6VX C23 H11  sing N N 36  
6VX O01 H12  sing N N 37  
ALA N   CA   sing N N 38  
ALA N   H    sing N N 39  
ALA N   H2   sing N N 40  
ALA CA  C    sing N N 41  
ALA CA  CB   sing N N 42  
ALA CA  HA   sing N N 43  
ALA C   O    doub N N 44  
ALA C   OXT  sing N N 45  
ALA CB  HB1  sing N N 46  
ALA CB  HB2  sing N N 47  
ALA CB  HB3  sing N N 48  
ALA OXT HXT  sing N N 49  
ARG N   CA   sing N N 50  
ARG N   H    sing N N 51  
ARG N   H2   sing N N 52  
ARG CA  C    sing N N 53  
ARG CA  CB   sing N N 54  
ARG CA  HA   sing N N 55  
ARG C   O    doub N N 56  
ARG C   OXT  sing N N 57  
ARG CB  CG   sing N N 58  
ARG CB  HB2  sing N N 59  
ARG CB  HB3  sing N N 60  
ARG CG  CD   sing N N 61  
ARG CG  HG2  sing N N 62  
ARG CG  HG3  sing N N 63  
ARG CD  NE   sing N N 64  
ARG CD  HD2  sing N N 65  
ARG CD  HD3  sing N N 66  
ARG NE  CZ   sing N N 67  
ARG NE  HE   sing N N 68  
ARG CZ  NH1  sing N N 69  
ARG CZ  NH2  doub N N 70  
ARG NH1 HH11 sing N N 71  
ARG NH1 HH12 sing N N 72  
ARG NH2 HH21 sing N N 73  
ARG NH2 HH22 sing N N 74  
ARG OXT HXT  sing N N 75  
ASN N   CA   sing N N 76  
ASN N   H    sing N N 77  
ASN N   H2   sing N N 78  
ASN CA  C    sing N N 79  
ASN CA  CB   sing N N 80  
ASN CA  HA   sing N N 81  
ASN C   O    doub N N 82  
ASN C   OXT  sing N N 83  
ASN CB  CG   sing N N 84  
ASN CB  HB2  sing N N 85  
ASN CB  HB3  sing N N 86  
ASN CG  OD1  doub N N 87  
ASN CG  ND2  sing N N 88  
ASN ND2 HD21 sing N N 89  
ASN ND2 HD22 sing N N 90  
ASN OXT HXT  sing N N 91  
ASP N   CA   sing N N 92  
ASP N   H    sing N N 93  
ASP N   H2   sing N N 94  
ASP CA  C    sing N N 95  
ASP CA  CB   sing N N 96  
ASP CA  HA   sing N N 97  
ASP C   O    doub N N 98  
ASP C   OXT  sing N N 99  
ASP CB  CG   sing N N 100 
ASP CB  HB2  sing N N 101 
ASP CB  HB3  sing N N 102 
ASP CG  OD1  doub N N 103 
ASP CG  OD2  sing N N 104 
ASP OD2 HD2  sing N N 105 
ASP OXT HXT  sing N N 106 
CYS N   CA   sing N N 107 
CYS N   H    sing N N 108 
CYS N   H2   sing N N 109 
CYS CA  C    sing N N 110 
CYS CA  CB   sing N N 111 
CYS CA  HA   sing N N 112 
CYS C   O    doub N N 113 
CYS C   OXT  sing N N 114 
CYS CB  SG   sing N N 115 
CYS CB  HB2  sing N N 116 
CYS CB  HB3  sing N N 117 
CYS SG  HG   sing N N 118 
CYS OXT HXT  sing N N 119 
GLN N   CA   sing N N 120 
GLN N   H    sing N N 121 
GLN N   H2   sing N N 122 
GLN CA  C    sing N N 123 
GLN CA  CB   sing N N 124 
GLN CA  HA   sing N N 125 
GLN C   O    doub N N 126 
GLN C   OXT  sing N N 127 
GLN CB  CG   sing N N 128 
GLN CB  HB2  sing N N 129 
GLN CB  HB3  sing N N 130 
GLN CG  CD   sing N N 131 
GLN CG  HG2  sing N N 132 
GLN CG  HG3  sing N N 133 
GLN CD  OE1  doub N N 134 
GLN CD  NE2  sing N N 135 
GLN NE2 HE21 sing N N 136 
GLN NE2 HE22 sing N N 137 
GLN OXT HXT  sing N N 138 
GLU N   CA   sing N N 139 
GLU N   H    sing N N 140 
GLU N   H2   sing N N 141 
GLU CA  C    sing N N 142 
GLU CA  CB   sing N N 143 
GLU CA  HA   sing N N 144 
GLU C   O    doub N N 145 
GLU C   OXT  sing N N 146 
GLU CB  CG   sing N N 147 
GLU CB  HB2  sing N N 148 
GLU CB  HB3  sing N N 149 
GLU CG  CD   sing N N 150 
GLU CG  HG2  sing N N 151 
GLU CG  HG3  sing N N 152 
GLU CD  OE1  doub N N 153 
GLU CD  OE2  sing N N 154 
GLU OE2 HE2  sing N N 155 
GLU OXT HXT  sing N N 156 
GLY N   CA   sing N N 157 
GLY N   H    sing N N 158 
GLY N   H2   sing N N 159 
GLY CA  C    sing N N 160 
GLY CA  HA2  sing N N 161 
GLY CA  HA3  sing N N 162 
GLY C   O    doub N N 163 
GLY C   OXT  sing N N 164 
GLY OXT HXT  sing N N 165 
HIS N   CA   sing N N 166 
HIS N   H    sing N N 167 
HIS N   H2   sing N N 168 
HIS CA  C    sing N N 169 
HIS CA  CB   sing N N 170 
HIS CA  HA   sing N N 171 
HIS C   O    doub N N 172 
HIS C   OXT  sing N N 173 
HIS CB  CG   sing N N 174 
HIS CB  HB2  sing N N 175 
HIS CB  HB3  sing N N 176 
HIS CG  ND1  sing Y N 177 
HIS CG  CD2  doub Y N 178 
HIS ND1 CE1  doub Y N 179 
HIS ND1 HD1  sing N N 180 
HIS CD2 NE2  sing Y N 181 
HIS CD2 HD2  sing N N 182 
HIS CE1 NE2  sing Y N 183 
HIS CE1 HE1  sing N N 184 
HIS NE2 HE2  sing N N 185 
HIS OXT HXT  sing N N 186 
HOH O   H1   sing N N 187 
HOH O   H2   sing N N 188 
ILE N   CA   sing N N 189 
ILE N   H    sing N N 190 
ILE N   H2   sing N N 191 
ILE CA  C    sing N N 192 
ILE CA  CB   sing N N 193 
ILE CA  HA   sing N N 194 
ILE C   O    doub N N 195 
ILE C   OXT  sing N N 196 
ILE CB  CG1  sing N N 197 
ILE CB  CG2  sing N N 198 
ILE CB  HB   sing N N 199 
ILE CG1 CD1  sing N N 200 
ILE CG1 HG12 sing N N 201 
ILE CG1 HG13 sing N N 202 
ILE CG2 HG21 sing N N 203 
ILE CG2 HG22 sing N N 204 
ILE CG2 HG23 sing N N 205 
ILE CD1 HD11 sing N N 206 
ILE CD1 HD12 sing N N 207 
ILE CD1 HD13 sing N N 208 
ILE OXT HXT  sing N N 209 
LEU N   CA   sing N N 210 
LEU N   H    sing N N 211 
LEU N   H2   sing N N 212 
LEU CA  C    sing N N 213 
LEU CA  CB   sing N N 214 
LEU CA  HA   sing N N 215 
LEU C   O    doub N N 216 
LEU C   OXT  sing N N 217 
LEU CB  CG   sing N N 218 
LEU CB  HB2  sing N N 219 
LEU CB  HB3  sing N N 220 
LEU CG  CD1  sing N N 221 
LEU CG  CD2  sing N N 222 
LEU CG  HG   sing N N 223 
LEU CD1 HD11 sing N N 224 
LEU CD1 HD12 sing N N 225 
LEU CD1 HD13 sing N N 226 
LEU CD2 HD21 sing N N 227 
LEU CD2 HD22 sing N N 228 
LEU CD2 HD23 sing N N 229 
LEU OXT HXT  sing N N 230 
LYS N   CA   sing N N 231 
LYS N   H    sing N N 232 
LYS N   H2   sing N N 233 
LYS CA  C    sing N N 234 
LYS CA  CB   sing N N 235 
LYS CA  HA   sing N N 236 
LYS C   O    doub N N 237 
LYS C   OXT  sing N N 238 
LYS CB  CG   sing N N 239 
LYS CB  HB2  sing N N 240 
LYS CB  HB3  sing N N 241 
LYS CG  CD   sing N N 242 
LYS CG  HG2  sing N N 243 
LYS CG  HG3  sing N N 244 
LYS CD  CE   sing N N 245 
LYS CD  HD2  sing N N 246 
LYS CD  HD3  sing N N 247 
LYS CE  NZ   sing N N 248 
LYS CE  HE2  sing N N 249 
LYS CE  HE3  sing N N 250 
LYS NZ  HZ1  sing N N 251 
LYS NZ  HZ2  sing N N 252 
LYS NZ  HZ3  sing N N 253 
LYS OXT HXT  sing N N 254 
MET N   CA   sing N N 255 
MET N   H    sing N N 256 
MET N   H2   sing N N 257 
MET CA  C    sing N N 258 
MET CA  CB   sing N N 259 
MET CA  HA   sing N N 260 
MET C   O    doub N N 261 
MET C   OXT  sing N N 262 
MET CB  CG   sing N N 263 
MET CB  HB2  sing N N 264 
MET CB  HB3  sing N N 265 
MET CG  SD   sing N N 266 
MET CG  HG2  sing N N 267 
MET CG  HG3  sing N N 268 
MET SD  CE   sing N N 269 
MET CE  HE1  sing N N 270 
MET CE  HE2  sing N N 271 
MET CE  HE3  sing N N 272 
MET OXT HXT  sing N N 273 
PHE N   CA   sing N N 274 
PHE N   H    sing N N 275 
PHE N   H2   sing N N 276 
PHE CA  C    sing N N 277 
PHE CA  CB   sing N N 278 
PHE CA  HA   sing N N 279 
PHE C   O    doub N N 280 
PHE C   OXT  sing N N 281 
PHE CB  CG   sing N N 282 
PHE CB  HB2  sing N N 283 
PHE CB  HB3  sing N N 284 
PHE CG  CD1  doub Y N 285 
PHE CG  CD2  sing Y N 286 
PHE CD1 CE1  sing Y N 287 
PHE CD1 HD1  sing N N 288 
PHE CD2 CE2  doub Y N 289 
PHE CD2 HD2  sing N N 290 
PHE CE1 CZ   doub Y N 291 
PHE CE1 HE1  sing N N 292 
PHE CE2 CZ   sing Y N 293 
PHE CE2 HE2  sing N N 294 
PHE CZ  HZ   sing N N 295 
PHE OXT HXT  sing N N 296 
PRO N   CA   sing N N 297 
PRO N   CD   sing N N 298 
PRO N   H    sing N N 299 
PRO CA  C    sing N N 300 
PRO CA  CB   sing N N 301 
PRO CA  HA   sing N N 302 
PRO C   O    doub N N 303 
PRO C   OXT  sing N N 304 
PRO CB  CG   sing N N 305 
PRO CB  HB2  sing N N 306 
PRO CB  HB3  sing N N 307 
PRO CG  CD   sing N N 308 
PRO CG  HG2  sing N N 309 
PRO CG  HG3  sing N N 310 
PRO CD  HD2  sing N N 311 
PRO CD  HD3  sing N N 312 
PRO OXT HXT  sing N N 313 
SER N   CA   sing N N 314 
SER N   H    sing N N 315 
SER N   H2   sing N N 316 
SER CA  C    sing N N 317 
SER CA  CB   sing N N 318 
SER CA  HA   sing N N 319 
SER C   O    doub N N 320 
SER C   OXT  sing N N 321 
SER CB  OG   sing N N 322 
SER CB  HB2  sing N N 323 
SER CB  HB3  sing N N 324 
SER OG  HG   sing N N 325 
SER OXT HXT  sing N N 326 
THR N   CA   sing N N 327 
THR N   H    sing N N 328 
THR N   H2   sing N N 329 
THR CA  C    sing N N 330 
THR CA  CB   sing N N 331 
THR CA  HA   sing N N 332 
THR C   O    doub N N 333 
THR C   OXT  sing N N 334 
THR CB  OG1  sing N N 335 
THR CB  CG2  sing N N 336 
THR CB  HB   sing N N 337 
THR OG1 HG1  sing N N 338 
THR CG2 HG21 sing N N 339 
THR CG2 HG22 sing N N 340 
THR CG2 HG23 sing N N 341 
THR OXT HXT  sing N N 342 
TRP N   CA   sing N N 343 
TRP N   H    sing N N 344 
TRP N   H2   sing N N 345 
TRP CA  C    sing N N 346 
TRP CA  CB   sing N N 347 
TRP CA  HA   sing N N 348 
TRP C   O    doub N N 349 
TRP C   OXT  sing N N 350 
TRP CB  CG   sing N N 351 
TRP CB  HB2  sing N N 352 
TRP CB  HB3  sing N N 353 
TRP CG  CD1  doub Y N 354 
TRP CG  CD2  sing Y N 355 
TRP CD1 NE1  sing Y N 356 
TRP CD1 HD1  sing N N 357 
TRP CD2 CE2  doub Y N 358 
TRP CD2 CE3  sing Y N 359 
TRP NE1 CE2  sing Y N 360 
TRP NE1 HE1  sing N N 361 
TRP CE2 CZ2  sing Y N 362 
TRP CE3 CZ3  doub Y N 363 
TRP CE3 HE3  sing N N 364 
TRP CZ2 CH2  doub Y N 365 
TRP CZ2 HZ2  sing N N 366 
TRP CZ3 CH2  sing Y N 367 
TRP CZ3 HZ3  sing N N 368 
TRP CH2 HH2  sing N N 369 
TRP OXT HXT  sing N N 370 
TYR N   CA   sing N N 371 
TYR N   H    sing N N 372 
TYR N   H2   sing N N 373 
TYR CA  C    sing N N 374 
TYR CA  CB   sing N N 375 
TYR CA  HA   sing N N 376 
TYR C   O    doub N N 377 
TYR C   OXT  sing N N 378 
TYR CB  CG   sing N N 379 
TYR CB  HB2  sing N N 380 
TYR CB  HB3  sing N N 381 
TYR CG  CD1  doub Y N 382 
TYR CG  CD2  sing Y N 383 
TYR CD1 CE1  sing Y N 384 
TYR CD1 HD1  sing N N 385 
TYR CD2 CE2  doub Y N 386 
TYR CD2 HD2  sing N N 387 
TYR CE1 CZ   doub Y N 388 
TYR CE1 HE1  sing N N 389 
TYR CE2 CZ   sing Y N 390 
TYR CE2 HE2  sing N N 391 
TYR CZ  OH   sing N N 392 
TYR OH  HH   sing N N 393 
TYR OXT HXT  sing N N 394 
VAL N   CA   sing N N 395 
VAL N   H    sing N N 396 
VAL N   H2   sing N N 397 
VAL CA  C    sing N N 398 
VAL CA  CB   sing N N 399 
VAL CA  HA   sing N N 400 
VAL C   O    doub N N 401 
VAL C   OXT  sing N N 402 
VAL CB  CG1  sing N N 403 
VAL CB  CG2  sing N N 404 
VAL CB  HB   sing N N 405 
VAL CG1 HG11 sing N N 406 
VAL CG1 HG12 sing N N 407 
VAL CG1 HG13 sing N N 408 
VAL CG2 HG21 sing N N 409 
VAL CG2 HG22 sing N N 410 
VAL CG2 HG23 sing N N 411 
VAL OXT HXT  sing N N 412 
# 
loop_
_pdbx_entity_nonpoly.entity_id 
_pdbx_entity_nonpoly.name 
_pdbx_entity_nonpoly.comp_id 
2 '(1~{S})-2-(1,3-benzothiazol-2-ylamino)-2-oxidanylidene-1-phenyl-ethanesulfonic acid' 6VX 
3 water                                                                                 HOH 
# 
_pdbx_initial_refinement_model.id               1 
_pdbx_initial_refinement_model.entity_id_list   ? 
_pdbx_initial_refinement_model.type             'experimental model' 
_pdbx_initial_refinement_model.source_name      PDB 
_pdbx_initial_refinement_model.accession_code   5PNT 
_pdbx_initial_refinement_model.details          ? 
# 
